data_4UML
# 
_entry.id   4UML 
# 
_audit_conform.dict_name       mmcif_pdbx.dic 
_audit_conform.dict_version    5.383 
_audit_conform.dict_location   http://mmcif.pdb.org/dictionaries/ascii/mmcif_pdbx.dic 
# 
loop_
_database_2.database_id 
_database_2.database_code 
_database_2.pdbx_database_accession 
_database_2.pdbx_DOI 
PDB   4UML         pdb_00004uml 10.2210/pdb4uml/pdb 
PDBE  EBI-60684    ?            ?                   
WWPDB D_1290060684 ?            ?                   
# 
loop_
_pdbx_audit_revision_history.ordinal 
_pdbx_audit_revision_history.data_content_type 
_pdbx_audit_revision_history.major_revision 
_pdbx_audit_revision_history.minor_revision 
_pdbx_audit_revision_history.revision_date 
1 'Structure model' 1 0 2014-05-28 
2 'Structure model' 1 1 2024-01-10 
# 
_pdbx_audit_revision_details.ordinal             1 
_pdbx_audit_revision_details.revision_ordinal    1 
_pdbx_audit_revision_details.data_content_type   'Structure model' 
_pdbx_audit_revision_details.provider            repository 
_pdbx_audit_revision_details.type                'Initial release' 
_pdbx_audit_revision_details.description         ? 
_pdbx_audit_revision_details.details             ? 
# 
loop_
_pdbx_audit_revision_group.ordinal 
_pdbx_audit_revision_group.revision_ordinal 
_pdbx_audit_revision_group.data_content_type 
_pdbx_audit_revision_group.group 
1 2 'Structure model' 'Data collection'        
2 2 'Structure model' 'Database references'    
3 2 'Structure model' Other                    
4 2 'Structure model' 'Refinement description' 
# 
loop_
_pdbx_audit_revision_category.ordinal 
_pdbx_audit_revision_category.revision_ordinal 
_pdbx_audit_revision_category.data_content_type 
_pdbx_audit_revision_category.category 
1 2 'Structure model' chem_comp_atom                
2 2 'Structure model' chem_comp_bond                
3 2 'Structure model' database_2                    
4 2 'Structure model' pdbx_database_status          
5 2 'Structure model' pdbx_initial_refinement_model 
# 
loop_
_pdbx_audit_revision_item.ordinal 
_pdbx_audit_revision_item.revision_ordinal 
_pdbx_audit_revision_item.data_content_type 
_pdbx_audit_revision_item.item 
1 2 'Structure model' '_database_2.pdbx_DOI'                 
2 2 'Structure model' '_database_2.pdbx_database_accession'  
3 2 'Structure model' '_pdbx_database_status.status_code_sf' 
# 
_pdbx_database_status.status_code                     REL 
_pdbx_database_status.entry_id                        4UML 
_pdbx_database_status.deposit_site                    PDBE 
_pdbx_database_status.process_site                    PDBE 
_pdbx_database_status.SG_entry                        . 
_pdbx_database_status.recvd_initial_deposition_date   2014-05-19 
_pdbx_database_status.pdb_format_compatible           Y 
_pdbx_database_status.status_code_sf                  REL 
_pdbx_database_status.status_code_mr                  ? 
_pdbx_database_status.status_code_cs                  ? 
_pdbx_database_status.methods_development_category    ? 
_pdbx_database_status.status_code_nmr_data            ? 
# 
loop_
_audit_author.name 
_audit_author.pdbx_ordinal 
'Elkins, J.M.'        1  
'Wang, J.'            2  
'Kopec, J.'           3  
'Wang, D.'            4  
'Strain-Damerell, C.' 5  
'Shrestha, L.'        6  
'Sieg, C.'            7  
'Tallant, C.'         8  
'Newman, J.A.'        9  
'von Delft, F.'       10 
'Bountra, C.'         11 
'Edwards, A.'         12 
'Knapp, S.'           13 
# 
_citation.id                        primary 
_citation.title                     'Structure of Gdap2' 
_citation.journal_abbrev            'To be Published' 
_citation.journal_volume            ? 
_citation.page_first                ? 
_citation.page_last                 ? 
_citation.year                      ? 
_citation.journal_id_ASTM           ? 
_citation.country                   ? 
_citation.journal_id_ISSN           ? 
_citation.journal_id_CSD            0353 
_citation.book_publisher            ? 
_citation.pdbx_database_id_PubMed   ? 
_citation.pdbx_database_id_DOI      ? 
# 
loop_
_citation_author.citation_id 
_citation_author.name 
_citation_author.ordinal 
_citation_author.identifier_ORCID 
primary 'Elkins, J.M.' 1 ? 
primary 'Wang, J.'     2 ? 
primary 'Knapp, S.'    3 ? 
# 
loop_
_entity.id 
_entity.type 
_entity.src_method 
_entity.pdbx_description 
_entity.formula_weight 
_entity.pdbx_number_of_molecules 
_entity.pdbx_ec 
_entity.pdbx_mutation 
_entity.pdbx_fragment 
_entity.details 
1 polymer man 'GANGLIOSIDE-INDUCED DIFFERENTIATION-ASSOCIATED PROTEIN 2' 25529.986 1   ? ? 'MACRO DOMAIN, RESIDUES 1-228' ? 
2 water   nat water                                                      18.015    114 ? ? ?                              ? 
# 
_entity_name_com.entity_id   1 
_entity_name_com.name        GDAP2 
# 
_entity_poly.entity_id                      1 
_entity_poly.type                           'polypeptide(L)' 
_entity_poly.nstd_linkage                   no 
_entity_poly.nstd_monomer                   no 
_entity_poly.pdbx_seq_one_letter_code       
;SMDPLGAPSQFVDVDTLPSWGDSCQDELNSSDTTAEIFQEDTVRSPFLYNKDVNGKVVLWKGDVALLNCTAIVNTSNESL
TDKNPVSESIFMLAGPDLKEDLQKLKGCRTGEAKLTKGFNLAARFIIHTVGPKYKSRYRTAAESSLYSCYRNVLQLAKEQ
SMSSVGFCVINSAKRGYPLEDATHIALRTVRRFLEIHGETIEKVVFAVSDLEEGTYQKLLPLYFPRSLK
;
_entity_poly.pdbx_seq_one_letter_code_can   
;SMDPLGAPSQFVDVDTLPSWGDSCQDELNSSDTTAEIFQEDTVRSPFLYNKDVNGKVVLWKGDVALLNCTAIVNTSNESL
TDKNPVSESIFMLAGPDLKEDLQKLKGCRTGEAKLTKGFNLAARFIIHTVGPKYKSRYRTAAESSLYSCYRNVLQLAKEQ
SMSSVGFCVINSAKRGYPLEDATHIALRTVRRFLEIHGETIEKVVFAVSDLEEGTYQKLLPLYFPRSLK
;
_entity_poly.pdbx_strand_id                 A 
_entity_poly.pdbx_target_identifier         ? 
# 
_pdbx_entity_nonpoly.entity_id   2 
_pdbx_entity_nonpoly.name        water 
_pdbx_entity_nonpoly.comp_id     HOH 
# 
loop_
_entity_poly_seq.entity_id 
_entity_poly_seq.num 
_entity_poly_seq.mon_id 
_entity_poly_seq.hetero 
1 1   SER n 
1 2   MET n 
1 3   ASP n 
1 4   PRO n 
1 5   LEU n 
1 6   GLY n 
1 7   ALA n 
1 8   PRO n 
1 9   SER n 
1 10  GLN n 
1 11  PHE n 
1 12  VAL n 
1 13  ASP n 
1 14  VAL n 
1 15  ASP n 
1 16  THR n 
1 17  LEU n 
1 18  PRO n 
1 19  SER n 
1 20  TRP n 
1 21  GLY n 
1 22  ASP n 
1 23  SER n 
1 24  CYS n 
1 25  GLN n 
1 26  ASP n 
1 27  GLU n 
1 28  LEU n 
1 29  ASN n 
1 30  SER n 
1 31  SER n 
1 32  ASP n 
1 33  THR n 
1 34  THR n 
1 35  ALA n 
1 36  GLU n 
1 37  ILE n 
1 38  PHE n 
1 39  GLN n 
1 40  GLU n 
1 41  ASP n 
1 42  THR n 
1 43  VAL n 
1 44  ARG n 
1 45  SER n 
1 46  PRO n 
1 47  PHE n 
1 48  LEU n 
1 49  TYR n 
1 50  ASN n 
1 51  LYS n 
1 52  ASP n 
1 53  VAL n 
1 54  ASN n 
1 55  GLY n 
1 56  LYS n 
1 57  VAL n 
1 58  VAL n 
1 59  LEU n 
1 60  TRP n 
1 61  LYS n 
1 62  GLY n 
1 63  ASP n 
1 64  VAL n 
1 65  ALA n 
1 66  LEU n 
1 67  LEU n 
1 68  ASN n 
1 69  CYS n 
1 70  THR n 
1 71  ALA n 
1 72  ILE n 
1 73  VAL n 
1 74  ASN n 
1 75  THR n 
1 76  SER n 
1 77  ASN n 
1 78  GLU n 
1 79  SER n 
1 80  LEU n 
1 81  THR n 
1 82  ASP n 
1 83  LYS n 
1 84  ASN n 
1 85  PRO n 
1 86  VAL n 
1 87  SER n 
1 88  GLU n 
1 89  SER n 
1 90  ILE n 
1 91  PHE n 
1 92  MET n 
1 93  LEU n 
1 94  ALA n 
1 95  GLY n 
1 96  PRO n 
1 97  ASP n 
1 98  LEU n 
1 99  LYS n 
1 100 GLU n 
1 101 ASP n 
1 102 LEU n 
1 103 GLN n 
1 104 LYS n 
1 105 LEU n 
1 106 LYS n 
1 107 GLY n 
1 108 CYS n 
1 109 ARG n 
1 110 THR n 
1 111 GLY n 
1 112 GLU n 
1 113 ALA n 
1 114 LYS n 
1 115 LEU n 
1 116 THR n 
1 117 LYS n 
1 118 GLY n 
1 119 PHE n 
1 120 ASN n 
1 121 LEU n 
1 122 ALA n 
1 123 ALA n 
1 124 ARG n 
1 125 PHE n 
1 126 ILE n 
1 127 ILE n 
1 128 HIS n 
1 129 THR n 
1 130 VAL n 
1 131 GLY n 
1 132 PRO n 
1 133 LYS n 
1 134 TYR n 
1 135 LYS n 
1 136 SER n 
1 137 ARG n 
1 138 TYR n 
1 139 ARG n 
1 140 THR n 
1 141 ALA n 
1 142 ALA n 
1 143 GLU n 
1 144 SER n 
1 145 SER n 
1 146 LEU n 
1 147 TYR n 
1 148 SER n 
1 149 CYS n 
1 150 TYR n 
1 151 ARG n 
1 152 ASN n 
1 153 VAL n 
1 154 LEU n 
1 155 GLN n 
1 156 LEU n 
1 157 ALA n 
1 158 LYS n 
1 159 GLU n 
1 160 GLN n 
1 161 SER n 
1 162 MET n 
1 163 SER n 
1 164 SER n 
1 165 VAL n 
1 166 GLY n 
1 167 PHE n 
1 168 CYS n 
1 169 VAL n 
1 170 ILE n 
1 171 ASN n 
1 172 SER n 
1 173 ALA n 
1 174 LYS n 
1 175 ARG n 
1 176 GLY n 
1 177 TYR n 
1 178 PRO n 
1 179 LEU n 
1 180 GLU n 
1 181 ASP n 
1 182 ALA n 
1 183 THR n 
1 184 HIS n 
1 185 ILE n 
1 186 ALA n 
1 187 LEU n 
1 188 ARG n 
1 189 THR n 
1 190 VAL n 
1 191 ARG n 
1 192 ARG n 
1 193 PHE n 
1 194 LEU n 
1 195 GLU n 
1 196 ILE n 
1 197 HIS n 
1 198 GLY n 
1 199 GLU n 
1 200 THR n 
1 201 ILE n 
1 202 GLU n 
1 203 LYS n 
1 204 VAL n 
1 205 VAL n 
1 206 PHE n 
1 207 ALA n 
1 208 VAL n 
1 209 SER n 
1 210 ASP n 
1 211 LEU n 
1 212 GLU n 
1 213 GLU n 
1 214 GLY n 
1 215 THR n 
1 216 TYR n 
1 217 GLN n 
1 218 LYS n 
1 219 LEU n 
1 220 LEU n 
1 221 PRO n 
1 222 LEU n 
1 223 TYR n 
1 224 PHE n 
1 225 PRO n 
1 226 ARG n 
1 227 SER n 
1 228 LEU n 
1 229 LYS n 
# 
_entity_src_gen.entity_id                          1 
_entity_src_gen.pdbx_src_id                        1 
_entity_src_gen.pdbx_alt_source_flag               sample 
_entity_src_gen.pdbx_seq_type                      ? 
_entity_src_gen.pdbx_beg_seq_num                   ? 
_entity_src_gen.pdbx_end_seq_num                   ? 
_entity_src_gen.gene_src_common_name               HUMAN 
_entity_src_gen.gene_src_genus                     ? 
_entity_src_gen.pdbx_gene_src_gene                 ? 
_entity_src_gen.gene_src_species                   ? 
_entity_src_gen.gene_src_strain                    ? 
_entity_src_gen.gene_src_tissue                    ? 
_entity_src_gen.gene_src_tissue_fraction           ? 
_entity_src_gen.gene_src_details                   ? 
_entity_src_gen.pdbx_gene_src_fragment             ? 
_entity_src_gen.pdbx_gene_src_scientific_name      'HOMO SAPIENS' 
_entity_src_gen.pdbx_gene_src_ncbi_taxonomy_id     9606 
_entity_src_gen.pdbx_gene_src_variant              ? 
_entity_src_gen.pdbx_gene_src_cell_line            ? 
_entity_src_gen.pdbx_gene_src_atcc                 ? 
_entity_src_gen.pdbx_gene_src_organ                ? 
_entity_src_gen.pdbx_gene_src_organelle            ? 
_entity_src_gen.pdbx_gene_src_cell                 ? 
_entity_src_gen.pdbx_gene_src_cellular_location    ? 
_entity_src_gen.host_org_common_name               'FALL ARMYWORM' 
_entity_src_gen.pdbx_host_org_scientific_name      'SPODOPTERA FRUGIPERDA' 
_entity_src_gen.pdbx_host_org_ncbi_taxonomy_id     7108 
_entity_src_gen.host_org_genus                     ? 
_entity_src_gen.pdbx_host_org_gene                 ? 
_entity_src_gen.pdbx_host_org_organ                ? 
_entity_src_gen.host_org_species                   ? 
_entity_src_gen.pdbx_host_org_tissue               ? 
_entity_src_gen.pdbx_host_org_tissue_fraction      ? 
_entity_src_gen.pdbx_host_org_strain               ? 
_entity_src_gen.pdbx_host_org_variant              ? 
_entity_src_gen.pdbx_host_org_cell_line            SF9 
_entity_src_gen.pdbx_host_org_atcc                 ? 
_entity_src_gen.pdbx_host_org_culture_collection   ? 
_entity_src_gen.pdbx_host_org_cell                 ? 
_entity_src_gen.pdbx_host_org_organelle            ? 
_entity_src_gen.pdbx_host_org_cellular_location    ? 
_entity_src_gen.pdbx_host_org_vector_type          BACULOVIRUS 
_entity_src_gen.pdbx_host_org_vector               ? 
_entity_src_gen.host_org_details                   ? 
_entity_src_gen.expression_system_id               ? 
_entity_src_gen.plasmid_name                       PFB-LIC-BSE 
_entity_src_gen.plasmid_details                    ? 
_entity_src_gen.pdbx_description                   ? 
# 
loop_
_chem_comp.id 
_chem_comp.type 
_chem_comp.mon_nstd_flag 
_chem_comp.name 
_chem_comp.pdbx_synonyms 
_chem_comp.formula 
_chem_comp.formula_weight 
ALA 'L-peptide linking' y ALANINE         ? 'C3 H7 N O2'     89.093  
ARG 'L-peptide linking' y ARGININE        ? 'C6 H15 N4 O2 1' 175.209 
ASN 'L-peptide linking' y ASPARAGINE      ? 'C4 H8 N2 O3'    132.118 
ASP 'L-peptide linking' y 'ASPARTIC ACID' ? 'C4 H7 N O4'     133.103 
CYS 'L-peptide linking' y CYSTEINE        ? 'C3 H7 N O2 S'   121.158 
GLN 'L-peptide linking' y GLUTAMINE       ? 'C5 H10 N2 O3'   146.144 
GLU 'L-peptide linking' y 'GLUTAMIC ACID' ? 'C5 H9 N O4'     147.129 
GLY 'peptide linking'   y GLYCINE         ? 'C2 H5 N O2'     75.067  
HIS 'L-peptide linking' y HISTIDINE       ? 'C6 H10 N3 O2 1' 156.162 
HOH non-polymer         . WATER           ? 'H2 O'           18.015  
ILE 'L-peptide linking' y ISOLEUCINE      ? 'C6 H13 N O2'    131.173 
LEU 'L-peptide linking' y LEUCINE         ? 'C6 H13 N O2'    131.173 
LYS 'L-peptide linking' y LYSINE          ? 'C6 H15 N2 O2 1' 147.195 
MET 'L-peptide linking' y METHIONINE      ? 'C5 H11 N O2 S'  149.211 
PHE 'L-peptide linking' y PHENYLALANINE   ? 'C9 H11 N O2'    165.189 
PRO 'L-peptide linking' y PROLINE         ? 'C5 H9 N O2'     115.130 
SER 'L-peptide linking' y SERINE          ? 'C3 H7 N O3'     105.093 
THR 'L-peptide linking' y THREONINE       ? 'C4 H9 N O3'     119.119 
TRP 'L-peptide linking' y TRYPTOPHAN      ? 'C11 H12 N2 O2'  204.225 
TYR 'L-peptide linking' y TYROSINE        ? 'C9 H11 N O3'    181.189 
VAL 'L-peptide linking' y VALINE          ? 'C5 H11 N O2'    117.146 
# 
loop_
_pdbx_poly_seq_scheme.asym_id 
_pdbx_poly_seq_scheme.entity_id 
_pdbx_poly_seq_scheme.seq_id 
_pdbx_poly_seq_scheme.mon_id 
_pdbx_poly_seq_scheme.ndb_seq_num 
_pdbx_poly_seq_scheme.pdb_seq_num 
_pdbx_poly_seq_scheme.auth_seq_num 
_pdbx_poly_seq_scheme.pdb_mon_id 
_pdbx_poly_seq_scheme.auth_mon_id 
_pdbx_poly_seq_scheme.pdb_strand_id 
_pdbx_poly_seq_scheme.pdb_ins_code 
_pdbx_poly_seq_scheme.hetero 
A 1 1   SER 1   0   ?   ?   ?   A . n 
A 1 2   MET 2   1   ?   ?   ?   A . n 
A 1 3   ASP 3   2   ?   ?   ?   A . n 
A 1 4   PRO 4   3   ?   ?   ?   A . n 
A 1 5   LEU 5   4   ?   ?   ?   A . n 
A 1 6   GLY 6   5   ?   ?   ?   A . n 
A 1 7   ALA 7   6   ?   ?   ?   A . n 
A 1 8   PRO 8   7   7   PRO PRO A . n 
A 1 9   SER 9   8   8   SER SER A . n 
A 1 10  GLN 10  9   9   GLN GLN A . n 
A 1 11  PHE 11  10  10  PHE PHE A . n 
A 1 12  VAL 12  11  11  VAL VAL A . n 
A 1 13  ASP 13  12  12  ASP ASP A . n 
A 1 14  VAL 14  13  13  VAL VAL A . n 
A 1 15  ASP 15  14  14  ASP ASP A . n 
A 1 16  THR 16  15  15  THR THR A . n 
A 1 17  LEU 17  16  16  LEU LEU A . n 
A 1 18  PRO 18  17  17  PRO PRO A . n 
A 1 19  SER 19  18  18  SER SER A . n 
A 1 20  TRP 20  19  19  TRP TRP A . n 
A 1 21  GLY 21  20  20  GLY GLY A . n 
A 1 22  ASP 22  21  21  ASP ASP A . n 
A 1 23  SER 23  22  22  SER SER A . n 
A 1 24  CYS 24  23  ?   ?   ?   A . n 
A 1 25  GLN 25  24  ?   ?   ?   A . n 
A 1 26  ASP 26  25  ?   ?   ?   A . n 
A 1 27  GLU 27  26  ?   ?   ?   A . n 
A 1 28  LEU 28  27  ?   ?   ?   A . n 
A 1 29  ASN 29  28  ?   ?   ?   A . n 
A 1 30  SER 30  29  ?   ?   ?   A . n 
A 1 31  SER 31  30  ?   ?   ?   A . n 
A 1 32  ASP 32  31  ?   ?   ?   A . n 
A 1 33  THR 33  32  ?   ?   ?   A . n 
A 1 34  THR 34  33  ?   ?   ?   A . n 
A 1 35  ALA 35  34  ?   ?   ?   A . n 
A 1 36  GLU 36  35  ?   ?   ?   A . n 
A 1 37  ILE 37  36  ?   ?   ?   A . n 
A 1 38  PHE 38  37  ?   ?   ?   A . n 
A 1 39  GLN 39  38  ?   ?   ?   A . n 
A 1 40  GLU 40  39  ?   ?   ?   A . n 
A 1 41  ASP 41  40  ?   ?   ?   A . n 
A 1 42  THR 42  41  ?   ?   ?   A . n 
A 1 43  VAL 43  42  ?   ?   ?   A . n 
A 1 44  ARG 44  43  43  ARG ARG A . n 
A 1 45  SER 45  44  44  SER SER A . n 
A 1 46  PRO 46  45  45  PRO PRO A . n 
A 1 47  PHE 47  46  46  PHE PHE A . n 
A 1 48  LEU 48  47  47  LEU LEU A . n 
A 1 49  TYR 49  48  48  TYR TYR A . n 
A 1 50  ASN 50  49  49  ASN ASN A . n 
A 1 51  LYS 51  50  50  LYS LYS A . n 
A 1 52  ASP 52  51  51  ASP ASP A . n 
A 1 53  VAL 53  52  52  VAL VAL A . n 
A 1 54  ASN 54  53  53  ASN ASN A . n 
A 1 55  GLY 55  54  54  GLY GLY A . n 
A 1 56  LYS 56  55  55  LYS LYS A . n 
A 1 57  VAL 57  56  56  VAL VAL A . n 
A 1 58  VAL 58  57  57  VAL VAL A . n 
A 1 59  LEU 59  58  58  LEU LEU A . n 
A 1 60  TRP 60  59  59  TRP TRP A . n 
A 1 61  LYS 61  60  60  LYS LYS A . n 
A 1 62  GLY 62  61  61  GLY GLY A . n 
A 1 63  ASP 63  62  62  ASP ASP A . n 
A 1 64  VAL 64  63  63  VAL VAL A . n 
A 1 65  ALA 65  64  64  ALA ALA A . n 
A 1 66  LEU 66  65  65  LEU LEU A . n 
A 1 67  LEU 67  66  66  LEU LEU A . n 
A 1 68  ASN 68  67  67  ASN ASN A . n 
A 1 69  CYS 69  68  68  CYS CYS A . n 
A 1 70  THR 70  69  69  THR THR A . n 
A 1 71  ALA 71  70  70  ALA ALA A . n 
A 1 72  ILE 72  71  71  ILE ILE A . n 
A 1 73  VAL 73  72  72  VAL VAL A . n 
A 1 74  ASN 74  73  73  ASN ASN A . n 
A 1 75  THR 75  74  74  THR THR A . n 
A 1 76  SER 76  75  75  SER SER A . n 
A 1 77  ASN 77  76  76  ASN ASN A . n 
A 1 78  GLU 78  77  77  GLU GLU A . n 
A 1 79  SER 79  78  78  SER SER A . n 
A 1 80  LEU 80  79  79  LEU LEU A . n 
A 1 81  THR 81  80  80  THR THR A . n 
A 1 82  ASP 82  81  81  ASP ASP A . n 
A 1 83  LYS 83  82  82  LYS LYS A . n 
A 1 84  ASN 84  83  83  ASN ASN A . n 
A 1 85  PRO 85  84  84  PRO PRO A . n 
A 1 86  VAL 86  85  85  VAL VAL A . n 
A 1 87  SER 87  86  86  SER SER A . n 
A 1 88  GLU 88  87  87  GLU GLU A . n 
A 1 89  SER 89  88  88  SER SER A . n 
A 1 90  ILE 90  89  89  ILE ILE A . n 
A 1 91  PHE 91  90  90  PHE PHE A . n 
A 1 92  MET 92  91  91  MET MET A . n 
A 1 93  LEU 93  92  92  LEU LEU A . n 
A 1 94  ALA 94  93  93  ALA ALA A . n 
A 1 95  GLY 95  94  94  GLY GLY A . n 
A 1 96  PRO 96  95  95  PRO PRO A . n 
A 1 97  ASP 97  96  96  ASP ASP A . n 
A 1 98  LEU 98  97  97  LEU LEU A . n 
A 1 99  LYS 99  98  98  LYS LYS A . n 
A 1 100 GLU 100 99  99  GLU GLU A . n 
A 1 101 ASP 101 100 100 ASP ASP A . n 
A 1 102 LEU 102 101 101 LEU LEU A . n 
A 1 103 GLN 103 102 102 GLN GLN A . n 
A 1 104 LYS 104 103 103 LYS LYS A . n 
A 1 105 LEU 105 104 104 LEU LEU A . n 
A 1 106 LYS 106 105 105 LYS LYS A . n 
A 1 107 GLY 107 106 106 GLY GLY A . n 
A 1 108 CYS 108 107 107 CYS CYS A . n 
A 1 109 ARG 109 108 108 ARG ARG A . n 
A 1 110 THR 110 109 109 THR THR A . n 
A 1 111 GLY 111 110 110 GLY GLY A . n 
A 1 112 GLU 112 111 111 GLU GLU A . n 
A 1 113 ALA 113 112 112 ALA ALA A . n 
A 1 114 LYS 114 113 113 LYS LYS A . n 
A 1 115 LEU 115 114 114 LEU LEU A . n 
A 1 116 THR 116 115 115 THR THR A . n 
A 1 117 LYS 117 116 116 LYS LYS A . n 
A 1 118 GLY 118 117 117 GLY GLY A . n 
A 1 119 PHE 119 118 118 PHE PHE A . n 
A 1 120 ASN 120 119 119 ASN ASN A . n 
A 1 121 LEU 121 120 120 LEU LEU A . n 
A 1 122 ALA 122 121 121 ALA ALA A . n 
A 1 123 ALA 123 122 122 ALA ALA A . n 
A 1 124 ARG 124 123 123 ARG ARG A . n 
A 1 125 PHE 125 124 124 PHE PHE A . n 
A 1 126 ILE 126 125 125 ILE ILE A . n 
A 1 127 ILE 127 126 126 ILE ILE A . n 
A 1 128 HIS 128 127 127 HIS HIS A . n 
A 1 129 THR 129 128 128 THR THR A . n 
A 1 130 VAL 130 129 129 VAL VAL A . n 
A 1 131 GLY 131 130 130 GLY GLY A . n 
A 1 132 PRO 132 131 131 PRO PRO A . n 
A 1 133 LYS 133 132 132 LYS LYS A . n 
A 1 134 TYR 134 133 133 TYR TYR A . n 
A 1 135 LYS 135 134 134 LYS LYS A . n 
A 1 136 SER 136 135 135 SER SER A . n 
A 1 137 ARG 137 136 136 ARG ARG A . n 
A 1 138 TYR 138 137 137 TYR TYR A . n 
A 1 139 ARG 139 138 138 ARG ARG A . n 
A 1 140 THR 140 139 139 THR THR A . n 
A 1 141 ALA 141 140 140 ALA ALA A . n 
A 1 142 ALA 142 141 141 ALA ALA A . n 
A 1 143 GLU 143 142 142 GLU GLU A . n 
A 1 144 SER 144 143 143 SER SER A . n 
A 1 145 SER 145 144 144 SER SER A . n 
A 1 146 LEU 146 145 145 LEU LEU A . n 
A 1 147 TYR 147 146 146 TYR TYR A . n 
A 1 148 SER 148 147 147 SER SER A . n 
A 1 149 CYS 149 148 148 CYS CYS A . n 
A 1 150 TYR 150 149 149 TYR TYR A . n 
A 1 151 ARG 151 150 150 ARG ARG A . n 
A 1 152 ASN 152 151 151 ASN ASN A . n 
A 1 153 VAL 153 152 152 VAL VAL A . n 
A 1 154 LEU 154 153 153 LEU LEU A . n 
A 1 155 GLN 155 154 154 GLN GLN A . n 
A 1 156 LEU 156 155 155 LEU LEU A . n 
A 1 157 ALA 157 156 156 ALA ALA A . n 
A 1 158 LYS 158 157 157 LYS LYS A . n 
A 1 159 GLU 159 158 158 GLU GLU A . n 
A 1 160 GLN 160 159 159 GLN GLN A . n 
A 1 161 SER 161 160 160 SER SER A . n 
A 1 162 MET 162 161 161 MET MET A . n 
A 1 163 SER 163 162 162 SER SER A . n 
A 1 164 SER 164 163 163 SER SER A . n 
A 1 165 VAL 165 164 164 VAL VAL A . n 
A 1 166 GLY 166 165 165 GLY GLY A . n 
A 1 167 PHE 167 166 166 PHE PHE A . n 
A 1 168 CYS 168 167 167 CYS CYS A . n 
A 1 169 VAL 169 168 168 VAL VAL A . n 
A 1 170 ILE 170 169 169 ILE ILE A . n 
A 1 171 ASN 171 170 170 ASN ASN A . n 
A 1 172 SER 172 171 171 SER SER A . n 
A 1 173 ALA 173 172 172 ALA ALA A . n 
A 1 174 LYS 174 173 173 LYS LYS A . n 
A 1 175 ARG 175 174 174 ARG ARG A . n 
A 1 176 GLY 176 175 175 GLY GLY A . n 
A 1 177 TYR 177 176 176 TYR TYR A . n 
A 1 178 PRO 178 177 177 PRO PRO A . n 
A 1 179 LEU 179 178 178 LEU LEU A . n 
A 1 180 GLU 180 179 179 GLU GLU A . n 
A 1 181 ASP 181 180 180 ASP ASP A . n 
A 1 182 ALA 182 181 181 ALA ALA A . n 
A 1 183 THR 183 182 182 THR THR A . n 
A 1 184 HIS 184 183 183 HIS HIS A . n 
A 1 185 ILE 185 184 184 ILE ILE A . n 
A 1 186 ALA 186 185 185 ALA ALA A . n 
A 1 187 LEU 187 186 186 LEU LEU A . n 
A 1 188 ARG 188 187 187 ARG ARG A . n 
A 1 189 THR 189 188 188 THR THR A . n 
A 1 190 VAL 190 189 189 VAL VAL A . n 
A 1 191 ARG 191 190 190 ARG ARG A . n 
A 1 192 ARG 192 191 191 ARG ARG A . n 
A 1 193 PHE 193 192 192 PHE PHE A . n 
A 1 194 LEU 194 193 193 LEU LEU A . n 
A 1 195 GLU 195 194 194 GLU GLU A . n 
A 1 196 ILE 196 195 195 ILE ILE A . n 
A 1 197 HIS 197 196 196 HIS HIS A . n 
A 1 198 GLY 198 197 197 GLY GLY A . n 
A 1 199 GLU 199 198 198 GLU GLU A . n 
A 1 200 THR 200 199 199 THR THR A . n 
A 1 201 ILE 201 200 200 ILE ILE A . n 
A 1 202 GLU 202 201 201 GLU GLU A . n 
A 1 203 LYS 203 202 202 LYS LYS A . n 
A 1 204 VAL 204 203 203 VAL VAL A . n 
A 1 205 VAL 205 204 204 VAL VAL A . n 
A 1 206 PHE 206 205 205 PHE PHE A . n 
A 1 207 ALA 207 206 206 ALA ALA A . n 
A 1 208 VAL 208 207 207 VAL VAL A . n 
A 1 209 SER 209 208 208 SER SER A . n 
A 1 210 ASP 210 209 209 ASP ASP A . n 
A 1 211 LEU 211 210 210 LEU LEU A . n 
A 1 212 GLU 212 211 211 GLU GLU A . n 
A 1 213 GLU 213 212 212 GLU GLU A . n 
A 1 214 GLY 214 213 213 GLY GLY A . n 
A 1 215 THR 215 214 214 THR THR A . n 
A 1 216 TYR 216 215 215 TYR TYR A . n 
A 1 217 GLN 217 216 216 GLN GLN A . n 
A 1 218 LYS 218 217 217 LYS LYS A . n 
A 1 219 LEU 219 218 218 LEU LEU A . n 
A 1 220 LEU 220 219 219 LEU LEU A . n 
A 1 221 PRO 221 220 220 PRO PRO A . n 
A 1 222 LEU 222 221 221 LEU LEU A . n 
A 1 223 TYR 223 222 222 TYR TYR A . n 
A 1 224 PHE 224 223 223 PHE PHE A . n 
A 1 225 PRO 225 224 224 PRO PRO A . n 
A 1 226 ARG 226 225 225 ARG ARG A . n 
A 1 227 SER 227 226 226 SER SER A . n 
A 1 228 LEU 228 227 227 LEU LEU A . n 
A 1 229 LYS 229 228 ?   ?   ?   A . n 
# 
loop_
_pdbx_nonpoly_scheme.asym_id 
_pdbx_nonpoly_scheme.entity_id 
_pdbx_nonpoly_scheme.mon_id 
_pdbx_nonpoly_scheme.ndb_seq_num 
_pdbx_nonpoly_scheme.pdb_seq_num 
_pdbx_nonpoly_scheme.auth_seq_num 
_pdbx_nonpoly_scheme.pdb_mon_id 
_pdbx_nonpoly_scheme.auth_mon_id 
_pdbx_nonpoly_scheme.pdb_strand_id 
_pdbx_nonpoly_scheme.pdb_ins_code 
B 2 HOH 1   2001 2001 HOH HOH A . 
B 2 HOH 2   2002 2002 HOH HOH A . 
B 2 HOH 3   2003 2003 HOH HOH A . 
B 2 HOH 4   2004 2004 HOH HOH A . 
B 2 HOH 5   2005 2005 HOH HOH A . 
B 2 HOH 6   2006 2006 HOH HOH A . 
B 2 HOH 7   2007 2007 HOH HOH A . 
B 2 HOH 8   2008 2008 HOH HOH A . 
B 2 HOH 9   2009 2009 HOH HOH A . 
B 2 HOH 10  2010 2010 HOH HOH A . 
B 2 HOH 11  2011 2011 HOH HOH A . 
B 2 HOH 12  2012 2012 HOH HOH A . 
B 2 HOH 13  2013 2013 HOH HOH A . 
B 2 HOH 14  2014 2014 HOH HOH A . 
B 2 HOH 15  2015 2015 HOH HOH A . 
B 2 HOH 16  2016 2016 HOH HOH A . 
B 2 HOH 17  2017 2017 HOH HOH A . 
B 2 HOH 18  2018 2018 HOH HOH A . 
B 2 HOH 19  2019 2019 HOH HOH A . 
B 2 HOH 20  2020 2020 HOH HOH A . 
B 2 HOH 21  2021 2021 HOH HOH A . 
B 2 HOH 22  2022 2022 HOH HOH A . 
B 2 HOH 23  2023 2023 HOH HOH A . 
B 2 HOH 24  2024 2024 HOH HOH A . 
B 2 HOH 25  2025 2025 HOH HOH A . 
B 2 HOH 26  2026 2026 HOH HOH A . 
B 2 HOH 27  2027 2027 HOH HOH A . 
B 2 HOH 28  2028 2028 HOH HOH A . 
B 2 HOH 29  2029 2029 HOH HOH A . 
B 2 HOH 30  2030 2030 HOH HOH A . 
B 2 HOH 31  2031 2031 HOH HOH A . 
B 2 HOH 32  2032 2032 HOH HOH A . 
B 2 HOH 33  2033 2033 HOH HOH A . 
B 2 HOH 34  2034 2034 HOH HOH A . 
B 2 HOH 35  2035 2035 HOH HOH A . 
B 2 HOH 36  2036 2036 HOH HOH A . 
B 2 HOH 37  2037 2037 HOH HOH A . 
B 2 HOH 38  2038 2038 HOH HOH A . 
B 2 HOH 39  2039 2039 HOH HOH A . 
B 2 HOH 40  2040 2040 HOH HOH A . 
B 2 HOH 41  2041 2041 HOH HOH A . 
B 2 HOH 42  2042 2042 HOH HOH A . 
B 2 HOH 43  2043 2043 HOH HOH A . 
B 2 HOH 44  2044 2044 HOH HOH A . 
B 2 HOH 45  2045 2045 HOH HOH A . 
B 2 HOH 46  2046 2046 HOH HOH A . 
B 2 HOH 47  2047 2047 HOH HOH A . 
B 2 HOH 48  2048 2048 HOH HOH A . 
B 2 HOH 49  2049 2049 HOH HOH A . 
B 2 HOH 50  2050 2050 HOH HOH A . 
B 2 HOH 51  2051 2051 HOH HOH A . 
B 2 HOH 52  2052 2052 HOH HOH A . 
B 2 HOH 53  2053 2053 HOH HOH A . 
B 2 HOH 54  2054 2054 HOH HOH A . 
B 2 HOH 55  2055 2055 HOH HOH A . 
B 2 HOH 56  2056 2056 HOH HOH A . 
B 2 HOH 57  2057 2057 HOH HOH A . 
B 2 HOH 58  2058 2058 HOH HOH A . 
B 2 HOH 59  2059 2059 HOH HOH A . 
B 2 HOH 60  2060 2060 HOH HOH A . 
B 2 HOH 61  2061 2061 HOH HOH A . 
B 2 HOH 62  2062 2062 HOH HOH A . 
B 2 HOH 63  2063 2063 HOH HOH A . 
B 2 HOH 64  2064 2064 HOH HOH A . 
B 2 HOH 65  2065 2065 HOH HOH A . 
B 2 HOH 66  2066 2066 HOH HOH A . 
B 2 HOH 67  2067 2067 HOH HOH A . 
B 2 HOH 68  2068 2068 HOH HOH A . 
B 2 HOH 69  2069 2069 HOH HOH A . 
B 2 HOH 70  2070 2070 HOH HOH A . 
B 2 HOH 71  2071 2071 HOH HOH A . 
B 2 HOH 72  2072 2072 HOH HOH A . 
B 2 HOH 73  2073 2073 HOH HOH A . 
B 2 HOH 74  2074 2074 HOH HOH A . 
B 2 HOH 75  2075 2075 HOH HOH A . 
B 2 HOH 76  2076 2076 HOH HOH A . 
B 2 HOH 77  2077 2077 HOH HOH A . 
B 2 HOH 78  2078 2078 HOH HOH A . 
B 2 HOH 79  2079 2079 HOH HOH A . 
B 2 HOH 80  2080 2080 HOH HOH A . 
B 2 HOH 81  2081 2081 HOH HOH A . 
B 2 HOH 82  2082 2082 HOH HOH A . 
B 2 HOH 83  2083 2083 HOH HOH A . 
B 2 HOH 84  2084 2084 HOH HOH A . 
B 2 HOH 85  2085 2085 HOH HOH A . 
B 2 HOH 86  2086 2086 HOH HOH A . 
B 2 HOH 87  2087 2087 HOH HOH A . 
B 2 HOH 88  2088 2088 HOH HOH A . 
B 2 HOH 89  2089 2089 HOH HOH A . 
B 2 HOH 90  2090 2090 HOH HOH A . 
B 2 HOH 91  2091 2091 HOH HOH A . 
B 2 HOH 92  2092 2092 HOH HOH A . 
B 2 HOH 93  2093 2093 HOH HOH A . 
B 2 HOH 94  2094 2094 HOH HOH A . 
B 2 HOH 95  2095 2095 HOH HOH A . 
B 2 HOH 96  2096 2096 HOH HOH A . 
B 2 HOH 97  2097 2097 HOH HOH A . 
B 2 HOH 98  2098 2098 HOH HOH A . 
B 2 HOH 99  2099 2099 HOH HOH A . 
B 2 HOH 100 2100 2100 HOH HOH A . 
B 2 HOH 101 2101 2101 HOH HOH A . 
B 2 HOH 102 2102 2102 HOH HOH A . 
B 2 HOH 103 2103 2103 HOH HOH A . 
B 2 HOH 104 2104 2104 HOH HOH A . 
B 2 HOH 105 2105 2105 HOH HOH A . 
B 2 HOH 106 2106 2106 HOH HOH A . 
B 2 HOH 107 2107 2107 HOH HOH A . 
B 2 HOH 108 2108 2108 HOH HOH A . 
B 2 HOH 109 2109 2109 HOH HOH A . 
B 2 HOH 110 2110 2110 HOH HOH A . 
B 2 HOH 111 2111 2111 HOH HOH A . 
B 2 HOH 112 2112 2112 HOH HOH A . 
B 2 HOH 113 2113 2113 HOH HOH A . 
B 2 HOH 114 2114 2114 HOH HOH A . 
# 
loop_
_pdbx_unobs_or_zero_occ_atoms.id 
_pdbx_unobs_or_zero_occ_atoms.PDB_model_num 
_pdbx_unobs_or_zero_occ_atoms.polymer_flag 
_pdbx_unobs_or_zero_occ_atoms.occupancy_flag 
_pdbx_unobs_or_zero_occ_atoms.auth_asym_id 
_pdbx_unobs_or_zero_occ_atoms.auth_comp_id 
_pdbx_unobs_or_zero_occ_atoms.auth_seq_id 
_pdbx_unobs_or_zero_occ_atoms.PDB_ins_code 
_pdbx_unobs_or_zero_occ_atoms.auth_atom_id 
_pdbx_unobs_or_zero_occ_atoms.label_alt_id 
_pdbx_unobs_or_zero_occ_atoms.label_asym_id 
_pdbx_unobs_or_zero_occ_atoms.label_comp_id 
_pdbx_unobs_or_zero_occ_atoms.label_seq_id 
_pdbx_unobs_or_zero_occ_atoms.label_atom_id 
1  1 Y 1 A SER 22  ? OG  ? A SER 23  OG  
2  1 Y 1 A ARG 43  ? CG  ? A ARG 44  CG  
3  1 Y 1 A ARG 43  ? CD  ? A ARG 44  CD  
4  1 Y 1 A ARG 43  ? NE  ? A ARG 44  NE  
5  1 Y 1 A ARG 43  ? CZ  ? A ARG 44  CZ  
6  1 Y 1 A ARG 43  ? NH1 ? A ARG 44  NH1 
7  1 Y 1 A ARG 43  ? NH2 ? A ARG 44  NH2 
8  1 Y 1 A LYS 82  ? CD  ? A LYS 83  CD  
9  1 Y 1 A LYS 82  ? CE  ? A LYS 83  CE  
10 1 Y 1 A LYS 82  ? NZ  ? A LYS 83  NZ  
11 1 Y 1 A LYS 98  ? CD  ? A LYS 99  CD  
12 1 Y 1 A LYS 98  ? CE  ? A LYS 99  CE  
13 1 Y 1 A LYS 98  ? NZ  ? A LYS 99  NZ  
14 1 Y 1 A LYS 103 ? NZ  ? A LYS 104 NZ  
15 1 Y 1 A LYS 105 ? NZ  ? A LYS 106 NZ  
16 1 Y 1 A ARG 108 ? CZ  ? A ARG 109 CZ  
17 1 Y 1 A ARG 108 ? NH1 ? A ARG 109 NH1 
18 1 Y 1 A ARG 108 ? NH2 ? A ARG 109 NH2 
19 1 Y 1 A LYS 116 ? NZ  ? A LYS 117 NZ  
20 1 Y 1 A ARG 138 ? CZ  ? A ARG 139 CZ  
21 1 Y 1 A ARG 138 ? NH1 ? A ARG 139 NH1 
22 1 Y 1 A ARG 138 ? NH2 ? A ARG 139 NH2 
23 1 Y 1 A LYS 157 ? CE  ? A LYS 158 CE  
24 1 Y 1 A LYS 157 ? NZ  ? A LYS 158 NZ  
25 1 Y 1 A SER 226 ? OG  ? A SER 227 OG  
# 
loop_
_software.name 
_software.classification 
_software.version 
_software.citation_id 
_software.pdbx_ordinal 
REFMAC  refinement       5.8.0069 ? 1 
MOSFLM  'data reduction' .        ? 2 
Aimless 'data scaling'   .        ? 3 
PHASER  phasing          .        ? 4 
# 
_cell.entry_id           4UML 
_cell.length_a           70.840 
_cell.length_b           70.840 
_cell.length_c           97.549 
_cell.angle_alpha        90.00 
_cell.angle_beta         90.00 
_cell.angle_gamma        90.00 
_cell.Z_PDB              8 
_cell.pdbx_unique_axis   ? 
# 
_symmetry.entry_id                         4UML 
_symmetry.space_group_name_H-M             'P 43 21 2' 
_symmetry.pdbx_full_space_group_name_H-M   ? 
_symmetry.cell_setting                     ? 
_symmetry.Int_Tables_number                96 
# 
_exptl.entry_id          4UML 
_exptl.method            'X-RAY DIFFRACTION' 
_exptl.crystals_number   1 
# 
_exptl_crystal.id                    1 
_exptl_crystal.density_meas          ? 
_exptl_crystal.density_Matthews      2.4 
_exptl_crystal.density_percent_sol   48.8 
_exptl_crystal.description           NONE 
# 
_exptl_crystal_grow.crystal_id      1 
_exptl_crystal_grow.method          ? 
_exptl_crystal_grow.temp            ? 
_exptl_crystal_grow.temp_details    ? 
_exptl_crystal_grow.pH              7.5 
_exptl_crystal_grow.pdbx_pH_range   ? 
_exptl_crystal_grow.pdbx_details    '20% PEG3350, 10% ETHYLENE GLYCOL, 0.2 M SODIUM/POTASSIUM TARTRATE, pH 7.5' 
# 
_diffrn.id                     1 
_diffrn.ambient_temp           100 
_diffrn.ambient_temp_details   ? 
_diffrn.crystal_id             1 
# 
_diffrn_detector.diffrn_id              1 
_diffrn_detector.detector               PIXEL 
_diffrn_detector.type                   'DECTRIS PILATUS 6M' 
_diffrn_detector.pdbx_collection_date   2014-04-12 
_diffrn_detector.details                ? 
# 
_diffrn_radiation.diffrn_id                        1 
_diffrn_radiation.wavelength_id                    1 
_diffrn_radiation.pdbx_monochromatic_or_laue_m_l   M 
_diffrn_radiation.monochromator                    ? 
_diffrn_radiation.pdbx_diffrn_protocol             'SINGLE WAVELENGTH' 
_diffrn_radiation.pdbx_scattering_type             x-ray 
# 
_diffrn_radiation_wavelength.id           1 
_diffrn_radiation_wavelength.wavelength   0.97625 
_diffrn_radiation_wavelength.wt           1.0 
# 
_diffrn_source.diffrn_id                   1 
_diffrn_source.source                      SYNCHROTRON 
_diffrn_source.type                        'DIAMOND BEAMLINE I03' 
_diffrn_source.pdbx_synchrotron_site       Diamond 
_diffrn_source.pdbx_synchrotron_beamline   I03 
_diffrn_source.pdbx_wavelength             0.97625 
_diffrn_source.pdbx_wavelength_list        ? 
# 
_reflns.pdbx_diffrn_id               1 
_reflns.pdbx_ordinal                 1 
_reflns.entry_id                     4UML 
_reflns.observed_criterion_sigma_I   0.0 
_reflns.observed_criterion_sigma_F   ? 
_reflns.d_resolution_low             26.57 
_reflns.d_resolution_high            1.90 
_reflns.number_obs                   20255 
_reflns.number_all                   ? 
_reflns.percent_possible_obs         100.0 
_reflns.pdbx_Rmerge_I_obs            0.10 
_reflns.pdbx_Rsym_value              ? 
_reflns.pdbx_netI_over_sigmaI        13.70 
_reflns.B_iso_Wilson_estimate        ? 
_reflns.pdbx_redundancy              10.5 
# 
_reflns_shell.pdbx_diffrn_id         1 
_reflns_shell.pdbx_ordinal           1 
_reflns_shell.d_res_high             1.90 
_reflns_shell.d_res_low              1.94 
_reflns_shell.percent_possible_all   100.0 
_reflns_shell.Rmerge_I_obs           1.35 
_reflns_shell.pdbx_Rsym_value        ? 
_reflns_shell.meanI_over_sigI_obs    2.10 
_reflns_shell.pdbx_redundancy        10.8 
# 
_refine.pdbx_refine_id                           'X-RAY DIFFRACTION' 
_refine.entry_id                                 4UML 
_refine.pdbx_diffrn_id                           1 
_refine.pdbx_TLS_residual_ADP_flag               ? 
_refine.ls_number_reflns_obs                     19218 
_refine.ls_number_reflns_all                     ? 
_refine.pdbx_ls_sigma_I                          ? 
_refine.pdbx_ls_sigma_F                          . 
_refine.pdbx_data_cutoff_high_absF               ? 
_refine.pdbx_data_cutoff_low_absF                ? 
_refine.pdbx_data_cutoff_high_rms_absF           ? 
_refine.ls_d_res_low                             57.32 
_refine.ls_d_res_high                            1.90 
_refine.ls_percent_reflns_obs                    99.90 
_refine.ls_R_factor_obs                          0.19780 
_refine.ls_R_factor_all                          ? 
_refine.ls_R_factor_R_work                       0.19608 
_refine.ls_R_factor_R_free                       0.23089 
_refine.ls_R_factor_R_free_error                 ? 
_refine.ls_R_factor_R_free_error_details         ? 
_refine.ls_percent_reflns_R_free                 4.9 
_refine.ls_number_reflns_R_free                  993 
_refine.ls_number_parameters                     ? 
_refine.ls_number_restraints                     ? 
_refine.occupancy_min                            ? 
_refine.occupancy_max                            ? 
_refine.correlation_coeff_Fo_to_Fc               0.961 
_refine.correlation_coeff_Fo_to_Fc_free          0.944 
_refine.B_iso_mean                               37.014 
_refine.aniso_B[1][1]                            1.12 
_refine.aniso_B[2][2]                            1.12 
_refine.aniso_B[3][3]                            -2.23 
_refine.aniso_B[1][2]                            0.00 
_refine.aniso_B[1][3]                            0.00 
_refine.aniso_B[2][3]                            0.00 
_refine.solvent_model_details                    MASK 
_refine.solvent_model_param_ksol                 ? 
_refine.solvent_model_param_bsol                 ? 
_refine.pdbx_solvent_vdw_probe_radii             1.20 
_refine.pdbx_solvent_ion_probe_radii             0.80 
_refine.pdbx_solvent_shrinkage_radii             0.80 
_refine.pdbx_ls_cross_valid_method               THROUGHOUT 
_refine.details                                  'HYDROGENS HAVE BEEN ADDED IN THE RIDING POSITIONS.' 
_refine.pdbx_starting_model                      'PDB ENTRY 4IQY' 
_refine.pdbx_method_to_determine_struct          'MOLECULAR REPLACEMENT' 
_refine.pdbx_isotropic_thermal_model             ? 
_refine.pdbx_stereochemistry_target_values       'MAXIMUM LIKELIHOOD' 
_refine.pdbx_stereochem_target_val_spec_case     ? 
_refine.pdbx_R_Free_selection_details            RANDOM 
_refine.pdbx_overall_ESU_R                       0.139 
_refine.pdbx_overall_ESU_R_Free                  0.132 
_refine.overall_SU_ML                            0.107 
_refine.pdbx_overall_phase_error                 ? 
_refine.overall_SU_B                             3.791 
_refine.overall_SU_R_Cruickshank_DPI             ? 
_refine.pdbx_overall_SU_R_free_Cruickshank_DPI   ? 
_refine.pdbx_overall_SU_R_Blow_DPI               ? 
_refine.pdbx_overall_SU_R_free_Blow_DPI          ? 
# 
_refine_hist.pdbx_refine_id                   'X-RAY DIFFRACTION' 
_refine_hist.cycle_id                         LAST 
_refine_hist.pdbx_number_atoms_protein        1557 
_refine_hist.pdbx_number_atoms_nucleic_acid   0 
_refine_hist.pdbx_number_atoms_ligand         0 
_refine_hist.number_atoms_solvent             114 
_refine_hist.number_atoms_total               1671 
_refine_hist.d_res_high                       1.90 
_refine_hist.d_res_low                        57.32 
# 
loop_
_refine_ls_restr.type 
_refine_ls_restr.dev_ideal 
_refine_ls_restr.dev_ideal_target 
_refine_ls_restr.weight 
_refine_ls_restr.number 
_refine_ls_restr.pdbx_refine_id 
_refine_ls_restr.pdbx_restraint_function 
r_bond_refined_d             0.012  0.019  ? 1595 'X-RAY DIFFRACTION' ? 
r_bond_other_d               0.001  0.020  ? 1515 'X-RAY DIFFRACTION' ? 
r_angle_refined_deg          1.465  1.967  ? 2163 'X-RAY DIFFRACTION' ? 
r_angle_other_deg            0.815  3.000  ? 3486 'X-RAY DIFFRACTION' ? 
r_dihedral_angle_1_deg       6.192  5.000  ? 201  'X-RAY DIFFRACTION' ? 
r_dihedral_angle_2_deg       32.751 24.328 ? 67   'X-RAY DIFFRACTION' ? 
r_dihedral_angle_3_deg       14.243 15.000 ? 272  'X-RAY DIFFRACTION' ? 
r_dihedral_angle_4_deg       25.753 15.000 ? 8    'X-RAY DIFFRACTION' ? 
r_chiral_restr               0.078  0.200  ? 249  'X-RAY DIFFRACTION' ? 
r_gen_planes_refined         0.006  0.021  ? 1791 'X-RAY DIFFRACTION' ? 
r_gen_planes_other           0.001  0.020  ? 355  'X-RAY DIFFRACTION' ? 
r_nbd_refined                ?      ?      ? ?    'X-RAY DIFFRACTION' ? 
r_nbd_other                  ?      ?      ? ?    'X-RAY DIFFRACTION' ? 
r_nbtor_refined              ?      ?      ? ?    'X-RAY DIFFRACTION' ? 
r_nbtor_other                ?      ?      ? ?    'X-RAY DIFFRACTION' ? 
r_xyhbond_nbd_refined        ?      ?      ? ?    'X-RAY DIFFRACTION' ? 
r_xyhbond_nbd_other          ?      ?      ? ?    'X-RAY DIFFRACTION' ? 
r_metal_ion_refined          ?      ?      ? ?    'X-RAY DIFFRACTION' ? 
r_metal_ion_other            ?      ?      ? ?    'X-RAY DIFFRACTION' ? 
r_symmetry_vdw_refined       ?      ?      ? ?    'X-RAY DIFFRACTION' ? 
r_symmetry_vdw_other         ?      ?      ? ?    'X-RAY DIFFRACTION' ? 
r_symmetry_hbond_refined     ?      ?      ? ?    'X-RAY DIFFRACTION' ? 
r_symmetry_hbond_other       ?      ?      ? ?    'X-RAY DIFFRACTION' ? 
r_symmetry_metal_ion_refined ?      ?      ? ?    'X-RAY DIFFRACTION' ? 
r_symmetry_metal_ion_other   ?      ?      ? ?    'X-RAY DIFFRACTION' ? 
r_mcbond_it                  2.569  3.514  ? 804  'X-RAY DIFFRACTION' ? 
r_mcbond_other               2.567  3.512  ? 803  'X-RAY DIFFRACTION' ? 
r_mcangle_it                 3.800  5.241  ? 1002 'X-RAY DIFFRACTION' ? 
r_mcangle_other              ?      ?      ? ?    'X-RAY DIFFRACTION' ? 
r_scbond_it                  3.051  3.893  ? 791  'X-RAY DIFFRACTION' ? 
r_scbond_other               ?      ?      ? ?    'X-RAY DIFFRACTION' ? 
r_scangle_it                 ?      ?      ? ?    'X-RAY DIFFRACTION' ? 
r_scangle_other              ?      ?      ? ?    'X-RAY DIFFRACTION' ? 
r_long_range_B_refined       ?      ?      ? ?    'X-RAY DIFFRACTION' ? 
r_long_range_B_other         ?      ?      ? ?    'X-RAY DIFFRACTION' ? 
r_rigid_bond_restr           ?      ?      ? ?    'X-RAY DIFFRACTION' ? 
r_sphericity_free            ?      ?      ? ?    'X-RAY DIFFRACTION' ? 
r_sphericity_bonded          ?      ?      ? ?    'X-RAY DIFFRACTION' ? 
# 
_refine_ls_shell.pdbx_refine_id                   'X-RAY DIFFRACTION' 
_refine_ls_shell.pdbx_total_number_of_bins_used   20 
_refine_ls_shell.d_res_high                       1.900 
_refine_ls_shell.d_res_low                        1.949 
_refine_ls_shell.number_reflns_R_work             1399 
_refine_ls_shell.R_factor_R_work                  0.294 
_refine_ls_shell.percent_reflns_obs               99.80 
_refine_ls_shell.R_factor_R_free                  0.405 
_refine_ls_shell.R_factor_R_free_error            ? 
_refine_ls_shell.percent_reflns_R_free            ? 
_refine_ls_shell.number_reflns_R_free             70 
_refine_ls_shell.number_reflns_all                ? 
_refine_ls_shell.R_factor_all                     ? 
# 
_struct.entry_id                  4UML 
_struct.title                     
'Crystal structure of ganglioside induced differentiation associated protein 2 (GDAP2) macro domain' 
_struct.pdbx_model_details        ? 
_struct.pdbx_CASP_flag            ? 
_struct.pdbx_model_type_details   ? 
# 
_struct_keywords.entry_id        4UML 
_struct_keywords.pdbx_keywords   'SIGNALING PROTEIN' 
_struct_keywords.text            'SIGNALING PROTEIN, MACROD3' 
# 
loop_
_struct_asym.id 
_struct_asym.pdbx_blank_PDB_chainid_flag 
_struct_asym.pdbx_modified 
_struct_asym.entity_id 
_struct_asym.details 
A N N 1 ? 
B N N 2 ? 
# 
_struct_ref.id                         1 
_struct_ref.db_name                    UNP 
_struct_ref.db_code                    GDAP2_HUMAN 
_struct_ref.entity_id                  1 
_struct_ref.pdbx_seq_one_letter_code   ? 
_struct_ref.pdbx_align_begin           ? 
_struct_ref.pdbx_db_accession          Q9NXN4 
_struct_ref.pdbx_db_isoform            ? 
# 
_struct_ref_seq.align_id                      1 
_struct_ref_seq.ref_id                        1 
_struct_ref_seq.pdbx_PDB_id_code              4UML 
_struct_ref_seq.pdbx_strand_id                A 
_struct_ref_seq.seq_align_beg                 2 
_struct_ref_seq.pdbx_seq_align_beg_ins_code   ? 
_struct_ref_seq.seq_align_end                 229 
_struct_ref_seq.pdbx_seq_align_end_ins_code   ? 
_struct_ref_seq.pdbx_db_accession             Q9NXN4 
_struct_ref_seq.db_align_beg                  1 
_struct_ref_seq.pdbx_db_align_beg_ins_code    ? 
_struct_ref_seq.db_align_end                  228 
_struct_ref_seq.pdbx_db_align_end_ins_code    ? 
_struct_ref_seq.pdbx_auth_seq_align_beg       1 
_struct_ref_seq.pdbx_auth_seq_align_end       228 
# 
_struct_ref_seq_dif.align_id                     1 
_struct_ref_seq_dif.pdbx_pdb_id_code             4UML 
_struct_ref_seq_dif.mon_id                       SER 
_struct_ref_seq_dif.pdbx_pdb_strand_id           A 
_struct_ref_seq_dif.seq_num                      1 
_struct_ref_seq_dif.pdbx_pdb_ins_code            ? 
_struct_ref_seq_dif.pdbx_seq_db_name             UNP 
_struct_ref_seq_dif.pdbx_seq_db_accession_code   Q9NXN4 
_struct_ref_seq_dif.db_mon_id                    ? 
_struct_ref_seq_dif.pdbx_seq_db_seq_num          ? 
_struct_ref_seq_dif.details                      'expression tag' 
_struct_ref_seq_dif.pdbx_auth_seq_num            0 
_struct_ref_seq_dif.pdbx_ordinal                 1 
# 
_pdbx_struct_assembly.id                   1 
_pdbx_struct_assembly.details              author_and_software_defined_assembly 
_pdbx_struct_assembly.method_details       PISA 
_pdbx_struct_assembly.oligomeric_details   monomeric 
_pdbx_struct_assembly.oligomeric_count     1 
# 
_pdbx_struct_assembly_gen.assembly_id       1 
_pdbx_struct_assembly_gen.oper_expression   1 
_pdbx_struct_assembly_gen.asym_id_list      A,B 
# 
_pdbx_struct_oper_list.id                   1 
_pdbx_struct_oper_list.type                 'identity operation' 
_pdbx_struct_oper_list.name                 1_555 
_pdbx_struct_oper_list.symmetry_operation   x,y,z 
_pdbx_struct_oper_list.matrix[1][1]         1.0000000000 
_pdbx_struct_oper_list.matrix[1][2]         0.0000000000 
_pdbx_struct_oper_list.matrix[1][3]         0.0000000000 
_pdbx_struct_oper_list.vector[1]            0.0000000000 
_pdbx_struct_oper_list.matrix[2][1]         0.0000000000 
_pdbx_struct_oper_list.matrix[2][2]         1.0000000000 
_pdbx_struct_oper_list.matrix[2][3]         0.0000000000 
_pdbx_struct_oper_list.vector[2]            0.0000000000 
_pdbx_struct_oper_list.matrix[3][1]         0.0000000000 
_pdbx_struct_oper_list.matrix[3][2]         0.0000000000 
_pdbx_struct_oper_list.matrix[3][3]         1.0000000000 
_pdbx_struct_oper_list.vector[3]            0.0000000000 
# 
_struct_biol.id   1 
# 
loop_
_struct_conf.conf_type_id 
_struct_conf.id 
_struct_conf.pdbx_PDB_helix_id 
_struct_conf.beg_label_comp_id 
_struct_conf.beg_label_asym_id 
_struct_conf.beg_label_seq_id 
_struct_conf.pdbx_beg_PDB_ins_code 
_struct_conf.end_label_comp_id 
_struct_conf.end_label_asym_id 
_struct_conf.end_label_seq_id 
_struct_conf.pdbx_end_PDB_ins_code 
_struct_conf.beg_auth_comp_id 
_struct_conf.beg_auth_asym_id 
_struct_conf.beg_auth_seq_id 
_struct_conf.end_auth_comp_id 
_struct_conf.end_auth_asym_id 
_struct_conf.end_auth_seq_id 
_struct_conf.pdbx_PDB_helix_class 
_struct_conf.details 
_struct_conf.pdbx_PDB_helix_length 
HELX_P HELX_P1  1  ASP A 13  ? LEU A 17  ? ASP A 12  LEU A 16  5 ? 5  
HELX_P HELX_P2  2  ASN A 50  ? GLY A 55  ? ASN A 49  GLY A 54  1 ? 6  
HELX_P HELX_P3  3  ASP A 63  ? LEU A 66  ? ASP A 62  LEU A 65  5 ? 4  
HELX_P HELX_P4  4  ASN A 84  ? GLY A 95  ? ASN A 83  GLY A 94  1 ? 12 
HELX_P HELX_P5  5  ASP A 97  ? LYS A 106 ? ASP A 96  LYS A 105 1 ? 10 
HELX_P HELX_P6  6  LYS A 135 ? ARG A 137 ? LYS A 134 ARG A 136 5 ? 3  
HELX_P HELX_P7  7  TYR A 138 ? GLN A 160 ? TYR A 137 GLN A 159 1 ? 23 
HELX_P HELX_P8  8  SER A 172 ? GLY A 176 ? SER A 171 GLY A 175 5 ? 5  
HELX_P HELX_P9  9  PRO A 178 ? GLY A 198 ? PRO A 177 GLY A 197 1 ? 21 
HELX_P HELX_P10 10 GLU A 199 ? ILE A 201 ? GLU A 198 ILE A 200 5 ? 3  
HELX_P HELX_P11 11 SER A 209 ? PHE A 224 ? SER A 208 PHE A 223 1 ? 16 
# 
_struct_conf_type.id          HELX_P 
_struct_conf_type.criteria    ? 
_struct_conf_type.reference   ? 
# 
_struct_sheet.id               AA 
_struct_sheet.type             ? 
_struct_sheet.number_strands   6 
_struct_sheet.details          ? 
# 
loop_
_struct_sheet_order.sheet_id 
_struct_sheet_order.range_id_1 
_struct_sheet_order.range_id_2 
_struct_sheet_order.offset 
_struct_sheet_order.sense 
AA 1 2 ? parallel      
AA 2 3 ? parallel      
AA 3 4 ? parallel      
AA 4 5 ? parallel      
AA 5 6 ? anti-parallel 
# 
loop_
_struct_sheet_range.sheet_id 
_struct_sheet_range.id 
_struct_sheet_range.beg_label_comp_id 
_struct_sheet_range.beg_label_asym_id 
_struct_sheet_range.beg_label_seq_id 
_struct_sheet_range.pdbx_beg_PDB_ins_code 
_struct_sheet_range.end_label_comp_id 
_struct_sheet_range.end_label_asym_id 
_struct_sheet_range.end_label_seq_id 
_struct_sheet_range.pdbx_end_PDB_ins_code 
_struct_sheet_range.beg_auth_comp_id 
_struct_sheet_range.beg_auth_asym_id 
_struct_sheet_range.beg_auth_seq_id 
_struct_sheet_range.end_auth_comp_id 
_struct_sheet_range.end_auth_asym_id 
_struct_sheet_range.end_auth_seq_id 
AA 1 VAL A 57  ? LYS A 61  ? VAL A 56  LYS A 60  
AA 2 LYS A 203 ? VAL A 208 ? LYS A 202 VAL A 207 
AA 3 SER A 164 ? PHE A 167 ? SER A 163 PHE A 166 
AA 4 ALA A 71  ? THR A 75  ? ALA A 70  THR A 74  
AA 5 PHE A 125 ? THR A 129 ? PHE A 124 THR A 128 
AA 6 ALA A 113 ? LYS A 117 ? ALA A 112 LYS A 116 
# 
loop_
_pdbx_struct_sheet_hbond.sheet_id 
_pdbx_struct_sheet_hbond.range_id_1 
_pdbx_struct_sheet_hbond.range_id_2 
_pdbx_struct_sheet_hbond.range_1_label_atom_id 
_pdbx_struct_sheet_hbond.range_1_label_comp_id 
_pdbx_struct_sheet_hbond.range_1_label_asym_id 
_pdbx_struct_sheet_hbond.range_1_label_seq_id 
_pdbx_struct_sheet_hbond.range_1_PDB_ins_code 
_pdbx_struct_sheet_hbond.range_1_auth_atom_id 
_pdbx_struct_sheet_hbond.range_1_auth_comp_id 
_pdbx_struct_sheet_hbond.range_1_auth_asym_id 
_pdbx_struct_sheet_hbond.range_1_auth_seq_id 
_pdbx_struct_sheet_hbond.range_2_label_atom_id 
_pdbx_struct_sheet_hbond.range_2_label_comp_id 
_pdbx_struct_sheet_hbond.range_2_label_asym_id 
_pdbx_struct_sheet_hbond.range_2_label_seq_id 
_pdbx_struct_sheet_hbond.range_2_PDB_ins_code 
_pdbx_struct_sheet_hbond.range_2_auth_atom_id 
_pdbx_struct_sheet_hbond.range_2_auth_comp_id 
_pdbx_struct_sheet_hbond.range_2_auth_asym_id 
_pdbx_struct_sheet_hbond.range_2_auth_seq_id 
AA 1 2 N VAL A 58  ? N VAL A 57  O VAL A 204 ? O VAL A 203 
AA 2 3 N VAL A 205 ? N VAL A 204 O VAL A 165 ? O VAL A 164 
AA 3 4 N GLY A 166 ? N GLY A 165 O ALA A 71  ? O ALA A 70  
AA 4 5 N ILE A 72  ? N ILE A 71  O PHE A 125 ? O PHE A 124 
AA 5 6 N HIS A 128 ? N HIS A 127 O LYS A 114 ? O LYS A 113 
# 
loop_
_pdbx_validate_close_contact.id 
_pdbx_validate_close_contact.PDB_model_num 
_pdbx_validate_close_contact.auth_atom_id_1 
_pdbx_validate_close_contact.auth_asym_id_1 
_pdbx_validate_close_contact.auth_comp_id_1 
_pdbx_validate_close_contact.auth_seq_id_1 
_pdbx_validate_close_contact.PDB_ins_code_1 
_pdbx_validate_close_contact.label_alt_id_1 
_pdbx_validate_close_contact.auth_atom_id_2 
_pdbx_validate_close_contact.auth_asym_id_2 
_pdbx_validate_close_contact.auth_comp_id_2 
_pdbx_validate_close_contact.auth_seq_id_2 
_pdbx_validate_close_contact.PDB_ins_code_2 
_pdbx_validate_close_contact.label_alt_id_2 
_pdbx_validate_close_contact.dist 
1 1 O  A HOH 2034 ? ? O A HOH 2078 ? ? 2.10 
2 1 NE A ARG 138  ? ? O A HOH 2074 ? ? 2.18 
# 
loop_
_pdbx_validate_torsion.id 
_pdbx_validate_torsion.PDB_model_num 
_pdbx_validate_torsion.auth_comp_id 
_pdbx_validate_torsion.auth_asym_id 
_pdbx_validate_torsion.auth_seq_id 
_pdbx_validate_torsion.PDB_ins_code 
_pdbx_validate_torsion.label_alt_id 
_pdbx_validate_torsion.phi 
_pdbx_validate_torsion.psi 
1 1 TYR A 48  ? ? -39.50 128.97  
2 1 ASN A 67  ? ? -90.27 31.93   
3 1 PHE A 118 ? ? 56.51  -115.38 
# 
_pdbx_distant_solvent_atoms.id                                1 
_pdbx_distant_solvent_atoms.PDB_model_num                     1 
_pdbx_distant_solvent_atoms.auth_atom_id                      O 
_pdbx_distant_solvent_atoms.label_alt_id                      ? 
_pdbx_distant_solvent_atoms.auth_asym_id                      A 
_pdbx_distant_solvent_atoms.auth_comp_id                      HOH 
_pdbx_distant_solvent_atoms.auth_seq_id                       2030 
_pdbx_distant_solvent_atoms.PDB_ins_code                      ? 
_pdbx_distant_solvent_atoms.neighbor_macromolecule_distance   5.90 
_pdbx_distant_solvent_atoms.neighbor_ligand_distance          . 
# 
loop_
_pdbx_unobs_or_zero_occ_residues.id 
_pdbx_unobs_or_zero_occ_residues.PDB_model_num 
_pdbx_unobs_or_zero_occ_residues.polymer_flag 
_pdbx_unobs_or_zero_occ_residues.occupancy_flag 
_pdbx_unobs_or_zero_occ_residues.auth_asym_id 
_pdbx_unobs_or_zero_occ_residues.auth_comp_id 
_pdbx_unobs_or_zero_occ_residues.auth_seq_id 
_pdbx_unobs_or_zero_occ_residues.PDB_ins_code 
_pdbx_unobs_or_zero_occ_residues.label_asym_id 
_pdbx_unobs_or_zero_occ_residues.label_comp_id 
_pdbx_unobs_or_zero_occ_residues.label_seq_id 
1  1 Y 1 A SER 0   ? A SER 1   
2  1 Y 1 A MET 1   ? A MET 2   
3  1 Y 1 A ASP 2   ? A ASP 3   
4  1 Y 1 A PRO 3   ? A PRO 4   
5  1 Y 1 A LEU 4   ? A LEU 5   
6  1 Y 1 A GLY 5   ? A GLY 6   
7  1 Y 1 A ALA 6   ? A ALA 7   
8  1 Y 1 A CYS 23  ? A CYS 24  
9  1 Y 1 A GLN 24  ? A GLN 25  
10 1 Y 1 A ASP 25  ? A ASP 26  
11 1 Y 1 A GLU 26  ? A GLU 27  
12 1 Y 1 A LEU 27  ? A LEU 28  
13 1 Y 1 A ASN 28  ? A ASN 29  
14 1 Y 1 A SER 29  ? A SER 30  
15 1 Y 1 A SER 30  ? A SER 31  
16 1 Y 1 A ASP 31  ? A ASP 32  
17 1 Y 1 A THR 32  ? A THR 33  
18 1 Y 1 A THR 33  ? A THR 34  
19 1 Y 1 A ALA 34  ? A ALA 35  
20 1 Y 1 A GLU 35  ? A GLU 36  
21 1 Y 1 A ILE 36  ? A ILE 37  
22 1 Y 1 A PHE 37  ? A PHE 38  
23 1 Y 1 A GLN 38  ? A GLN 39  
24 1 Y 1 A GLU 39  ? A GLU 40  
25 1 Y 1 A ASP 40  ? A ASP 41  
26 1 Y 1 A THR 41  ? A THR 42  
27 1 Y 1 A VAL 42  ? A VAL 43  
28 1 Y 1 A LYS 228 ? A LYS 229 
# 
loop_
_chem_comp_atom.comp_id 
_chem_comp_atom.atom_id 
_chem_comp_atom.type_symbol 
_chem_comp_atom.pdbx_aromatic_flag 
_chem_comp_atom.pdbx_stereo_config 
_chem_comp_atom.pdbx_ordinal 
ALA N    N N N 1   
ALA CA   C N S 2   
ALA C    C N N 3   
ALA O    O N N 4   
ALA CB   C N N 5   
ALA OXT  O N N 6   
ALA H    H N N 7   
ALA H2   H N N 8   
ALA HA   H N N 9   
ALA HB1  H N N 10  
ALA HB2  H N N 11  
ALA HB3  H N N 12  
ALA HXT  H N N 13  
ARG N    N N N 14  
ARG CA   C N S 15  
ARG C    C N N 16  
ARG O    O N N 17  
ARG CB   C N N 18  
ARG CG   C N N 19  
ARG CD   C N N 20  
ARG NE   N N N 21  
ARG CZ   C N N 22  
ARG NH1  N N N 23  
ARG NH2  N N N 24  
ARG OXT  O N N 25  
ARG H    H N N 26  
ARG H2   H N N 27  
ARG HA   H N N 28  
ARG HB2  H N N 29  
ARG HB3  H N N 30  
ARG HG2  H N N 31  
ARG HG3  H N N 32  
ARG HD2  H N N 33  
ARG HD3  H N N 34  
ARG HE   H N N 35  
ARG HH11 H N N 36  
ARG HH12 H N N 37  
ARG HH21 H N N 38  
ARG HH22 H N N 39  
ARG HXT  H N N 40  
ASN N    N N N 41  
ASN CA   C N S 42  
ASN C    C N N 43  
ASN O    O N N 44  
ASN CB   C N N 45  
ASN CG   C N N 46  
ASN OD1  O N N 47  
ASN ND2  N N N 48  
ASN OXT  O N N 49  
ASN H    H N N 50  
ASN H2   H N N 51  
ASN HA   H N N 52  
ASN HB2  H N N 53  
ASN HB3  H N N 54  
ASN HD21 H N N 55  
ASN HD22 H N N 56  
ASN HXT  H N N 57  
ASP N    N N N 58  
ASP CA   C N S 59  
ASP C    C N N 60  
ASP O    O N N 61  
ASP CB   C N N 62  
ASP CG   C N N 63  
ASP OD1  O N N 64  
ASP OD2  O N N 65  
ASP OXT  O N N 66  
ASP H    H N N 67  
ASP H2   H N N 68  
ASP HA   H N N 69  
ASP HB2  H N N 70  
ASP HB3  H N N 71  
ASP HD2  H N N 72  
ASP HXT  H N N 73  
CYS N    N N N 74  
CYS CA   C N R 75  
CYS C    C N N 76  
CYS O    O N N 77  
CYS CB   C N N 78  
CYS SG   S N N 79  
CYS OXT  O N N 80  
CYS H    H N N 81  
CYS H2   H N N 82  
CYS HA   H N N 83  
CYS HB2  H N N 84  
CYS HB3  H N N 85  
CYS HG   H N N 86  
CYS HXT  H N N 87  
GLN N    N N N 88  
GLN CA   C N S 89  
GLN C    C N N 90  
GLN O    O N N 91  
GLN CB   C N N 92  
GLN CG   C N N 93  
GLN CD   C N N 94  
GLN OE1  O N N 95  
GLN NE2  N N N 96  
GLN OXT  O N N 97  
GLN H    H N N 98  
GLN H2   H N N 99  
GLN HA   H N N 100 
GLN HB2  H N N 101 
GLN HB3  H N N 102 
GLN HG2  H N N 103 
GLN HG3  H N N 104 
GLN HE21 H N N 105 
GLN HE22 H N N 106 
GLN HXT  H N N 107 
GLU N    N N N 108 
GLU CA   C N S 109 
GLU C    C N N 110 
GLU O    O N N 111 
GLU CB   C N N 112 
GLU CG   C N N 113 
GLU CD   C N N 114 
GLU OE1  O N N 115 
GLU OE2  O N N 116 
GLU OXT  O N N 117 
GLU H    H N N 118 
GLU H2   H N N 119 
GLU HA   H N N 120 
GLU HB2  H N N 121 
GLU HB3  H N N 122 
GLU HG2  H N N 123 
GLU HG3  H N N 124 
GLU HE2  H N N 125 
GLU HXT  H N N 126 
GLY N    N N N 127 
GLY CA   C N N 128 
GLY C    C N N 129 
GLY O    O N N 130 
GLY OXT  O N N 131 
GLY H    H N N 132 
GLY H2   H N N 133 
GLY HA2  H N N 134 
GLY HA3  H N N 135 
GLY HXT  H N N 136 
HIS N    N N N 137 
HIS CA   C N S 138 
HIS C    C N N 139 
HIS O    O N N 140 
HIS CB   C N N 141 
HIS CG   C Y N 142 
HIS ND1  N Y N 143 
HIS CD2  C Y N 144 
HIS CE1  C Y N 145 
HIS NE2  N Y N 146 
HIS OXT  O N N 147 
HIS H    H N N 148 
HIS H2   H N N 149 
HIS HA   H N N 150 
HIS HB2  H N N 151 
HIS HB3  H N N 152 
HIS HD1  H N N 153 
HIS HD2  H N N 154 
HIS HE1  H N N 155 
HIS HE2  H N N 156 
HIS HXT  H N N 157 
HOH O    O N N 158 
HOH H1   H N N 159 
HOH H2   H N N 160 
ILE N    N N N 161 
ILE CA   C N S 162 
ILE C    C N N 163 
ILE O    O N N 164 
ILE CB   C N S 165 
ILE CG1  C N N 166 
ILE CG2  C N N 167 
ILE CD1  C N N 168 
ILE OXT  O N N 169 
ILE H    H N N 170 
ILE H2   H N N 171 
ILE HA   H N N 172 
ILE HB   H N N 173 
ILE HG12 H N N 174 
ILE HG13 H N N 175 
ILE HG21 H N N 176 
ILE HG22 H N N 177 
ILE HG23 H N N 178 
ILE HD11 H N N 179 
ILE HD12 H N N 180 
ILE HD13 H N N 181 
ILE HXT  H N N 182 
LEU N    N N N 183 
LEU CA   C N S 184 
LEU C    C N N 185 
LEU O    O N N 186 
LEU CB   C N N 187 
LEU CG   C N N 188 
LEU CD1  C N N 189 
LEU CD2  C N N 190 
LEU OXT  O N N 191 
LEU H    H N N 192 
LEU H2   H N N 193 
LEU HA   H N N 194 
LEU HB2  H N N 195 
LEU HB3  H N N 196 
LEU HG   H N N 197 
LEU HD11 H N N 198 
LEU HD12 H N N 199 
LEU HD13 H N N 200 
LEU HD21 H N N 201 
LEU HD22 H N N 202 
LEU HD23 H N N 203 
LEU HXT  H N N 204 
LYS N    N N N 205 
LYS CA   C N S 206 
LYS C    C N N 207 
LYS O    O N N 208 
LYS CB   C N N 209 
LYS CG   C N N 210 
LYS CD   C N N 211 
LYS CE   C N N 212 
LYS NZ   N N N 213 
LYS OXT  O N N 214 
LYS H    H N N 215 
LYS H2   H N N 216 
LYS HA   H N N 217 
LYS HB2  H N N 218 
LYS HB3  H N N 219 
LYS HG2  H N N 220 
LYS HG3  H N N 221 
LYS HD2  H N N 222 
LYS HD3  H N N 223 
LYS HE2  H N N 224 
LYS HE3  H N N 225 
LYS HZ1  H N N 226 
LYS HZ2  H N N 227 
LYS HZ3  H N N 228 
LYS HXT  H N N 229 
MET N    N N N 230 
MET CA   C N S 231 
MET C    C N N 232 
MET O    O N N 233 
MET CB   C N N 234 
MET CG   C N N 235 
MET SD   S N N 236 
MET CE   C N N 237 
MET OXT  O N N 238 
MET H    H N N 239 
MET H2   H N N 240 
MET HA   H N N 241 
MET HB2  H N N 242 
MET HB3  H N N 243 
MET HG2  H N N 244 
MET HG3  H N N 245 
MET HE1  H N N 246 
MET HE2  H N N 247 
MET HE3  H N N 248 
MET HXT  H N N 249 
PHE N    N N N 250 
PHE CA   C N S 251 
PHE C    C N N 252 
PHE O    O N N 253 
PHE CB   C N N 254 
PHE CG   C Y N 255 
PHE CD1  C Y N 256 
PHE CD2  C Y N 257 
PHE CE1  C Y N 258 
PHE CE2  C Y N 259 
PHE CZ   C Y N 260 
PHE OXT  O N N 261 
PHE H    H N N 262 
PHE H2   H N N 263 
PHE HA   H N N 264 
PHE HB2  H N N 265 
PHE HB3  H N N 266 
PHE HD1  H N N 267 
PHE HD2  H N N 268 
PHE HE1  H N N 269 
PHE HE2  H N N 270 
PHE HZ   H N N 271 
PHE HXT  H N N 272 
PRO N    N N N 273 
PRO CA   C N S 274 
PRO C    C N N 275 
PRO O    O N N 276 
PRO CB   C N N 277 
PRO CG   C N N 278 
PRO CD   C N N 279 
PRO OXT  O N N 280 
PRO H    H N N 281 
PRO HA   H N N 282 
PRO HB2  H N N 283 
PRO HB3  H N N 284 
PRO HG2  H N N 285 
PRO HG3  H N N 286 
PRO HD2  H N N 287 
PRO HD3  H N N 288 
PRO HXT  H N N 289 
SER N    N N N 290 
SER CA   C N S 291 
SER C    C N N 292 
SER O    O N N 293 
SER CB   C N N 294 
SER OG   O N N 295 
SER OXT  O N N 296 
SER H    H N N 297 
SER H2   H N N 298 
SER HA   H N N 299 
SER HB2  H N N 300 
SER HB3  H N N 301 
SER HG   H N N 302 
SER HXT  H N N 303 
THR N    N N N 304 
THR CA   C N S 305 
THR C    C N N 306 
THR O    O N N 307 
THR CB   C N R 308 
THR OG1  O N N 309 
THR CG2  C N N 310 
THR OXT  O N N 311 
THR H    H N N 312 
THR H2   H N N 313 
THR HA   H N N 314 
THR HB   H N N 315 
THR HG1  H N N 316 
THR HG21 H N N 317 
THR HG22 H N N 318 
THR HG23 H N N 319 
THR HXT  H N N 320 
TRP N    N N N 321 
TRP CA   C N S 322 
TRP C    C N N 323 
TRP O    O N N 324 
TRP CB   C N N 325 
TRP CG   C Y N 326 
TRP CD1  C Y N 327 
TRP CD2  C Y N 328 
TRP NE1  N Y N 329 
TRP CE2  C Y N 330 
TRP CE3  C Y N 331 
TRP CZ2  C Y N 332 
TRP CZ3  C Y N 333 
TRP CH2  C Y N 334 
TRP OXT  O N N 335 
TRP H    H N N 336 
TRP H2   H N N 337 
TRP HA   H N N 338 
TRP HB2  H N N 339 
TRP HB3  H N N 340 
TRP HD1  H N N 341 
TRP HE1  H N N 342 
TRP HE3  H N N 343 
TRP HZ2  H N N 344 
TRP HZ3  H N N 345 
TRP HH2  H N N 346 
TRP HXT  H N N 347 
TYR N    N N N 348 
TYR CA   C N S 349 
TYR C    C N N 350 
TYR O    O N N 351 
TYR CB   C N N 352 
TYR CG   C Y N 353 
TYR CD1  C Y N 354 
TYR CD2  C Y N 355 
TYR CE1  C Y N 356 
TYR CE2  C Y N 357 
TYR CZ   C Y N 358 
TYR OH   O N N 359 
TYR OXT  O N N 360 
TYR H    H N N 361 
TYR H2   H N N 362 
TYR HA   H N N 363 
TYR HB2  H N N 364 
TYR HB3  H N N 365 
TYR HD1  H N N 366 
TYR HD2  H N N 367 
TYR HE1  H N N 368 
TYR HE2  H N N 369 
TYR HH   H N N 370 
TYR HXT  H N N 371 
VAL N    N N N 372 
VAL CA   C N S 373 
VAL C    C N N 374 
VAL O    O N N 375 
VAL CB   C N N 376 
VAL CG1  C N N 377 
VAL CG2  C N N 378 
VAL OXT  O N N 379 
VAL H    H N N 380 
VAL H2   H N N 381 
VAL HA   H N N 382 
VAL HB   H N N 383 
VAL HG11 H N N 384 
VAL HG12 H N N 385 
VAL HG13 H N N 386 
VAL HG21 H N N 387 
VAL HG22 H N N 388 
VAL HG23 H N N 389 
VAL HXT  H N N 390 
# 
loop_
_chem_comp_bond.comp_id 
_chem_comp_bond.atom_id_1 
_chem_comp_bond.atom_id_2 
_chem_comp_bond.value_order 
_chem_comp_bond.pdbx_aromatic_flag 
_chem_comp_bond.pdbx_stereo_config 
_chem_comp_bond.pdbx_ordinal 
ALA N   CA   sing N N 1   
ALA N   H    sing N N 2   
ALA N   H2   sing N N 3   
ALA CA  C    sing N N 4   
ALA CA  CB   sing N N 5   
ALA CA  HA   sing N N 6   
ALA C   O    doub N N 7   
ALA C   OXT  sing N N 8   
ALA CB  HB1  sing N N 9   
ALA CB  HB2  sing N N 10  
ALA CB  HB3  sing N N 11  
ALA OXT HXT  sing N N 12  
ARG N   CA   sing N N 13  
ARG N   H    sing N N 14  
ARG N   H2   sing N N 15  
ARG CA  C    sing N N 16  
ARG CA  CB   sing N N 17  
ARG CA  HA   sing N N 18  
ARG C   O    doub N N 19  
ARG C   OXT  sing N N 20  
ARG CB  CG   sing N N 21  
ARG CB  HB2  sing N N 22  
ARG CB  HB3  sing N N 23  
ARG CG  CD   sing N N 24  
ARG CG  HG2  sing N N 25  
ARG CG  HG3  sing N N 26  
ARG CD  NE   sing N N 27  
ARG CD  HD2  sing N N 28  
ARG CD  HD3  sing N N 29  
ARG NE  CZ   sing N N 30  
ARG NE  HE   sing N N 31  
ARG CZ  NH1  sing N N 32  
ARG CZ  NH2  doub N N 33  
ARG NH1 HH11 sing N N 34  
ARG NH1 HH12 sing N N 35  
ARG NH2 HH21 sing N N 36  
ARG NH2 HH22 sing N N 37  
ARG OXT HXT  sing N N 38  
ASN N   CA   sing N N 39  
ASN N   H    sing N N 40  
ASN N   H2   sing N N 41  
ASN CA  C    sing N N 42  
ASN CA  CB   sing N N 43  
ASN CA  HA   sing N N 44  
ASN C   O    doub N N 45  
ASN C   OXT  sing N N 46  
ASN CB  CG   sing N N 47  
ASN CB  HB2  sing N N 48  
ASN CB  HB3  sing N N 49  
ASN CG  OD1  doub N N 50  
ASN CG  ND2  sing N N 51  
ASN ND2 HD21 sing N N 52  
ASN ND2 HD22 sing N N 53  
ASN OXT HXT  sing N N 54  
ASP N   CA   sing N N 55  
ASP N   H    sing N N 56  
ASP N   H2   sing N N 57  
ASP CA  C    sing N N 58  
ASP CA  CB   sing N N 59  
ASP CA  HA   sing N N 60  
ASP C   O    doub N N 61  
ASP C   OXT  sing N N 62  
ASP CB  CG   sing N N 63  
ASP CB  HB2  sing N N 64  
ASP CB  HB3  sing N N 65  
ASP CG  OD1  doub N N 66  
ASP CG  OD2  sing N N 67  
ASP OD2 HD2  sing N N 68  
ASP OXT HXT  sing N N 69  
CYS N   CA   sing N N 70  
CYS N   H    sing N N 71  
CYS N   H2   sing N N 72  
CYS CA  C    sing N N 73  
CYS CA  CB   sing N N 74  
CYS CA  HA   sing N N 75  
CYS C   O    doub N N 76  
CYS C   OXT  sing N N 77  
CYS CB  SG   sing N N 78  
CYS CB  HB2  sing N N 79  
CYS CB  HB3  sing N N 80  
CYS SG  HG   sing N N 81  
CYS OXT HXT  sing N N 82  
GLN N   CA   sing N N 83  
GLN N   H    sing N N 84  
GLN N   H2   sing N N 85  
GLN CA  C    sing N N 86  
GLN CA  CB   sing N N 87  
GLN CA  HA   sing N N 88  
GLN C   O    doub N N 89  
GLN C   OXT  sing N N 90  
GLN CB  CG   sing N N 91  
GLN CB  HB2  sing N N 92  
GLN CB  HB3  sing N N 93  
GLN CG  CD   sing N N 94  
GLN CG  HG2  sing N N 95  
GLN CG  HG3  sing N N 96  
GLN CD  OE1  doub N N 97  
GLN CD  NE2  sing N N 98  
GLN NE2 HE21 sing N N 99  
GLN NE2 HE22 sing N N 100 
GLN OXT HXT  sing N N 101 
GLU N   CA   sing N N 102 
GLU N   H    sing N N 103 
GLU N   H2   sing N N 104 
GLU CA  C    sing N N 105 
GLU CA  CB   sing N N 106 
GLU CA  HA   sing N N 107 
GLU C   O    doub N N 108 
GLU C   OXT  sing N N 109 
GLU CB  CG   sing N N 110 
GLU CB  HB2  sing N N 111 
GLU CB  HB3  sing N N 112 
GLU CG  CD   sing N N 113 
GLU CG  HG2  sing N N 114 
GLU CG  HG3  sing N N 115 
GLU CD  OE1  doub N N 116 
GLU CD  OE2  sing N N 117 
GLU OE2 HE2  sing N N 118 
GLU OXT HXT  sing N N 119 
GLY N   CA   sing N N 120 
GLY N   H    sing N N 121 
GLY N   H2   sing N N 122 
GLY CA  C    sing N N 123 
GLY CA  HA2  sing N N 124 
GLY CA  HA3  sing N N 125 
GLY C   O    doub N N 126 
GLY C   OXT  sing N N 127 
GLY OXT HXT  sing N N 128 
HIS N   CA   sing N N 129 
HIS N   H    sing N N 130 
HIS N   H2   sing N N 131 
HIS CA  C    sing N N 132 
HIS CA  CB   sing N N 133 
HIS CA  HA   sing N N 134 
HIS C   O    doub N N 135 
HIS C   OXT  sing N N 136 
HIS CB  CG   sing N N 137 
HIS CB  HB2  sing N N 138 
HIS CB  HB3  sing N N 139 
HIS CG  ND1  sing Y N 140 
HIS CG  CD2  doub Y N 141 
HIS ND1 CE1  doub Y N 142 
HIS ND1 HD1  sing N N 143 
HIS CD2 NE2  sing Y N 144 
HIS CD2 HD2  sing N N 145 
HIS CE1 NE2  sing Y N 146 
HIS CE1 HE1  sing N N 147 
HIS NE2 HE2  sing N N 148 
HIS OXT HXT  sing N N 149 
HOH O   H1   sing N N 150 
HOH O   H2   sing N N 151 
ILE N   CA   sing N N 152 
ILE N   H    sing N N 153 
ILE N   H2   sing N N 154 
ILE CA  C    sing N N 155 
ILE CA  CB   sing N N 156 
ILE CA  HA   sing N N 157 
ILE C   O    doub N N 158 
ILE C   OXT  sing N N 159 
ILE CB  CG1  sing N N 160 
ILE CB  CG2  sing N N 161 
ILE CB  HB   sing N N 162 
ILE CG1 CD1  sing N N 163 
ILE CG1 HG12 sing N N 164 
ILE CG1 HG13 sing N N 165 
ILE CG2 HG21 sing N N 166 
ILE CG2 HG22 sing N N 167 
ILE CG2 HG23 sing N N 168 
ILE CD1 HD11 sing N N 169 
ILE CD1 HD12 sing N N 170 
ILE CD1 HD13 sing N N 171 
ILE OXT HXT  sing N N 172 
LEU N   CA   sing N N 173 
LEU N   H    sing N N 174 
LEU N   H2   sing N N 175 
LEU CA  C    sing N N 176 
LEU CA  CB   sing N N 177 
LEU CA  HA   sing N N 178 
LEU C   O    doub N N 179 
LEU C   OXT  sing N N 180 
LEU CB  CG   sing N N 181 
LEU CB  HB2  sing N N 182 
LEU CB  HB3  sing N N 183 
LEU CG  CD1  sing N N 184 
LEU CG  CD2  sing N N 185 
LEU CG  HG   sing N N 186 
LEU CD1 HD11 sing N N 187 
LEU CD1 HD12 sing N N 188 
LEU CD1 HD13 sing N N 189 
LEU CD2 HD21 sing N N 190 
LEU CD2 HD22 sing N N 191 
LEU CD2 HD23 sing N N 192 
LEU OXT HXT  sing N N 193 
LYS N   CA   sing N N 194 
LYS N   H    sing N N 195 
LYS N   H2   sing N N 196 
LYS CA  C    sing N N 197 
LYS CA  CB   sing N N 198 
LYS CA  HA   sing N N 199 
LYS C   O    doub N N 200 
LYS C   OXT  sing N N 201 
LYS CB  CG   sing N N 202 
LYS CB  HB2  sing N N 203 
LYS CB  HB3  sing N N 204 
LYS CG  CD   sing N N 205 
LYS CG  HG2  sing N N 206 
LYS CG  HG3  sing N N 207 
LYS CD  CE   sing N N 208 
LYS CD  HD2  sing N N 209 
LYS CD  HD3  sing N N 210 
LYS CE  NZ   sing N N 211 
LYS CE  HE2  sing N N 212 
LYS CE  HE3  sing N N 213 
LYS NZ  HZ1  sing N N 214 
LYS NZ  HZ2  sing N N 215 
LYS NZ  HZ3  sing N N 216 
LYS OXT HXT  sing N N 217 
MET N   CA   sing N N 218 
MET N   H    sing N N 219 
MET N   H2   sing N N 220 
MET CA  C    sing N N 221 
MET CA  CB   sing N N 222 
MET CA  HA   sing N N 223 
MET C   O    doub N N 224 
MET C   OXT  sing N N 225 
MET CB  CG   sing N N 226 
MET CB  HB2  sing N N 227 
MET CB  HB3  sing N N 228 
MET CG  SD   sing N N 229 
MET CG  HG2  sing N N 230 
MET CG  HG3  sing N N 231 
MET SD  CE   sing N N 232 
MET CE  HE1  sing N N 233 
MET CE  HE2  sing N N 234 
MET CE  HE3  sing N N 235 
MET OXT HXT  sing N N 236 
PHE N   CA   sing N N 237 
PHE N   H    sing N N 238 
PHE N   H2   sing N N 239 
PHE CA  C    sing N N 240 
PHE CA  CB   sing N N 241 
PHE CA  HA   sing N N 242 
PHE C   O    doub N N 243 
PHE C   OXT  sing N N 244 
PHE CB  CG   sing N N 245 
PHE CB  HB2  sing N N 246 
PHE CB  HB3  sing N N 247 
PHE CG  CD1  doub Y N 248 
PHE CG  CD2  sing Y N 249 
PHE CD1 CE1  sing Y N 250 
PHE CD1 HD1  sing N N 251 
PHE CD2 CE2  doub Y N 252 
PHE CD2 HD2  sing N N 253 
PHE CE1 CZ   doub Y N 254 
PHE CE1 HE1  sing N N 255 
PHE CE2 CZ   sing Y N 256 
PHE CE2 HE2  sing N N 257 
PHE CZ  HZ   sing N N 258 
PHE OXT HXT  sing N N 259 
PRO N   CA   sing N N 260 
PRO N   CD   sing N N 261 
PRO N   H    sing N N 262 
PRO CA  C    sing N N 263 
PRO CA  CB   sing N N 264 
PRO CA  HA   sing N N 265 
PRO C   O    doub N N 266 
PRO C   OXT  sing N N 267 
PRO CB  CG   sing N N 268 
PRO CB  HB2  sing N N 269 
PRO CB  HB3  sing N N 270 
PRO CG  CD   sing N N 271 
PRO CG  HG2  sing N N 272 
PRO CG  HG3  sing N N 273 
PRO CD  HD2  sing N N 274 
PRO CD  HD3  sing N N 275 
PRO OXT HXT  sing N N 276 
SER N   CA   sing N N 277 
SER N   H    sing N N 278 
SER N   H2   sing N N 279 
SER CA  C    sing N N 280 
SER CA  CB   sing N N 281 
SER CA  HA   sing N N 282 
SER C   O    doub N N 283 
SER C   OXT  sing N N 284 
SER CB  OG   sing N N 285 
SER CB  HB2  sing N N 286 
SER CB  HB3  sing N N 287 
SER OG  HG   sing N N 288 
SER OXT HXT  sing N N 289 
THR N   CA   sing N N 290 
THR N   H    sing N N 291 
THR N   H2   sing N N 292 
THR CA  C    sing N N 293 
THR CA  CB   sing N N 294 
THR CA  HA   sing N N 295 
THR C   O    doub N N 296 
THR C   OXT  sing N N 297 
THR CB  OG1  sing N N 298 
THR CB  CG2  sing N N 299 
THR CB  HB   sing N N 300 
THR OG1 HG1  sing N N 301 
THR CG2 HG21 sing N N 302 
THR CG2 HG22 sing N N 303 
THR CG2 HG23 sing N N 304 
THR OXT HXT  sing N N 305 
TRP N   CA   sing N N 306 
TRP N   H    sing N N 307 
TRP N   H2   sing N N 308 
TRP CA  C    sing N N 309 
TRP CA  CB   sing N N 310 
TRP CA  HA   sing N N 311 
TRP C   O    doub N N 312 
TRP C   OXT  sing N N 313 
TRP CB  CG   sing N N 314 
TRP CB  HB2  sing N N 315 
TRP CB  HB3  sing N N 316 
TRP CG  CD1  doub Y N 317 
TRP CG  CD2  sing Y N 318 
TRP CD1 NE1  sing Y N 319 
TRP CD1 HD1  sing N N 320 
TRP CD2 CE2  doub Y N 321 
TRP CD2 CE3  sing Y N 322 
TRP NE1 CE2  sing Y N 323 
TRP NE1 HE1  sing N N 324 
TRP CE2 CZ2  sing Y N 325 
TRP CE3 CZ3  doub Y N 326 
TRP CE3 HE3  sing N N 327 
TRP CZ2 CH2  doub Y N 328 
TRP CZ2 HZ2  sing N N 329 
TRP CZ3 CH2  sing Y N 330 
TRP CZ3 HZ3  sing N N 331 
TRP CH2 HH2  sing N N 332 
TRP OXT HXT  sing N N 333 
TYR N   CA   sing N N 334 
TYR N   H    sing N N 335 
TYR N   H2   sing N N 336 
TYR CA  C    sing N N 337 
TYR CA  CB   sing N N 338 
TYR CA  HA   sing N N 339 
TYR C   O    doub N N 340 
TYR C   OXT  sing N N 341 
TYR CB  CG   sing N N 342 
TYR CB  HB2  sing N N 343 
TYR CB  HB3  sing N N 344 
TYR CG  CD1  doub Y N 345 
TYR CG  CD2  sing Y N 346 
TYR CD1 CE1  sing Y N 347 
TYR CD1 HD1  sing N N 348 
TYR CD2 CE2  doub Y N 349 
TYR CD2 HD2  sing N N 350 
TYR CE1 CZ   doub Y N 351 
TYR CE1 HE1  sing N N 352 
TYR CE2 CZ   sing Y N 353 
TYR CE2 HE2  sing N N 354 
TYR CZ  OH   sing N N 355 
TYR OH  HH   sing N N 356 
TYR OXT HXT  sing N N 357 
VAL N   CA   sing N N 358 
VAL N   H    sing N N 359 
VAL N   H2   sing N N 360 
VAL CA  C    sing N N 361 
VAL CA  CB   sing N N 362 
VAL CA  HA   sing N N 363 
VAL C   O    doub N N 364 
VAL C   OXT  sing N N 365 
VAL CB  CG1  sing N N 366 
VAL CB  CG2  sing N N 367 
VAL CB  HB   sing N N 368 
VAL CG1 HG11 sing N N 369 
VAL CG1 HG12 sing N N 370 
VAL CG1 HG13 sing N N 371 
VAL CG2 HG21 sing N N 372 
VAL CG2 HG22 sing N N 373 
VAL CG2 HG23 sing N N 374 
VAL OXT HXT  sing N N 375 
# 
_pdbx_initial_refinement_model.id               1 
_pdbx_initial_refinement_model.entity_id_list   ? 
_pdbx_initial_refinement_model.type             'experimental model' 
_pdbx_initial_refinement_model.source_name      PDB 
_pdbx_initial_refinement_model.accession_code   4IQY 
_pdbx_initial_refinement_model.details          'PDB ENTRY 4IQY' 
# 
_atom_sites.entry_id                    4UML 
_atom_sites.fract_transf_matrix[1][1]   0.01382323 
_atom_sites.fract_transf_matrix[1][2]   0.00174953 
_atom_sites.fract_transf_matrix[1][3]   -0.00226249 
_atom_sites.fract_transf_matrix[2][1]   0.00283149 
_atom_sites.fract_transf_matrix[2][2]   -0.00679830 
_atom_sites.fract_transf_matrix[2][3]   0.01204272 
_atom_sites.fract_transf_matrix[3][1]   0.00029262 
_atom_sites.fract_transf_matrix[3][2]   -0.00889358 
_atom_sites.fract_transf_matrix[3][3]   -0.00508936 
_atom_sites.fract_transf_vector[1]      0.358708 
_atom_sites.fract_transf_vector[2]      0.819121 
_atom_sites.fract_transf_vector[3]      0.017282 
# 
loop_
_atom_type.symbol 
C 
N 
O 
S 
# 
loop_
_atom_site.group_PDB 
_atom_site.id 
_atom_site.type_symbol 
_atom_site.label_atom_id 
_atom_site.label_alt_id 
_atom_site.label_comp_id 
_atom_site.label_asym_id 
_atom_site.label_entity_id 
_atom_site.label_seq_id 
_atom_site.pdbx_PDB_ins_code 
_atom_site.Cartn_x 
_atom_site.Cartn_y 
_atom_site.Cartn_z 
_atom_site.occupancy 
_atom_site.B_iso_or_equiv 
_atom_site.pdbx_formal_charge 
_atom_site.auth_seq_id 
_atom_site.auth_comp_id 
_atom_site.auth_asym_id 
_atom_site.auth_atom_id 
_atom_site.pdbx_PDB_model_num 
ATOM   1    N N   . PRO A 1 8   ? -15.369 -23.186 4.164   1.00 83.33 ? 7    PRO A N   1 
ATOM   2    C CA  . PRO A 1 8   ? -14.459 -22.565 3.197   1.00 84.10 ? 7    PRO A CA  1 
ATOM   3    C C   . PRO A 1 8   ? -13.778 -21.337 3.791   1.00 84.38 ? 7    PRO A C   1 
ATOM   4    O O   . PRO A 1 8   ? -14.301 -20.745 4.745   1.00 91.71 ? 7    PRO A O   1 
ATOM   5    C CB  . PRO A 1 8   ? -15.384 -22.168 2.033   1.00 82.31 ? 7    PRO A CB  1 
ATOM   6    C CG  . PRO A 1 8   ? -16.781 -22.528 2.466   1.00 85.40 ? 7    PRO A CG  1 
ATOM   7    C CD  . PRO A 1 8   ? -16.752 -22.748 3.947   1.00 83.11 ? 7    PRO A CD  1 
ATOM   8    N N   . SER A 1 9   ? -12.625 -20.962 3.241   1.00 76.72 ? 8    SER A N   1 
ATOM   9    C CA  . SER A 1 9   ? -11.842 -19.859 3.799   1.00 71.18 ? 8    SER A CA  1 
ATOM   10   C C   . SER A 1 9   ? -12.498 -18.486 3.556   1.00 64.52 ? 8    SER A C   1 
ATOM   11   O O   . SER A 1 9   ? -13.134 -18.231 2.523   1.00 53.44 ? 8    SER A O   1 
ATOM   12   C CB  . SER A 1 9   ? -10.389 -19.885 3.283   1.00 75.31 ? 8    SER A CB  1 
ATOM   13   O OG  . SER A 1 9   ? -10.300 -19.872 1.864   1.00 77.27 ? 8    SER A OG  1 
ATOM   14   N N   . GLN A 1 10  ? -12.349 -17.600 4.533   1.00 61.45 ? 9    GLN A N   1 
ATOM   15   C CA  . GLN A 1 10  ? -12.956 -16.279 4.436   1.00 59.72 ? 9    GLN A CA  1 
ATOM   16   C C   . GLN A 1 10  ? -12.023 -15.195 3.836   1.00 54.39 ? 9    GLN A C   1 
ATOM   17   O O   . GLN A 1 10  ? -12.397 -14.017 3.807   1.00 53.29 ? 9    GLN A O   1 
ATOM   18   C CB  . GLN A 1 10  ? -13.513 -15.871 5.816   1.00 61.49 ? 9    GLN A CB  1 
ATOM   19   C CG  . GLN A 1 10  ? -14.589 -16.820 6.354   1.00 61.94 ? 9    GLN A CG  1 
ATOM   20   C CD  . GLN A 1 10  ? -15.736 -17.012 5.369   1.00 60.55 ? 9    GLN A CD  1 
ATOM   21   O OE1 . GLN A 1 10  ? -15.867 -18.068 4.750   1.00 60.90 ? 9    GLN A OE1 1 
ATOM   22   N NE2 . GLN A 1 10  ? -16.538 -15.970 5.183   1.00 64.44 ? 9    GLN A NE2 1 
ATOM   23   N N   . PHE A 1 11  ? -10.848 -15.584 3.312   1.00 45.03 ? 10   PHE A N   1 
ATOM   24   C CA  . PHE A 1 11  ? -9.859  -14.601 2.841   1.00 39.27 ? 10   PHE A CA  1 
ATOM   25   C C   . PHE A 1 11  ? -9.397  -14.834 1.398   1.00 38.73 ? 10   PHE A C   1 
ATOM   26   O O   . PHE A 1 11  ? -9.762  -15.834 0.752   1.00 36.82 ? 10   PHE A O   1 
ATOM   27   C CB  . PHE A 1 11  ? -8.665  -14.560 3.806   1.00 38.17 ? 10   PHE A CB  1 
ATOM   28   C CG  . PHE A 1 11  ? -7.892  -15.855 3.898   1.00 38.69 ? 10   PHE A CG  1 
ATOM   29   C CD1 . PHE A 1 11  ? -6.848  -16.117 3.025   1.00 38.14 ? 10   PHE A CD1 1 
ATOM   30   C CD2 . PHE A 1 11  ? -8.194  -16.789 4.881   1.00 39.01 ? 10   PHE A CD2 1 
ATOM   31   C CE1 . PHE A 1 11  ? -6.135  -17.298 3.094   1.00 39.87 ? 10   PHE A CE1 1 
ATOM   32   C CE2 . PHE A 1 11  ? -7.485  -17.974 4.969   1.00 42.06 ? 10   PHE A CE2 1 
ATOM   33   C CZ  . PHE A 1 11  ? -6.457  -18.235 4.071   1.00 42.50 ? 10   PHE A CZ  1 
ATOM   34   N N   . VAL A 1 12  ? -8.612  -13.893 0.888   1.00 31.37 ? 11   VAL A N   1 
ATOM   35   C CA  . VAL A 1 12  ? -8.076  -13.956 -0.456  1.00 32.41 ? 11   VAL A CA  1 
ATOM   36   C C   . VAL A 1 12  ? -6.595  -14.305 -0.393  1.00 34.04 ? 11   VAL A C   1 
ATOM   37   O O   . VAL A 1 12  ? -5.797  -13.604 0.243   1.00 29.93 ? 11   VAL A O   1 
ATOM   38   C CB  . VAL A 1 12  ? -8.290  -12.619 -1.180  1.00 34.46 ? 11   VAL A CB  1 
ATOM   39   C CG1 . VAL A 1 12  ? -7.491  -12.554 -2.477  1.00 35.40 ? 11   VAL A CG1 1 
ATOM   40   C CG2 . VAL A 1 12  ? -9.775  -12.406 -1.419  1.00 34.74 ? 11   VAL A CG2 1 
ATOM   41   N N   . ASP A 1 13  ? -6.229  -15.416 -1.031  1.00 31.31 ? 12   ASP A N   1 
ATOM   42   C CA  . ASP A 1 13  ? -4.876  -15.903 -0.968  1.00 32.48 ? 12   ASP A CA  1 
ATOM   43   C C   . ASP A 1 13  ? -4.035  -15.198 -2.001  1.00 31.90 ? 12   ASP A C   1 
ATOM   44   O O   . ASP A 1 13  ? -4.326  -15.279 -3.191  1.00 33.37 ? 12   ASP A O   1 
ATOM   45   C CB  . ASP A 1 13  ? -4.840  -17.416 -1.211  1.00 32.46 ? 12   ASP A CB  1 
ATOM   46   C CG  . ASP A 1 13  ? -3.460  -18.012 -1.099  1.00 32.91 ? 12   ASP A CG  1 
ATOM   47   O OD1 . ASP A 1 13  ? -2.442  -17.346 -0.733  1.00 31.87 ? 12   ASP A OD1 1 
ATOM   48   O OD2 . ASP A 1 13  ? -3.386  -19.222 -1.394  1.00 39.68 ? 12   ASP A OD2 1 
ATOM   49   N N   . VAL A 1 14  ? -2.970  -14.545 -1.552  1.00 31.96 ? 13   VAL A N   1 
ATOM   50   C CA  . VAL A 1 14  ? -2.110  -13.783 -2.449  1.00 36.17 ? 13   VAL A CA  1 
ATOM   51   C C   . VAL A 1 14  ? -1.449  -14.689 -3.525  1.00 38.04 ? 13   VAL A C   1 
ATOM   52   O O   . VAL A 1 14  ? -1.136  -14.228 -4.626  1.00 34.90 ? 13   VAL A O   1 
ATOM   53   C CB  . VAL A 1 14  ? -1.094  -12.915 -1.680  1.00 35.41 ? 13   VAL A CB  1 
ATOM   54   C CG1 . VAL A 1 14  ? -0.150  -13.765 -0.820  1.00 39.29 ? 13   VAL A CG1 1 
ATOM   55   C CG2 . VAL A 1 14  ? -0.293  -12.058 -2.646  1.00 37.81 ? 13   VAL A CG2 1 
ATOM   56   N N   . ASP A 1 15  ? -1.292  -15.975 -3.218  1.00 39.58 ? 14   ASP A N   1 
ATOM   57   C CA  . ASP A 1 15  ? -0.738  -16.950 -4.183  1.00 40.08 ? 14   ASP A CA  1 
ATOM   58   C C   . ASP A 1 15  ? -1.574  -17.182 -5.410  1.00 36.67 ? 14   ASP A C   1 
ATOM   59   O O   . ASP A 1 15  ? -1.025  -17.521 -6.440  1.00 42.51 ? 14   ASP A O   1 
ATOM   60   C CB  . ASP A 1 15  ? -0.542  -18.303 -3.522  1.00 40.69 ? 14   ASP A CB  1 
ATOM   61   C CG  . ASP A 1 15  ? 0.629   -18.324 -2.596  1.00 45.54 ? 14   ASP A CG  1 
ATOM   62   O OD1 . ASP A 1 15  ? 1.393   -17.329 -2.598  1.00 48.65 ? 14   ASP A OD1 1 
ATOM   63   O OD2 . ASP A 1 15  ? 0.784   -19.344 -1.868  1.00 47.92 ? 14   ASP A OD2 1 
ATOM   64   N N   . THR A 1 16  ? -2.890  -17.063 -5.295  1.00 37.40 ? 15   THR A N   1 
ATOM   65   C CA  . THR A 1 16  ? -3.766  -17.228 -6.441  1.00 41.35 ? 15   THR A CA  1 
ATOM   66   C C   . THR A 1 16  ? -3.808  -16.005 -7.376  1.00 41.27 ? 15   THR A C   1 
ATOM   67   O O   . THR A 1 16  ? -4.421  -16.074 -8.439  1.00 35.44 ? 15   THR A O   1 
ATOM   68   C CB  . THR A 1 16  ? -5.214  -17.535 -6.016  1.00 44.85 ? 15   THR A CB  1 
ATOM   69   O OG1 . THR A 1 16  ? -5.751  -16.433 -5.260  1.00 46.07 ? 15   THR A OG1 1 
ATOM   70   C CG2 . THR A 1 16  ? -5.271  -18.839 -5.201  1.00 46.44 ? 15   THR A CG2 1 
ATOM   71   N N   . LEU A 1 17  ? -3.208  -14.880 -6.975  1.00 38.58 ? 16   LEU A N   1 
ATOM   72   C CA  . LEU A 1 17  ? -3.427  -13.633 -7.709  1.00 36.68 ? 16   LEU A CA  1 
ATOM   73   C C   . LEU A 1 17  ? -2.413  -13.534 -8.827  1.00 34.40 ? 16   LEU A C   1 
ATOM   74   O O   . LEU A 1 17  ? -1.213  -13.660 -8.588  1.00 34.93 ? 16   LEU A O   1 
ATOM   75   C CB  . LEU A 1 17  ? -3.359  -12.396 -6.767  1.00 35.29 ? 16   LEU A CB  1 
ATOM   76   C CG  . LEU A 1 17  ? -4.382  -12.387 -5.627  1.00 34.93 ? 16   LEU A CG  1 
ATOM   77   C CD1 . LEU A 1 17  ? -4.347  -11.077 -4.818  1.00 34.02 ? 16   LEU A CD1 1 
ATOM   78   C CD2 . LEU A 1 17  ? -5.787  -12.648 -6.164  1.00 35.68 ? 16   LEU A CD2 1 
ATOM   79   N N   . PRO A 1 18  ? -2.883  -13.289 -10.063 1.00 34.01 ? 17   PRO A N   1 
ATOM   80   C CA  . PRO A 1 18  ? -1.900  -13.133 -11.127 1.00 35.42 ? 17   PRO A CA  1 
ATOM   81   C C   . PRO A 1 18  ? -1.022  -11.869 -11.002 1.00 33.99 ? 17   PRO A C   1 
ATOM   82   O O   . PRO A 1 18  ? -1.512  -10.761 -10.749 1.00 36.82 ? 17   PRO A O   1 
ATOM   83   C CB  . PRO A 1 18  ? -2.762  -13.130 -12.393 1.00 36.88 ? 17   PRO A CB  1 
ATOM   84   C CG  . PRO A 1 18  ? -4.084  -12.604 -11.940 1.00 37.36 ? 17   PRO A CG  1 
ATOM   85   C CD  . PRO A 1 18  ? -4.263  -13.121 -10.543 1.00 35.18 ? 17   PRO A CD  1 
ATOM   86   N N   . SER A 1 19  ? 0.266   -12.100 -11.153 1.00 35.14 ? 18   SER A N   1 
ATOM   87   C CA  . SER A 1 19  ? 1.341   -11.132 -11.060 1.00 39.11 ? 18   SER A CA  1 
ATOM   88   C C   . SER A 1 19  ? 1.353   -10.264 -12.319 1.00 41.72 ? 18   SER A C   1 
ATOM   89   O O   . SER A 1 19  ? 0.882   -10.701 -13.369 1.00 37.93 ? 18   SER A O   1 
ATOM   90   C CB  . SER A 1 19  ? 2.650   -11.923 -11.011 1.00 44.84 ? 18   SER A CB  1 
ATOM   91   O OG  . SER A 1 19  ? 3.690   -11.201 -10.393 1.00 57.33 ? 18   SER A OG  1 
ATOM   92   N N   . TRP A 1 20  ? 1.917   -9.058  -12.237 1.00 41.31 ? 19   TRP A N   1 
ATOM   93   C CA  . TRP A 1 20  ? 2.073   -8.182  -13.415 1.00 41.60 ? 19   TRP A CA  1 
ATOM   94   C C   . TRP A 1 20  ? 3.006   -8.840  -14.454 1.00 42.62 ? 19   TRP A C   1 
ATOM   95   O O   . TRP A 1 20  ? 2.745   -8.789  -15.664 1.00 44.76 ? 19   TRP A O   1 
ATOM   96   C CB  . TRP A 1 20  ? 2.584   -6.793  -12.987 1.00 40.07 ? 19   TRP A CB  1 
ATOM   97   C CG  . TRP A 1 20  ? 2.829   -5.843  -14.119 1.00 36.09 ? 19   TRP A CG  1 
ATOM   98   C CD1 . TRP A 1 20  ? 4.046   -5.445  -14.606 1.00 35.90 ? 19   TRP A CD1 1 
ATOM   99   C CD2 . TRP A 1 20  ? 1.841   -5.153  -14.884 1.00 36.94 ? 19   TRP A CD2 1 
ATOM   100  N NE1 . TRP A 1 20  ? 3.872   -4.554  -15.648 1.00 36.77 ? 19   TRP A NE1 1 
ATOM   101  C CE2 . TRP A 1 20  ? 2.528   -4.356  -15.835 1.00 37.63 ? 19   TRP A CE2 1 
ATOM   102  C CE3 . TRP A 1 20  ? 0.441   -5.141  -14.874 1.00 38.80 ? 19   TRP A CE3 1 
ATOM   103  C CZ2 . TRP A 1 20  ? 1.858   -3.566  -16.764 1.00 39.37 ? 19   TRP A CZ2 1 
ATOM   104  C CZ3 . TRP A 1 20  ? -0.224  -4.352  -15.782 1.00 41.89 ? 19   TRP A CZ3 1 
ATOM   105  C CH2 . TRP A 1 20  ? 0.488   -3.562  -16.716 1.00 42.43 ? 19   TRP A CH2 1 
ATOM   106  N N   . GLY A 1 21  ? 4.062   -9.488  -13.967 1.00 47.59 ? 20   GLY A N   1 
ATOM   107  C CA  . GLY A 1 21  ? 4.924   -10.311 -14.810 1.00 52.75 ? 20   GLY A CA  1 
ATOM   108  C C   . GLY A 1 21  ? 4.279   -11.536 -15.477 1.00 59.52 ? 20   GLY A C   1 
ATOM   109  O O   . GLY A 1 21  ? 4.956   -12.234 -16.215 1.00 61.64 ? 20   GLY A O   1 
ATOM   110  N N   . ASP A 1 22  ? 2.996   -11.811 -15.217 1.00 64.91 ? 21   ASP A N   1 
ATOM   111  C CA  . ASP A 1 22  ? 2.241   -12.858 -15.919 1.00 67.44 ? 21   ASP A CA  1 
ATOM   112  C C   . ASP A 1 22  ? 1.357   -12.284 -17.044 1.00 70.36 ? 21   ASP A C   1 
ATOM   113  O O   . ASP A 1 22  ? 1.294   -12.866 -18.118 1.00 72.47 ? 21   ASP A O   1 
ATOM   114  C CB  . ASP A 1 22  ? 1.366   -13.667 -14.933 1.00 68.99 ? 21   ASP A CB  1 
ATOM   115  C CG  . ASP A 1 22  ? 2.180   -14.327 -13.803 1.00 72.13 ? 21   ASP A CG  1 
ATOM   116  O OD1 . ASP A 1 22  ? 3.347   -14.731 -14.050 1.00 64.95 ? 21   ASP A OD1 1 
ATOM   117  O OD2 . ASP A 1 22  ? 1.641   -14.449 -12.667 1.00 71.58 ? 21   ASP A OD2 1 
ATOM   118  N N   . SER A 1 23  ? 0.684   -11.154 -16.814 1.00 70.81 ? 22   SER A N   1 
ATOM   119  C CA  . SER A 1 23  ? -0.314  -10.643 -17.774 1.00 69.95 ? 22   SER A CA  1 
ATOM   120  C C   . SER A 1 23  ? 0.284   -10.292 -19.130 1.00 70.95 ? 22   SER A C   1 
ATOM   121  O O   . SER A 1 23  ? -0.434  -10.244 -20.128 1.00 72.16 ? 22   SER A O   1 
ATOM   122  C CB  . SER A 1 23  ? -1.040  -9.420  -17.213 1.00 66.19 ? 22   SER A CB  1 
ATOM   123  N N   . ARG A 1 44  ? 6.785   4.831   -23.702 1.00 72.92 ? 43   ARG A N   1 
ATOM   124  C CA  . ARG A 1 44  ? 8.159   5.330   -23.689 1.00 75.72 ? 43   ARG A CA  1 
ATOM   125  C C   . ARG A 1 44  ? 8.627   5.698   -22.272 1.00 74.93 ? 43   ARG A C   1 
ATOM   126  O O   . ARG A 1 44  ? 8.546   6.866   -21.896 1.00 76.64 ? 43   ARG A O   1 
ATOM   127  C CB  . ARG A 1 44  ? 8.262   6.562   -24.600 1.00 73.96 ? 43   ARG A CB  1 
ATOM   128  N N   . SER A 1 45  ? 9.112   4.716   -21.498 1.00 72.09 ? 44   SER A N   1 
ATOM   129  C CA  . SER A 1 45  ? 9.550   4.947   -20.091 1.00 66.98 ? 44   SER A CA  1 
ATOM   130  C C   . SER A 1 45  ? 11.063  4.896   -19.911 1.00 58.74 ? 44   SER A C   1 
ATOM   131  O O   . SER A 1 45  ? 11.759  4.269   -20.700 1.00 61.36 ? 44   SER A O   1 
ATOM   132  C CB  . SER A 1 45  ? 8.917   3.917   -19.135 1.00 68.21 ? 44   SER A CB  1 
ATOM   133  O OG  . SER A 1 45  ? 9.778   2.820   -18.851 1.00 68.33 ? 44   SER A OG  1 
ATOM   134  N N   . PRO A 1 46  ? 11.576  5.534   -18.849 1.00 56.74 ? 45   PRO A N   1 
ATOM   135  C CA  . PRO A 1 46  ? 13.012  5.482   -18.548 1.00 53.99 ? 45   PRO A CA  1 
ATOM   136  C C   . PRO A 1 46  ? 13.438  4.188   -17.868 1.00 52.53 ? 45   PRO A C   1 
ATOM   137  O O   . PRO A 1 46  ? 14.624  3.833   -17.866 1.00 52.38 ? 45   PRO A O   1 
ATOM   138  C CB  . PRO A 1 46  ? 13.191  6.639   -17.578 1.00 58.25 ? 45   PRO A CB  1 
ATOM   139  C CG  . PRO A 1 46  ? 11.893  6.678   -16.834 1.00 59.43 ? 45   PRO A CG  1 
ATOM   140  C CD  . PRO A 1 46  ? 10.832  6.302   -17.832 1.00 57.56 ? 45   PRO A CD  1 
ATOM   141  N N   . PHE A 1 47  ? 12.474  3.490   -17.280 1.00 49.76 ? 46   PHE A N   1 
ATOM   142  C CA  . PHE A 1 47  ? 12.752  2.265   -16.561 1.00 46.65 ? 46   PHE A CA  1 
ATOM   143  C C   . PHE A 1 47  ? 13.016  1.117   -17.531 1.00 47.16 ? 46   PHE A C   1 
ATOM   144  O O   . PHE A 1 47  ? 12.359  0.993   -18.546 1.00 46.37 ? 46   PHE A O   1 
ATOM   145  C CB  . PHE A 1 47  ? 11.592  1.942   -15.601 1.00 46.52 ? 46   PHE A CB  1 
ATOM   146  C CG  . PHE A 1 47  ? 11.511  2.894   -14.447 1.00 42.51 ? 46   PHE A CG  1 
ATOM   147  C CD1 . PHE A 1 47  ? 12.263  2.665   -13.298 1.00 42.25 ? 46   PHE A CD1 1 
ATOM   148  C CD2 . PHE A 1 47  ? 10.764  4.045   -14.543 1.00 43.86 ? 46   PHE A CD2 1 
ATOM   149  C CE1 . PHE A 1 47  ? 12.225  3.555   -12.242 1.00 43.52 ? 46   PHE A CE1 1 
ATOM   150  C CE2 . PHE A 1 47  ? 10.733  4.959   -13.495 1.00 44.57 ? 46   PHE A CE2 1 
ATOM   151  C CZ  . PHE A 1 47  ? 11.467  4.709   -12.343 1.00 43.95 ? 46   PHE A CZ  1 
ATOM   152  N N   . LEU A 1 48  ? 14.001  0.300   -17.197 1.00 49.31 ? 47   LEU A N   1 
ATOM   153  C CA  . LEU A 1 48  ? 14.337  -0.877  -17.982 1.00 57.87 ? 47   LEU A CA  1 
ATOM   154  C C   . LEU A 1 48  ? 13.455  -2.072  -17.573 1.00 59.28 ? 47   LEU A C   1 
ATOM   155  O O   . LEU A 1 48  ? 13.129  -2.267  -16.388 1.00 52.76 ? 47   LEU A O   1 
ATOM   156  C CB  . LEU A 1 48  ? 15.828  -1.230  -17.794 1.00 63.79 ? 47   LEU A CB  1 
ATOM   157  C CG  . LEU A 1 48  ? 16.861  -0.085  -17.935 1.00 69.24 ? 47   LEU A CG  1 
ATOM   158  C CD1 . LEU A 1 48  ? 18.271  -0.567  -17.588 1.00 66.91 ? 47   LEU A CD1 1 
ATOM   159  C CD2 . LEU A 1 48  ? 16.810  0.567   -19.327 1.00 70.54 ? 47   LEU A CD2 1 
ATOM   160  N N   . TYR A 1 49  ? 13.055  -2.855  -18.569 1.00 57.88 ? 48   TYR A N   1 
ATOM   161  C CA  . TYR A 1 49  ? 12.502  -4.184  -18.342 1.00 56.43 ? 48   TYR A CA  1 
ATOM   162  C C   . TYR A 1 49  ? 13.260  -4.900  -17.224 1.00 54.84 ? 48   TYR A C   1 
ATOM   163  O O   . TYR A 1 49  ? 14.490  -4.966  -17.244 1.00 51.11 ? 48   TYR A O   1 
ATOM   164  C CB  . TYR A 1 49  ? 12.621  -5.029  -19.612 1.00 56.38 ? 48   TYR A CB  1 
ATOM   165  C CG  . TYR A 1 49  ? 12.199  -6.454  -19.397 1.00 54.64 ? 48   TYR A CG  1 
ATOM   166  C CD1 . TYR A 1 49  ? 10.860  -6.766  -19.296 1.00 56.17 ? 48   TYR A CD1 1 
ATOM   167  C CD2 . TYR A 1 49  ? 13.138  -7.488  -19.274 1.00 54.53 ? 48   TYR A CD2 1 
ATOM   168  C CE1 . TYR A 1 49  ? 10.444  -8.069  -19.091 1.00 60.88 ? 48   TYR A CE1 1 
ATOM   169  C CE2 . TYR A 1 49  ? 12.730  -8.799  -19.064 1.00 56.90 ? 48   TYR A CE2 1 
ATOM   170  C CZ  . TYR A 1 49  ? 11.370  -9.078  -18.975 1.00 58.52 ? 48   TYR A CZ  1 
ATOM   171  O OH  . TYR A 1 49  ? 10.873  -10.337 -18.765 1.00 57.30 ? 48   TYR A OH  1 
ATOM   172  N N   . ASN A 1 50  ? 12.535  -5.428  -16.245 1.00 50.28 ? 49   ASN A N   1 
ATOM   173  C CA  . ASN A 1 50  ? 13.174  -6.207  -15.179 1.00 48.91 ? 49   ASN A CA  1 
ATOM   174  C C   . ASN A 1 50  ? 12.210  -7.305  -14.744 1.00 49.77 ? 49   ASN A C   1 
ATOM   175  O O   . ASN A 1 50  ? 11.268  -7.058  -13.985 1.00 47.27 ? 49   ASN A O   1 
ATOM   176  C CB  . ASN A 1 50  ? 13.579  -5.289  -14.031 1.00 47.29 ? 49   ASN A CB  1 
ATOM   177  C CG  . ASN A 1 50  ? 14.192  -6.036  -12.867 1.00 45.54 ? 49   ASN A CG  1 
ATOM   178  O OD1 . ASN A 1 50  ? 13.934  -7.218  -12.659 1.00 45.99 ? 49   ASN A OD1 1 
ATOM   179  N ND2 . ASN A 1 50  ? 14.971  -5.335  -12.078 1.00 45.91 ? 49   ASN A ND2 1 
ATOM   180  N N   . LYS A 1 51  ? 12.441  -8.507  -15.273 1.00 49.16 ? 50   LYS A N   1 
ATOM   181  C CA  . LYS A 1 51  ? 11.518  -9.643  -15.134 1.00 52.28 ? 50   LYS A CA  1 
ATOM   182  C C   . LYS A 1 51  ? 11.249  -9.990  -13.677 1.00 48.11 ? 50   LYS A C   1 
ATOM   183  O O   . LYS A 1 51  ? 10.129  -10.320 -13.284 1.00 48.85 ? 50   LYS A O   1 
ATOM   184  C CB  . LYS A 1 51  ? 12.110  -10.881 -15.832 1.00 57.00 ? 50   LYS A CB  1 
ATOM   185  C CG  . LYS A 1 51  ? 11.317  -12.156 -15.595 1.00 60.72 ? 50   LYS A CG  1 
ATOM   186  C CD  . LYS A 1 51  ? 11.607  -13.229 -16.631 1.00 64.50 ? 50   LYS A CD  1 
ATOM   187  C CE  . LYS A 1 51  ? 10.415  -14.165 -16.736 1.00 67.18 ? 50   LYS A CE  1 
ATOM   188  N NZ  . LYS A 1 51  ? 10.669  -15.289 -17.677 1.00 74.36 ? 50   LYS A NZ  1 
ATOM   189  N N   . ASP A 1 52  ? 12.321  -9.954  -12.913 1.00 47.16 ? 51   ASP A N   1 
ATOM   190  C CA  . ASP A 1 52  ? 12.319  -10.325 -11.520 1.00 52.38 ? 51   ASP A CA  1 
ATOM   191  C C   . ASP A 1 52  ? 11.410  -9.377  -10.702 1.00 50.90 ? 51   ASP A C   1 
ATOM   192  O O   . ASP A 1 52  ? 10.587  -9.822  -9.911  1.00 45.78 ? 51   ASP A O   1 
ATOM   193  C CB  . ASP A 1 52  ? 13.766  -10.286 -11.019 1.00 57.92 ? 51   ASP A CB  1 
ATOM   194  C CG  . ASP A 1 52  ? 13.885  -10.537 -9.542  1.00 64.29 ? 51   ASP A CG  1 
ATOM   195  O OD1 . ASP A 1 52  ? 13.784  -11.709 -9.123  1.00 72.44 ? 51   ASP A OD1 1 
ATOM   196  O OD2 . ASP A 1 52  ? 14.093  -9.555  -8.798  1.00 66.92 ? 51   ASP A OD2 1 
ATOM   197  N N   . VAL A 1 53  ? 11.557  -8.075  -10.922 1.00 48.52 ? 52   VAL A N   1 
ATOM   198  C CA  . VAL A 1 53  ? 10.731  -7.056  -10.253 1.00 45.01 ? 52   VAL A CA  1 
ATOM   199  C C   . VAL A 1 53  ? 9.261   -7.166  -10.677 1.00 42.31 ? 52   VAL A C   1 
ATOM   200  O O   . VAL A 1 53  ? 8.351   -7.094  -9.836  1.00 40.98 ? 52   VAL A O   1 
ATOM   201  C CB  . VAL A 1 53  ? 11.315  -5.649  -10.516 1.00 46.09 ? 52   VAL A CB  1 
ATOM   202  C CG1 . VAL A 1 53  ? 10.367  -4.550  -10.089 1.00 45.99 ? 52   VAL A CG1 1 
ATOM   203  C CG2 . VAL A 1 53  ? 12.638  -5.509  -9.784  1.00 46.28 ? 52   VAL A CG2 1 
ATOM   204  N N   . ASN A 1 54  ? 9.020   -7.394  -11.967 1.00 37.98 ? 53   ASN A N   1 
ATOM   205  C CA  . ASN A 1 54  ? 7.665   -7.518  -12.473 1.00 37.12 ? 53   ASN A CA  1 
ATOM   206  C C   . ASN A 1 54  ? 6.886   -8.661  -11.893 1.00 37.50 ? 53   ASN A C   1 
ATOM   207  O O   . ASN A 1 54  ? 5.653   -8.601  -11.862 1.00 32.56 ? 53   ASN A O   1 
ATOM   208  C CB  . ASN A 1 54  ? 7.655   -7.721  -13.984 1.00 39.73 ? 53   ASN A CB  1 
ATOM   209  C CG  . ASN A 1 54  ? 7.985   -6.459  -14.754 1.00 41.91 ? 53   ASN A CG  1 
ATOM   210  O OD1 . ASN A 1 54  ? 8.383   -5.422  -14.187 1.00 41.07 ? 53   ASN A OD1 1 
ATOM   211  N ND2 . ASN A 1 54  ? 7.819   -6.539  -16.064 1.00 43.56 ? 53   ASN A ND2 1 
ATOM   212  N N   . GLY A 1 55  ? 7.598   -9.738  -11.548 1.00 36.76 ? 54   GLY A N   1 
ATOM   213  C CA  . GLY A 1 55  ? 6.991   -10.930 -10.982 1.00 39.20 ? 54   GLY A CA  1 
ATOM   214  C C   . GLY A 1 55  ? 6.510   -10.733 -9.543  1.00 36.23 ? 54   GLY A C   1 
ATOM   215  O O   . GLY A 1 55  ? 5.687   -11.499 -9.064  1.00 37.60 ? 54   GLY A O   1 
ATOM   216  N N   . LYS A 1 56  ? 7.002   -9.683  -8.894  1.00 35.21 ? 55   LYS A N   1 
ATOM   217  C CA  . LYS A 1 56  ? 6.620   -9.338  -7.522  1.00 34.46 ? 55   LYS A CA  1 
ATOM   218  C C   . LYS A 1 56  ? 5.434   -8.395  -7.407  1.00 34.96 ? 55   LYS A C   1 
ATOM   219  O O   . LYS A 1 56  ? 4.857   -8.253  -6.338  1.00 39.88 ? 55   LYS A O   1 
ATOM   220  C CB  . LYS A 1 56  ? 7.807   -8.725  -6.832  1.00 33.71 ? 55   LYS A CB  1 
ATOM   221  C CG  . LYS A 1 56  ? 8.981   -9.683  -6.839  1.00 37.77 ? 55   LYS A CG  1 
ATOM   222  C CD  . LYS A 1 56  ? 10.221  -9.061  -6.249  1.00 41.37 ? 55   LYS A CD  1 
ATOM   223  C CE  . LYS A 1 56  ? 11.310  -10.121 -6.137  1.00 46.70 ? 55   LYS A CE  1 
ATOM   224  N NZ  . LYS A 1 56  ? 12.329  -9.723  -5.142  1.00 50.09 ? 55   LYS A NZ  1 
ATOM   225  N N   . VAL A 1 57  ? 5.055   -7.758  -8.501  1.00 33.01 ? 56   VAL A N   1 
ATOM   226  C CA  . VAL A 1 57  ? 3.994   -6.780  -8.478  1.00 33.44 ? 56   VAL A CA  1 
ATOM   227  C C   . VAL A 1 57  ? 2.682   -7.423  -8.876  1.00 33.32 ? 56   VAL A C   1 
ATOM   228  O O   . VAL A 1 57  ? 2.628   -8.183  -9.854  1.00 35.42 ? 56   VAL A O   1 
ATOM   229  C CB  . VAL A 1 57  ? 4.289   -5.643  -9.469  1.00 34.45 ? 56   VAL A CB  1 
ATOM   230  C CG1 . VAL A 1 57  ? 3.075   -4.739  -9.623  1.00 36.28 ? 56   VAL A CG1 1 
ATOM   231  C CG2 . VAL A 1 57  ? 5.478   -4.863  -8.982  1.00 34.90 ? 56   VAL A CG2 1 
ATOM   232  N N   . VAL A 1 58  ? 1.635   -7.108  -8.121  1.00 27.35 ? 57   VAL A N   1 
ATOM   233  C CA  . VAL A 1 58  ? 0.304   -7.571  -8.375  1.00 28.45 ? 57   VAL A CA  1 
ATOM   234  C C   . VAL A 1 58  ? -0.688  -6.393  -8.321  1.00 29.72 ? 57   VAL A C   1 
ATOM   235  O O   . VAL A 1 58  ? -0.704  -5.609  -7.358  1.00 27.28 ? 57   VAL A O   1 
ATOM   236  C CB  . VAL A 1 58  ? -0.116  -8.616  -7.313  1.00 28.58 ? 57   VAL A CB  1 
ATOM   237  C CG1 . VAL A 1 58  ? -1.521  -9.096  -7.571  1.00 26.57 ? 57   VAL A CG1 1 
ATOM   238  C CG2 . VAL A 1 58  ? 0.883   -9.770  -7.224  1.00 29.29 ? 57   VAL A CG2 1 
ATOM   239  N N   . LEU A 1 59  ? -1.527  -6.272  -9.349  1.00 31.84 ? 58   LEU A N   1 
ATOM   240  C CA  . LEU A 1 59  ? -2.659  -5.361  -9.310  1.00 31.08 ? 58   LEU A CA  1 
ATOM   241  C C   . LEU A 1 59  ? -3.942  -6.146  -9.090  1.00 32.78 ? 58   LEU A C   1 
ATOM   242  O O   . LEU A 1 59  ? -4.258  -7.055  -9.856  1.00 30.09 ? 58   LEU A O   1 
ATOM   243  C CB  . LEU A 1 59  ? -2.767  -4.581  -10.610 1.00 32.11 ? 58   LEU A CB  1 
ATOM   244  C CG  . LEU A 1 59  ? -3.954  -3.612  -10.727 1.00 32.60 ? 58   LEU A CG  1 
ATOM   245  C CD1 . LEU A 1 59  ? -3.878  -2.507  -9.705  1.00 34.27 ? 58   LEU A CD1 1 
ATOM   246  C CD2 . LEU A 1 59  ? -4.009  -2.982  -12.114 1.00 36.00 ? 58   LEU A CD2 1 
ATOM   247  N N   . TRP A 1 60  ? -4.701  -5.788  -8.059  1.00 28.55 ? 59   TRP A N   1 
ATOM   248  C CA  . TRP A 1 60  ? -5.861  -6.574  -7.693  1.00 29.99 ? 59   TRP A CA  1 
ATOM   249  C C   . TRP A 1 60  ? -6.979  -5.667  -7.330  1.00 30.85 ? 59   TRP A C   1 
ATOM   250  O O   . TRP A 1 60  ? -6.836  -4.841  -6.410  1.00 29.12 ? 59   TRP A O   1 
ATOM   251  C CB  . TRP A 1 60  ? -5.545  -7.458  -6.498  1.00 28.73 ? 59   TRP A CB  1 
ATOM   252  C CG  . TRP A 1 60  ? -6.693  -8.219  -5.994  1.00 29.83 ? 59   TRP A CG  1 
ATOM   253  C CD1 . TRP A 1 60  ? -7.368  -9.223  -6.666  1.00 32.33 ? 59   TRP A CD1 1 
ATOM   254  C CD2 . TRP A 1 60  ? -7.315  -8.103  -4.711  1.00 28.52 ? 59   TRP A CD2 1 
ATOM   255  N NE1 . TRP A 1 60  ? -8.379  -9.714  -5.871  1.00 31.10 ? 59   TRP A NE1 1 
ATOM   256  C CE2 . TRP A 1 60  ? -8.353  -9.061  -4.662  1.00 30.67 ? 59   TRP A CE2 1 
ATOM   257  C CE3 . TRP A 1 60  ? -7.092  -7.289  -3.590  1.00 29.45 ? 59   TRP A CE3 1 
ATOM   258  C CZ2 . TRP A 1 60  ? -9.179  -9.205  -3.550  1.00 30.26 ? 59   TRP A CZ2 1 
ATOM   259  C CZ3 . TRP A 1 60  ? -7.890  -7.439  -2.486  1.00 29.11 ? 59   TRP A CZ3 1 
ATOM   260  C CH2 . TRP A 1 60  ? -8.919  -8.402  -2.460  1.00 30.71 ? 59   TRP A CH2 1 
ATOM   261  N N   . LYS A 1 61  ? -8.107  -5.802  -8.024  1.00 30.60 ? 60   LYS A N   1 
ATOM   262  C CA  . LYS A 1 61  ? -9.285  -5.048  -7.635  1.00 32.02 ? 60   LYS A CA  1 
ATOM   263  C C   . LYS A 1 61  ? -10.021 -5.773  -6.521  1.00 32.52 ? 60   LYS A C   1 
ATOM   264  O O   . LYS A 1 61  ? -10.593 -6.829  -6.742  1.00 32.02 ? 60   LYS A O   1 
ATOM   265  C CB  . LYS A 1 61  ? -10.228 -4.802  -8.826  1.00 37.48 ? 60   LYS A CB  1 
ATOM   266  C CG  . LYS A 1 61  ? -11.434 -3.955  -8.426  1.00 43.37 ? 60   LYS A CG  1 
ATOM   267  C CD  . LYS A 1 61  ? -12.017 -3.208  -9.612  1.00 50.55 ? 60   LYS A CD  1 
ATOM   268  C CE  . LYS A 1 61  ? -12.758 -4.144  -10.554 1.00 55.11 ? 60   LYS A CE  1 
ATOM   269  N NZ  . LYS A 1 61  ? -13.950 -4.722  -9.871  1.00 59.93 ? 60   LYS A NZ  1 
ATOM   270  N N   . GLY A 1 62  ? -9.988  -5.227  -5.311  1.00 30.61 ? 61   GLY A N   1 
ATOM   271  C CA  . GLY A 1 62  ? -10.630 -5.876  -4.160  1.00 31.73 ? 61   GLY A CA  1 
ATOM   272  C C   . GLY A 1 62  ? -10.332 -5.153  -2.869  1.00 30.31 ? 61   GLY A C   1 
ATOM   273  O O   . GLY A 1 62  ? -9.585  -4.168  -2.865  1.00 29.89 ? 61   GLY A O   1 
ATOM   274  N N   . ASP A 1 63  ? -10.903 -5.655  -1.779  1.00 27.94 ? 62   ASP A N   1 
ATOM   275  C CA  . ASP A 1 63  ? -10.783 -5.047  -0.456  1.00 31.02 ? 62   ASP A CA  1 
ATOM   276  C C   . ASP A 1 63  ? -9.482  -5.535  0.188   1.00 28.01 ? 62   ASP A C   1 
ATOM   277  O O   . ASP A 1 63  ? -9.332  -6.717  0.441   1.00 26.13 ? 62   ASP A O   1 
ATOM   278  C CB  . ASP A 1 63  ? -11.984 -5.463  0.393   1.00 31.57 ? 62   ASP A CB  1 
ATOM   279  C CG  . ASP A 1 63  ? -12.071 -4.737  1.724   1.00 36.69 ? 62   ASP A CG  1 
ATOM   280  O OD1 . ASP A 1 63  ? -11.050 -4.196  2.241   1.00 34.66 ? 62   ASP A OD1 1 
ATOM   281  O OD2 . ASP A 1 63  ? -13.208 -4.703  2.276   1.00 43.18 ? 62   ASP A OD2 1 
ATOM   282  N N   . VAL A 1 64  ? -8.550  -4.614  0.427   1.00 25.41 ? 63   VAL A N   1 
ATOM   283  C CA  . VAL A 1 64  ? -7.248  -4.951  0.985   1.00 23.84 ? 63   VAL A CA  1 
ATOM   284  C C   . VAL A 1 64  ? -7.352  -5.789  2.277   1.00 25.21 ? 63   VAL A C   1 
ATOM   285  O O   . VAL A 1 64  ? -6.497  -6.629  2.535   1.00 22.86 ? 63   VAL A O   1 
ATOM   286  C CB  . VAL A 1 64  ? -6.406  -3.682  1.216   1.00 25.19 ? 63   VAL A CB  1 
ATOM   287  C CG1 . VAL A 1 64  ? -6.871  -2.939  2.460   1.00 25.79 ? 63   VAL A CG1 1 
ATOM   288  C CG2 . VAL A 1 64  ? -4.934  -4.042  1.340   1.00 24.76 ? 63   VAL A CG2 1 
ATOM   289  N N   . ALA A 1 65  ? -8.398  -5.572  3.069   1.00 22.45 ? 64   ALA A N   1 
ATOM   290  C CA  . ALA A 1 65  ? -8.573  -6.267  4.314   1.00 25.82 ? 64   ALA A CA  1 
ATOM   291  C C   . ALA A 1 65  ? -8.704  -7.785  4.187   1.00 25.71 ? 64   ALA A C   1 
ATOM   292  O O   . ALA A 1 65  ? -8.517  -8.497  5.165   1.00 26.74 ? 64   ALA A O   1 
ATOM   293  C CB  . ALA A 1 65  ? -9.755  -5.694  5.082   1.00 26.11 ? 64   ALA A CB  1 
ATOM   294  N N   . LEU A 1 66  ? -8.979  -8.264  2.982   1.00 27.18 ? 65   LEU A N   1 
ATOM   295  C CA  . LEU A 1 66  ? -9.151  -9.699  2.750   1.00 27.50 ? 65   LEU A CA  1 
ATOM   296  C C   . LEU A 1 66  ? -7.849  -10.409 2.476   1.00 27.97 ? 65   LEU A C   1 
ATOM   297  O O   . LEU A 1 66  ? -7.820  -11.631 2.442   1.00 28.87 ? 65   LEU A O   1 
ATOM   298  C CB  . LEU A 1 66  ? -10.062 -9.910  1.559   1.00 28.65 ? 65   LEU A CB  1 
ATOM   299  C CG  . LEU A 1 66  ? -11.491 -9.363  1.767   1.00 30.26 ? 65   LEU A CG  1 
ATOM   300  C CD1 . LEU A 1 66  ? -12.292 -9.498  0.487   1.00 32.72 ? 65   LEU A CD1 1 
ATOM   301  C CD2 . LEU A 1 66  ? -12.145 -10.107 2.900   1.00 29.81 ? 65   LEU A CD2 1 
ATOM   302  N N   . LEU A 1 67  ? -6.775  -9.666  2.273   1.00 24.76 ? 66   LEU A N   1 
ATOM   303  C CA  . LEU A 1 67  ? -5.555  -10.282 1.773   1.00 25.25 ? 66   LEU A CA  1 
ATOM   304  C C   . LEU A 1 67  ? -4.738  -10.940 2.873   1.00 24.68 ? 66   LEU A C   1 
ATOM   305  O O   . LEU A 1 67  ? -4.597  -10.394 3.953   1.00 24.26 ? 66   LEU A O   1 
ATOM   306  C CB  . LEU A 1 67  ? -4.707  -9.238  1.038   1.00 26.10 ? 66   LEU A CB  1 
ATOM   307  C CG  . LEU A 1 67  ? -5.248  -8.691  -0.280  1.00 27.58 ? 66   LEU A CG  1 
ATOM   308  C CD1 . LEU A 1 67  ? -4.404  -7.492  -0.700  1.00 27.72 ? 66   LEU A CD1 1 
ATOM   309  C CD2 . LEU A 1 67  ? -5.259  -9.769  -1.355  1.00 27.99 ? 66   LEU A CD2 1 
ATOM   310  N N   . ASN A 1 68  ? -4.181  -12.117 2.593   1.00 23.52 ? 67   ASN A N   1 
ATOM   311  C CA  . ASN A 1 68  ? -3.270  -12.779 3.529   1.00 24.84 ? 67   ASN A CA  1 
ATOM   312  C C   . ASN A 1 68  ? -1.792  -12.396 3.314   1.00 25.69 ? 67   ASN A C   1 
ATOM   313  O O   . ASN A 1 68  ? -0.912  -13.187 3.574   1.00 27.67 ? 67   ASN A O   1 
ATOM   314  C CB  . ASN A 1 68  ? -3.454  -14.305 3.470   1.00 25.88 ? 67   ASN A CB  1 
ATOM   315  C CG  . ASN A 1 68  ? -2.964  -14.891 2.165   1.00 29.10 ? 67   ASN A CG  1 
ATOM   316  O OD1 . ASN A 1 68  ? -2.852  -14.174 1.164   1.00 26.05 ? 67   ASN A OD1 1 
ATOM   317  N ND2 . ASN A 1 68  ? -2.641  -16.189 2.164   1.00 28.77 ? 67   ASN A ND2 1 
ATOM   318  N N   . CYS A 1 69  ? -1.515  -11.178 2.873   1.00 24.41 ? 68   CYS A N   1 
ATOM   319  C CA  . CYS A 1 69  ? -0.161  -10.662 2.875   1.00 26.30 ? 68   CYS A CA  1 
ATOM   320  C C   . CYS A 1 69  ? 0.374   -10.610 4.305   1.00 26.87 ? 68   CYS A C   1 
ATOM   321  O O   . CYS A 1 69  ? -0.412  -10.568 5.270   1.00 27.33 ? 68   CYS A O   1 
ATOM   322  C CB  . CYS A 1 69  ? -0.145  -9.265  2.243   1.00 27.48 ? 68   CYS A CB  1 
ATOM   323  S SG  . CYS A 1 69  ? -0.629  -9.239  0.497   1.00 30.83 ? 68   CYS A SG  1 
ATOM   324  N N   . THR A 1 70  ? 1.697   -10.546 4.454   1.00 26.87 ? 69   THR A N   1 
ATOM   325  C CA  . THR A 1 70  ? 2.323   -10.454 5.776   1.00 25.63 ? 69   THR A CA  1 
ATOM   326  C C   . THR A 1 70  ? 1.762   -9.233  6.516   1.00 26.69 ? 69   THR A C   1 
ATOM   327  O O   . THR A 1 70  ? 1.417   -9.326  7.715   1.00 25.42 ? 69   THR A O   1 
ATOM   328  C CB  . THR A 1 70  ? 3.862   -10.361 5.689   1.00 27.51 ? 69   THR A CB  1 
ATOM   329  O OG1 . THR A 1 70  ? 4.328   -11.365 4.767   1.00 26.67 ? 69   THR A OG1 1 
ATOM   330  C CG2 . THR A 1 70  ? 4.511   -10.563 7.093   1.00 28.02 ? 69   THR A CG2 1 
ATOM   331  N N   . ALA A 1 71  ? 1.694   -8.106  5.802   1.00 22.73 ? 70   ALA A N   1 
ATOM   332  C CA  . ALA A 1 71  ? 1.069   -6.885  6.268   1.00 22.19 ? 70   ALA A CA  1 
ATOM   333  C C   . ALA A 1 71  ? 0.142   -6.293  5.207   1.00 20.28 ? 70   ALA A C   1 
ATOM   334  O O   . ALA A 1 71  ? 0.414   -6.349  3.994   1.00 22.19 ? 70   ALA A O   1 
ATOM   335  C CB  . ALA A 1 71  ? 2.122   -5.854  6.644   1.00 22.84 ? 70   ALA A CB  1 
ATOM   336  N N   . ILE A 1 72  ? -0.963  -5.747  5.671   1.00 21.39 ? 71   ILE A N   1 
ATOM   337  C CA  . ILE A 1 72  ? -1.791  -4.869  4.867   1.00 22.52 ? 71   ILE A CA  1 
ATOM   338  C C   . ILE A 1 72  ? -1.680  -3.465  5.442   1.00 20.51 ? 71   ILE A C   1 
ATOM   339  O O   . ILE A 1 72  ? -1.314  -3.266  6.618   1.00 21.71 ? 71   ILE A O   1 
ATOM   340  C CB  . ILE A 1 72  ? -3.254  -5.338  4.725   1.00 23.87 ? 71   ILE A CB  1 
ATOM   341  C CG1 . ILE A 1 72  ? -3.963  -5.378  6.087   1.00 26.15 ? 71   ILE A CG1 1 
ATOM   342  C CG2 . ILE A 1 72  ? -3.337  -6.671  4.024   1.00 26.52 ? 71   ILE A CG2 1 
ATOM   343  C CD1 . ILE A 1 72  ? -5.385  -4.961  5.954   1.00 29.64 ? 71   ILE A CD1 1 
ATOM   344  N N   . VAL A 1 73  ? -1.960  -2.498  4.586   1.00 19.92 ? 72   VAL A N   1 
ATOM   345  C CA  . VAL A 1 73  ? -1.790  -1.101  4.895   1.00 19.60 ? 72   VAL A CA  1 
ATOM   346  C C   . VAL A 1 73  ? -3.144  -0.389  5.096   1.00 21.19 ? 72   VAL A C   1 
ATOM   347  O O   . VAL A 1 73  ? -4.042  -0.497  4.285   1.00 21.81 ? 72   VAL A O   1 
ATOM   348  C CB  . VAL A 1 73  ? -1.020  -0.404  3.778   1.00 19.78 ? 72   VAL A CB  1 
ATOM   349  C CG1 . VAL A 1 73  ? -0.873  1.085   4.084   1.00 20.95 ? 72   VAL A CG1 1 
ATOM   350  C CG2 . VAL A 1 73  ? 0.346   -1.045  3.549   1.00 20.26 ? 72   VAL A CG2 1 
ATOM   351  N N   . ASN A 1 74  ? -3.254  0.289   6.224   1.00 21.62 ? 73   ASN A N   1 
ATOM   352  C CA  . ASN A 1 74  ? -4.378  1.109   6.587   1.00 23.99 ? 73   ASN A CA  1 
ATOM   353  C C   . ASN A 1 74  ? -3.940  2.553   6.391   1.00 26.22 ? 73   ASN A C   1 
ATOM   354  O O   . ASN A 1 74  ? -2.774  2.900   6.609   1.00 26.16 ? 73   ASN A O   1 
ATOM   355  C CB  . ASN A 1 74  ? -4.779  0.864   8.035   1.00 24.05 ? 73   ASN A CB  1 
ATOM   356  C CG  . ASN A 1 74  ? -5.977  1.735   8.460   1.00 25.95 ? 73   ASN A CG  1 
ATOM   357  O OD1 . ASN A 1 74  ? -6.877  1.951   7.686   1.00 26.78 ? 73   ASN A OD1 1 
ATOM   358  N ND2 . ASN A 1 74  ? -5.933  2.274   9.662   1.00 27.50 ? 73   ASN A ND2 1 
ATOM   359  N N   . THR A 1 75  ? -4.841  3.352   5.846   1.00 25.33 ? 74   THR A N   1 
ATOM   360  C CA  . THR A 1 75  ? -4.608  4.776   5.656   1.00 25.79 ? 74   THR A CA  1 
ATOM   361  C C   . THR A 1 75  ? -5.570  5.544   6.553   1.00 29.20 ? 74   THR A C   1 
ATOM   362  O O   . THR A 1 75  ? -6.766  5.194   6.625   1.00 28.57 ? 74   THR A O   1 
ATOM   363  C CB  . THR A 1 75  ? -4.666  5.186   4.180   1.00 26.08 ? 74   THR A CB  1 
ATOM   364  O OG1 . THR A 1 75  ? -4.125  6.497   4.037   1.00 26.22 ? 74   THR A OG1 1 
ATOM   365  C CG2 . THR A 1 75  ? -6.082  5.127   3.581   1.00 29.30 ? 74   THR A CG2 1 
ATOM   366  N N   . SER A 1 76  ? -5.053  6.564   7.247   1.00 29.50 ? 75   SER A N   1 
ATOM   367  C CA  . SER A 1 76  ? -5.806  7.156   8.362   1.00 31.85 ? 75   SER A CA  1 
ATOM   368  C C   . SER A 1 76  ? -5.526  8.646   8.566   1.00 32.97 ? 75   SER A C   1 
ATOM   369  O O   . SER A 1 76  ? -5.009  9.316   7.668   1.00 32.23 ? 75   SER A O   1 
ATOM   370  C CB  . SER A 1 76  ? -5.514  6.352   9.615   1.00 31.95 ? 75   SER A CB  1 
ATOM   371  O OG  . SER A 1 76  ? -6.496  6.522   10.613  1.00 36.18 ? 75   SER A OG  1 
ATOM   372  N N   . ASN A 1 77  ? -5.889  9.162   9.739   1.00 34.85 ? 76   ASN A N   1 
ATOM   373  C CA  . ASN A 1 77  ? -5.541  10.526  10.114  1.00 34.33 ? 76   ASN A CA  1 
ATOM   374  C C   . ASN A 1 77  ? -4.560  10.469  11.248  1.00 37.99 ? 76   ASN A C   1 
ATOM   375  O O   . ASN A 1 77  ? -4.201  9.373   11.723  1.00 34.09 ? 76   ASN A O   1 
ATOM   376  C CB  . ASN A 1 77  ? -6.791  11.360  10.467  1.00 35.84 ? 76   ASN A CB  1 
ATOM   377  C CG  . ASN A 1 77  ? -7.587  10.797  11.631  1.00 36.78 ? 76   ASN A CG  1 
ATOM   378  O OD1 . ASN A 1 77  ? -7.187  9.854   12.332  1.00 37.48 ? 76   ASN A OD1 1 
ATOM   379  N ND2 . ASN A 1 77  ? -8.748  11.364  11.822  1.00 41.36 ? 76   ASN A ND2 1 
ATOM   380  N N   . GLU A 1 78  ? -4.154  11.638  11.737  1.00 37.36 ? 77   GLU A N   1 
ATOM   381  C CA  . GLU A 1 78  ? -3.042  11.697  12.672  1.00 41.04 ? 77   GLU A CA  1 
ATOM   382  C C   . GLU A 1 78  ? -3.428  11.070  14.011  1.00 37.71 ? 77   GLU A C   1 
ATOM   383  O O   . GLU A 1 78  ? -2.575  10.593  14.748  1.00 39.84 ? 77   GLU A O   1 
ATOM   384  C CB  . GLU A 1 78  ? -2.545  13.142  12.842  1.00 43.47 ? 77   GLU A CB  1 
ATOM   385  C CG  . GLU A 1 78  ? -2.046  13.801  11.548  1.00 47.36 ? 77   GLU A CG  1 
ATOM   386  C CD  . GLU A 1 78  ? -3.154  14.192  10.529  1.00 51.51 ? 77   GLU A CD  1 
ATOM   387  O OE1 . GLU A 1 78  ? -4.374  13.938  10.769  1.00 44.04 ? 77   GLU A OE1 1 
ATOM   388  O OE2 . GLU A 1 78  ? -2.795  14.742  9.451   1.00 53.29 ? 77   GLU A OE2 1 
ATOM   389  N N   . SER A 1 79  ? -4.716  11.035  14.324  1.00 39.25 ? 78   SER A N   1 
ATOM   390  C CA  . SER A 1 79  ? -5.158  10.410  15.569  1.00 38.59 ? 78   SER A CA  1 
ATOM   391  C C   . SER A 1 79  ? -5.500  8.913   15.403  1.00 42.23 ? 78   SER A C   1 
ATOM   392  O O   . SER A 1 79  ? -5.846  8.234   16.381  1.00 41.23 ? 78   SER A O   1 
ATOM   393  C CB  . SER A 1 79  ? -6.356  11.178  16.143  1.00 39.71 ? 78   SER A CB  1 
ATOM   394  O OG  . SER A 1 79  ? -7.394  11.328  15.196  1.00 41.74 ? 78   SER A OG  1 
ATOM   395  N N   . LEU A 1 80  ? -5.397  8.405   14.172  1.00 39.95 ? 79   LEU A N   1 
ATOM   396  C CA  . LEU A 1 80  ? -5.742  7.012   13.860  1.00 39.83 ? 79   LEU A CA  1 
ATOM   397  C C   . LEU A 1 80  ? -7.201  6.695   14.152  1.00 43.60 ? 79   LEU A C   1 
ATOM   398  O O   . LEU A 1 80  ? -7.522  5.626   14.669  1.00 41.86 ? 79   LEU A O   1 
ATOM   399  C CB  . LEU A 1 80  ? -4.813  6.034   14.576  1.00 38.32 ? 79   LEU A CB  1 
ATOM   400  C CG  . LEU A 1 80  ? -3.345  6.170   14.155  1.00 36.30 ? 79   LEU A CG  1 
ATOM   401  C CD1 . LEU A 1 80  ? -2.447  5.181   14.889  1.00 35.59 ? 79   LEU A CD1 1 
ATOM   402  C CD2 . LEU A 1 80  ? -3.198  6.008   12.654  1.00 36.14 ? 79   LEU A CD2 1 
ATOM   403  N N   . THR A 1 81  ? -8.076  7.631   13.799  1.00 41.83 ? 80   THR A N   1 
ATOM   404  C CA  . THR A 1 81  ? -9.505  7.457   14.009  1.00 43.59 ? 80   THR A CA  1 
ATOM   405  C C   . THR A 1 81  ? -10.284 7.745   12.753  1.00 41.47 ? 80   THR A C   1 
ATOM   406  O O   . THR A 1 81  ? -11.506 7.817   12.796  1.00 44.66 ? 80   THR A O   1 
ATOM   407  C CB  . THR A 1 81  ? -10.014 8.418   15.106  1.00 43.22 ? 80   THR A CB  1 
ATOM   408  O OG1 . THR A 1 81  ? -9.818  9.774   14.668  1.00 44.09 ? 80   THR A OG1 1 
ATOM   409  C CG2 . THR A 1 81  ? -9.262  8.203   16.386  1.00 43.99 ? 80   THR A CG2 1 
ATOM   410  N N   . ASP A 1 82  ? -9.597  7.893   11.622  1.00 42.20 ? 81   ASP A N   1 
ATOM   411  C CA  . ASP A 1 82  ? -10.261 8.329   10.399  1.00 39.76 ? 81   ASP A CA  1 
ATOM   412  C C   . ASP A 1 82  ? -11.288 7.320   9.949   1.00 40.37 ? 81   ASP A C   1 
ATOM   413  O O   . ASP A 1 82  ? -11.033 6.113   9.977   1.00 41.68 ? 81   ASP A O   1 
ATOM   414  C CB  . ASP A 1 82  ? -9.241  8.522   9.279   1.00 40.02 ? 81   ASP A CB  1 
ATOM   415  C CG  . ASP A 1 82  ? -9.776  9.309   8.134   1.00 40.49 ? 81   ASP A CG  1 
ATOM   416  O OD1 . ASP A 1 82  ? -10.315 10.392  8.407   1.00 40.83 ? 81   ASP A OD1 1 
ATOM   417  O OD2 . ASP A 1 82  ? -9.629  8.907   6.956   1.00 37.01 ? 81   ASP A OD2 1 
ATOM   418  N N   . LYS A 1 83  ? -12.452 7.809   9.527   1.00 41.33 ? 82   LYS A N   1 
ATOM   419  C CA  . LYS A 1 83  ? -13.462 6.970   8.910   1.00 41.68 ? 82   LYS A CA  1 
ATOM   420  C C   . LYS A 1 83  ? -13.320 7.097   7.416   1.00 38.76 ? 82   LYS A C   1 
ATOM   421  O O   . LYS A 1 83  ? -13.573 8.159   6.872   1.00 39.77 ? 82   LYS A O   1 
ATOM   422  C CB  . LYS A 1 83  ? -14.878 7.380   9.359   1.00 46.90 ? 82   LYS A CB  1 
ATOM   423  C CG  . LYS A 1 83  ? -15.066 7.422   10.872  1.00 47.34 ? 82   LYS A CG  1 
ATOM   424  N N   . ASN A 1 84  ? -12.883 6.029   6.750   1.00 35.27 ? 83   ASN A N   1 
ATOM   425  C CA  . ASN A 1 84  ? -12.829 5.969   5.285   1.00 31.89 ? 83   ASN A CA  1 
ATOM   426  C C   . ASN A 1 84  ? -13.038 4.519   4.872   1.00 31.31 ? 83   ASN A C   1 
ATOM   427  O O   . ASN A 1 84  ? -12.946 3.627   5.696   1.00 33.92 ? 83   ASN A O   1 
ATOM   428  C CB  . ASN A 1 84  ? -11.498 6.575   4.752   1.00 32.92 ? 83   ASN A CB  1 
ATOM   429  C CG  . ASN A 1 84  ? -10.284 5.697   5.041   1.00 29.77 ? 83   ASN A CG  1 
ATOM   430  O OD1 . ASN A 1 84  ? -10.175 4.603   4.499   1.00 32.49 ? 83   ASN A OD1 1 
ATOM   431  N ND2 . ASN A 1 84  ? -9.398  6.151   5.914   1.00 29.76 ? 83   ASN A ND2 1 
ATOM   432  N N   . PRO A 1 85  ? -13.356 4.272   3.616   1.00 32.58 ? 84   PRO A N   1 
ATOM   433  C CA  . PRO A 1 85  ? -13.698 2.922   3.193   1.00 33.81 ? 84   PRO A CA  1 
ATOM   434  C C   . PRO A 1 85  ? -12.626 1.853   3.527   1.00 35.11 ? 84   PRO A C   1 
ATOM   435  O O   . PRO A 1 85  ? -12.951 0.702   3.845   1.00 34.36 ? 84   PRO A O   1 
ATOM   436  C CB  . PRO A 1 85  ? -13.821 3.069   1.685   1.00 34.66 ? 84   PRO A CB  1 
ATOM   437  C CG  . PRO A 1 85  ? -14.126 4.501   1.453   1.00 36.21 ? 84   PRO A CG  1 
ATOM   438  C CD  . PRO A 1 85  ? -13.352 5.223   2.489   1.00 36.35 ? 84   PRO A CD  1 
ATOM   439  N N   . VAL A 1 86  ? -11.350 2.230   3.449   1.00 30.44 ? 85   VAL A N   1 
ATOM   440  C CA  . VAL A 1 86  ? -10.275 1.293   3.731   1.00 29.63 ? 85   VAL A CA  1 
ATOM   441  C C   . VAL A 1 86  ? -10.292 0.924   5.199   1.00 28.75 ? 85   VAL A C   1 
ATOM   442  O O   . VAL A 1 86  ? -10.430 -0.269  5.550   1.00 27.52 ? 85   VAL A O   1 
ATOM   443  C CB  . VAL A 1 86  ? -8.901  1.868   3.286   1.00 28.89 ? 85   VAL A CB  1 
ATOM   444  C CG1 . VAL A 1 86  ? -7.760  1.057   3.881   1.00 28.94 ? 85   VAL A CG1 1 
ATOM   445  C CG2 . VAL A 1 86  ? -8.828  1.877   1.778   1.00 28.97 ? 85   VAL A CG2 1 
ATOM   446  N N   . SER A 1 87  ? -10.221 1.947   6.063   1.00 29.60 ? 86   SER A N   1 
ATOM   447  C CA  . SER A 1 87  ? -10.214 1.769   7.499   1.00 30.42 ? 86   SER A CA  1 
ATOM   448  C C   . SER A 1 87  ? -11.464 1.087   8.026   1.00 32.20 ? 86   SER A C   1 
ATOM   449  O O   . SER A 1 87  ? -11.401 0.369   9.023   1.00 31.61 ? 86   SER A O   1 
ATOM   450  C CB  . SER A 1 87  ? -10.091 3.110   8.218   1.00 31.99 ? 86   SER A CB  1 
ATOM   451  O OG  . SER A 1 87  ? -8.812  3.681   8.006   1.00 34.12 ? 86   SER A OG  1 
ATOM   452  N N   . GLU A 1 88  ? -12.595 1.366   7.403   1.00 34.89 ? 87   GLU A N   1 
ATOM   453  C CA  . GLU A 1 88  ? -13.847 0.743   7.834   1.00 39.14 ? 87   GLU A CA  1 
ATOM   454  C C   . GLU A 1 88  ? -13.760 -0.789  7.726   1.00 36.37 ? 87   GLU A C   1 
ATOM   455  O O   . GLU A 1 88  ? -14.109 -1.498  8.663   1.00 33.70 ? 87   GLU A O   1 
ATOM   456  C CB  . GLU A 1 88  ? -15.024 1.259   7.011   1.00 44.16 ? 87   GLU A CB  1 
ATOM   457  C CG  . GLU A 1 88  ? -15.478 2.658   7.392   1.00 56.65 ? 87   GLU A CG  1 
ATOM   458  C CD  . GLU A 1 88  ? -16.668 3.118   6.558   1.00 67.90 ? 87   GLU A CD  1 
ATOM   459  O OE1 . GLU A 1 88  ? -17.771 2.547   6.758   1.00 75.86 ? 87   GLU A OE1 1 
ATOM   460  O OE2 . GLU A 1 88  ? -16.503 4.040   5.708   1.00 70.09 ? 87   GLU A OE2 1 
ATOM   461  N N   . SER A 1 89  ? -13.295 -1.299  6.588   1.00 34.75 ? 88   SER A N   1 
ATOM   462  C CA  . SER A 1 89  ? -13.141 -2.769  6.436   1.00 36.44 ? 88   SER A CA  1 
ATOM   463  C C   . SER A 1 89  ? -12.113 -3.332  7.364   1.00 36.22 ? 88   SER A C   1 
ATOM   464  O O   . SER A 1 89  ? -12.348 -4.351  8.009   1.00 33.48 ? 88   SER A O   1 
ATOM   465  C CB  . SER A 1 89  ? -12.711 -3.135  5.036   1.00 38.88 ? 88   SER A CB  1 
ATOM   466  O OG  . SER A 1 89  ? -13.580 -2.517  4.143   1.00 42.08 ? 88   SER A OG  1 
ATOM   467  N N   . ILE A 1 90  ? -10.941 -2.696  7.373   1.00 30.27 ? 89   ILE A N   1 
ATOM   468  C CA  . ILE A 1 90  ? -9.862  -3.174  8.171   1.00 29.63 ? 89   ILE A CA  1 
ATOM   469  C C   . ILE A 1 90  ? -10.301 -3.250  9.645   1.00 32.35 ? 89   ILE A C   1 
ATOM   470  O O   . ILE A 1 90  ? -10.086 -4.268  10.292  1.00 28.41 ? 89   ILE A O   1 
ATOM   471  C CB  . ILE A 1 90  ? -8.606  -2.292  8.011   1.00 28.26 ? 89   ILE A CB  1 
ATOM   472  C CG1 . ILE A 1 90  ? -7.997  -2.421  6.595   1.00 29.36 ? 89   ILE A CG1 1 
ATOM   473  C CG2 . ILE A 1 90  ? -7.618  -2.634  9.076   1.00 29.83 ? 89   ILE A CG2 1 
ATOM   474  C CD1 . ILE A 1 90  ? -6.702  -1.621  6.371   1.00 28.39 ? 89   ILE A CD1 1 
ATOM   475  N N   . PHE A 1 91  ? -10.894 -2.191  10.201  1.00 33.16 ? 90   PHE A N   1 
ATOM   476  C CA  . PHE A 1 91  ? -11.260 -2.237  11.646  1.00 35.87 ? 90   PHE A CA  1 
ATOM   477  C C   . PHE A 1 91  ? -12.334 -3.295  11.949  1.00 36.88 ? 90   PHE A C   1 
ATOM   478  O O   . PHE A 1 91  ? -12.288 -4.012  12.957  1.00 35.04 ? 90   PHE A O   1 
ATOM   479  C CB  . PHE A 1 91  ? -11.774 -0.871  12.143  1.00 39.50 ? 90   PHE A CB  1 
ATOM   480  C CG  . PHE A 1 91  ? -10.717 0.184   12.275  1.00 41.16 ? 90   PHE A CG  1 
ATOM   481  C CD1 . PHE A 1 91  ? -9.366  -0.116  12.225  1.00 48.28 ? 90   PHE A CD1 1 
ATOM   482  C CD2 . PHE A 1 91  ? -11.085 1.489   12.489  1.00 46.35 ? 90   PHE A CD2 1 
ATOM   483  C CE1 . PHE A 1 91  ? -8.411  0.876   12.370  1.00 50.20 ? 90   PHE A CE1 1 
ATOM   484  C CE2 . PHE A 1 91  ? -10.137 2.486   12.634  1.00 47.58 ? 90   PHE A CE2 1 
ATOM   485  C CZ  . PHE A 1 91  ? -8.800  2.180   12.586  1.00 48.03 ? 90   PHE A CZ  1 
ATOM   486  N N   . MET A 1 92  ? -13.291 -3.407  11.059  1.00 33.56 ? 91   MET A N   1 
ATOM   487  C CA  . MET A 1 92  ? -14.315 -4.379  11.237  1.00 39.37 ? 91   MET A CA  1 
ATOM   488  C C   . MET A 1 92  ? -13.714 -5.790  11.244  1.00 40.52 ? 91   MET A C   1 
ATOM   489  O O   . MET A 1 92  ? -14.042 -6.612  12.108  1.00 39.75 ? 91   MET A O   1 
ATOM   490  C CB  . MET A 1 92  ? -15.313 -4.250  10.105  1.00 41.39 ? 91   MET A CB  1 
ATOM   491  C CG  . MET A 1 92  ? -16.270 -5.416  10.075  1.00 53.20 ? 91   MET A CG  1 
ATOM   492  S SD  . MET A 1 92  ? -17.623 -5.088  8.954   1.00 62.19 ? 91   MET A SD  1 
ATOM   493  C CE  . MET A 1 92  ? -18.545 -3.898  9.930   1.00 56.89 ? 91   MET A CE  1 
ATOM   494  N N   . LEU A 1 93  ? -12.825 -6.081  10.294  1.00 38.62 ? 92   LEU A N   1 
ATOM   495  C CA  . LEU A 1 93  ? -12.309 -7.458  10.174  1.00 34.19 ? 92   LEU A CA  1 
ATOM   496  C C   . LEU A 1 93  ? -11.241 -7.787  11.181  1.00 35.80 ? 92   LEU A C   1 
ATOM   497  O O   . LEU A 1 93  ? -11.131 -8.948  11.604  1.00 37.96 ? 92   LEU A O   1 
ATOM   498  C CB  . LEU A 1 93  ? -11.869 -7.729  8.773   1.00 36.82 ? 92   LEU A CB  1 
ATOM   499  C CG  . LEU A 1 93  ? -13.053 -7.732  7.818   1.00 36.75 ? 92   LEU A CG  1 
ATOM   500  C CD1 . LEU A 1 93  ? -12.544 -7.958  6.408   1.00 38.01 ? 92   LEU A CD1 1 
ATOM   501  C CD2 . LEU A 1 93  ? -14.069 -8.803  8.226   1.00 39.96 ? 92   LEU A CD2 1 
ATOM   502  N N   . ALA A 1 94  ? -10.477 -6.795  11.618  1.00 30.33 ? 93   ALA A N   1 
ATOM   503  C CA  . ALA A 1 94  ? -9.529  -7.045  12.675  1.00 33.83 ? 93   ALA A CA  1 
ATOM   504  C C   . ALA A 1 94  ? -10.215 -7.337  14.022  1.00 30.91 ? 93   ALA A C   1 
ATOM   505  O O   . ALA A 1 94  ? -9.720  -8.152  14.801  1.00 32.56 ? 93   ALA A O   1 
ATOM   506  C CB  . ALA A 1 94  ? -8.547  -5.895  12.810  1.00 33.27 ? 93   ALA A CB  1 
ATOM   507  N N   . GLY A 1 95  ? -11.307 -6.646  14.316  1.00 36.08 ? 94   GLY A N   1 
ATOM   508  C CA  . GLY A 1 95  ? -11.991 -6.799  15.615  1.00 35.50 ? 94   GLY A CA  1 
ATOM   509  C C   . GLY A 1 95  ? -11.533 -5.831  16.726  1.00 36.18 ? 94   GLY A C   1 
ATOM   510  O O   . GLY A 1 95  ? -10.585 -5.052  16.572  1.00 35.98 ? 94   GLY A O   1 
ATOM   511  N N   . PRO A 1 96  ? -12.195 -5.893  17.878  1.00 34.25 ? 95   PRO A N   1 
ATOM   512  C CA  . PRO A 1 96  ? -11.977 -4.894  18.926  1.00 34.93 ? 95   PRO A CA  1 
ATOM   513  C C   . PRO A 1 96  ? -10.629 -4.962  19.606  1.00 32.90 ? 95   PRO A C   1 
ATOM   514  O O   . PRO A 1 96  ? -10.266 -3.993  20.267  1.00 33.08 ? 95   PRO A O   1 
ATOM   515  C CB  . PRO A 1 96  ? -13.057 -5.236  19.982  1.00 37.48 ? 95   PRO A CB  1 
ATOM   516  C CG  . PRO A 1 96  ? -13.484 -6.628  19.672  1.00 38.27 ? 95   PRO A CG  1 
ATOM   517  C CD  . PRO A 1 96  ? -13.314 -6.801  18.191  1.00 37.48 ? 95   PRO A CD  1 
ATOM   518  N N   . ASP A 1 97  ? -9.912  -6.084  19.516  1.00 33.39 ? 96   ASP A N   1 
ATOM   519  C CA  . ASP A 1 97  ? -8.655  -6.190  20.241  1.00 36.42 ? 96   ASP A CA  1 
ATOM   520  C C   . ASP A 1 97  ? -7.665  -5.189  19.692  1.00 38.89 ? 96   ASP A C   1 
ATOM   521  O O   . ASP A 1 97  ? -6.688  -4.830  20.392  1.00 35.42 ? 96   ASP A O   1 
ATOM   522  C CB  . ASP A 1 97  ? -8.041  -7.582  20.163  1.00 40.22 ? 96   ASP A CB  1 
ATOM   523  C CG  . ASP A 1 97  ? -8.838  -8.630  20.890  1.00 42.66 ? 96   ASP A CG  1 
ATOM   524  O OD1 . ASP A 1 97  ? -9.885  -8.297  21.469  1.00 50.60 ? 96   ASP A OD1 1 
ATOM   525  O OD2 . ASP A 1 97  ? -8.404  -9.809  20.867  1.00 43.67 ? 96   ASP A OD2 1 
ATOM   526  N N   . LEU A 1 98  ? -7.951  -4.733  18.460  1.00 36.99 ? 97   LEU A N   1 
ATOM   527  C CA  . LEU A 1 98  ? -7.140  -3.756  17.765  1.00 40.18 ? 97   LEU A CA  1 
ATOM   528  C C   . LEU A 1 98  ? -7.080  -2.432  18.581  1.00 44.65 ? 97   LEU A C   1 
ATOM   529  O O   . LEU A 1 98  ? -6.006  -1.824  18.695  1.00 43.20 ? 97   LEU A O   1 
ATOM   530  C CB  . LEU A 1 98  ? -7.644  -3.555  16.303  1.00 35.89 ? 97   LEU A CB  1 
ATOM   531  C CG  . LEU A 1 98  ? -6.909  -2.486  15.457  1.00 38.47 ? 97   LEU A CG  1 
ATOM   532  C CD1 . LEU A 1 98  ? -5.407  -2.735  15.429  1.00 37.35 ? 97   LEU A CD1 1 
ATOM   533  C CD2 . LEU A 1 98  ? -7.429  -2.360  14.038  1.00 35.53 ? 97   LEU A CD2 1 
ATOM   534  N N   . LYS A 1 99  ? -8.195  -2.022  19.191  1.00 46.66 ? 98   LYS A N   1 
ATOM   535  C CA  . LYS A 1 99  ? -8.242  -0.703  19.853  1.00 47.84 ? 98   LYS A CA  1 
ATOM   536  C C   . LYS A 1 99  ? -7.145  -0.550  20.938  1.00 47.78 ? 98   LYS A C   1 
ATOM   537  O O   . LYS A 1 99  ? -6.544  0.499   21.066  1.00 43.24 ? 98   LYS A O   1 
ATOM   538  C CB  . LYS A 1 99  ? -9.633  -0.416  20.405  1.00 53.07 ? 98   LYS A CB  1 
ATOM   539  C CG  . LYS A 1 99  ? -9.901  1.073   20.618  1.00 57.41 ? 98   LYS A CG  1 
ATOM   540  N N   . GLU A 1 100 ? -6.839  -1.613  21.678  1.00 51.35 ? 99   GLU A N   1 
ATOM   541  C CA  . GLU A 1 100 ? -5.756  -1.543  22.678  1.00 50.52 ? 99   GLU A CA  1 
ATOM   542  C C   . GLU A 1 100 ? -4.385  -1.299  22.024  1.00 49.38 ? 99   GLU A C   1 
ATOM   543  O O   . GLU A 1 100 ? -3.602  -0.458  22.494  1.00 49.18 ? 99   GLU A O   1 
ATOM   544  C CB  . GLU A 1 100 ? -5.709  -2.809  23.561  1.00 49.55 ? 99   GLU A CB  1 
ATOM   545  C CG  . GLU A 1 100 ? -6.780  -2.835  24.659  1.00 50.73 ? 99   GLU A CG  1 
ATOM   546  C CD  . GLU A 1 100 ? -8.148  -3.269  24.151  1.00 42.47 ? 99   GLU A CD  1 
ATOM   547  O OE1 . GLU A 1 100 ? -8.299  -4.437  23.746  1.00 43.77 ? 99   GLU A OE1 1 
ATOM   548  O OE2 . GLU A 1 100 ? -9.055  -2.431  24.155  1.00 40.56 ? 99   GLU A OE2 1 
ATOM   549  N N   . ASP A 1 101 ? -4.104  -2.039  20.957  1.00 47.45 ? 100  ASP A N   1 
ATOM   550  C CA  . ASP A 1 101 ? -2.854  -1.866  20.201  1.00 45.79 ? 100  ASP A CA  1 
ATOM   551  C C   . ASP A 1 101 ? -2.734  -0.451  19.652  1.00 41.01 ? 100  ASP A C   1 
ATOM   552  O O   . ASP A 1 101 ? -1.657  0.153   19.677  1.00 38.69 ? 100  ASP A O   1 
ATOM   553  C CB  . ASP A 1 101 ? -2.749  -2.872  19.048  1.00 46.13 ? 100  ASP A CB  1 
ATOM   554  C CG  . ASP A 1 101 ? -1.722  -3.963  19.315  1.00 54.26 ? 100  ASP A CG  1 
ATOM   555  O OD1 . ASP A 1 101 ? -1.569  -4.332  20.512  1.00 47.57 ? 100  ASP A OD1 1 
ATOM   556  O OD2 . ASP A 1 101 ? -1.079  -4.453  18.320  1.00 52.91 ? 100  ASP A OD2 1 
ATOM   557  N N   . LEU A 1 102 ? -3.861  0.062   19.185  1.00 34.14 ? 101  LEU A N   1 
ATOM   558  C CA  . LEU A 1 102 ? -3.925  1.334   18.527  1.00 39.30 ? 101  LEU A CA  1 
ATOM   559  C C   . LEU A 1 102 ? -3.698  2.530   19.511  1.00 45.62 ? 101  LEU A C   1 
ATOM   560  O O   . LEU A 1 102 ? -2.949  3.459   19.203  1.00 46.35 ? 101  LEU A O   1 
ATOM   561  C CB  . LEU A 1 102 ? -5.270  1.401   17.818  1.00 38.46 ? 101  LEU A CB  1 
ATOM   562  C CG  . LEU A 1 102 ? -5.423  2.012   16.433  1.00 42.26 ? 101  LEU A CG  1 
ATOM   563  C CD1 . LEU A 1 102 ? -4.329  1.614   15.448  1.00 41.93 ? 101  LEU A CD1 1 
ATOM   564  C CD2 . LEU A 1 102 ? -6.791  1.604   15.894  1.00 40.83 ? 101  LEU A CD2 1 
ATOM   565  N N   . GLN A 1 103 ? -4.307  2.483   20.699  1.00 49.88 ? 102  GLN A N   1 
ATOM   566  C CA  . GLN A 1 103 ? -4.096  3.536   21.688  1.00 52.14 ? 102  GLN A CA  1 
ATOM   567  C C   . GLN A 1 103 ? -2.652  3.553   22.100  1.00 51.52 ? 102  GLN A C   1 
ATOM   568  O O   . GLN A 1 103 ? -2.073  4.629   22.221  1.00 58.94 ? 102  GLN A O   1 
ATOM   569  C CB  . GLN A 1 103 ? -4.972  3.366   22.947  1.00 59.76 ? 102  GLN A CB  1 
ATOM   570  C CG  . GLN A 1 103 ? -6.488  3.295   22.740  1.00 63.30 ? 102  GLN A CG  1 
ATOM   571  C CD  . GLN A 1 103 ? -7.049  4.303   21.742  1.00 66.76 ? 102  GLN A CD  1 
ATOM   572  O OE1 . GLN A 1 103 ? -6.477  4.547   20.680  1.00 64.90 ? 102  GLN A OE1 1 
ATOM   573  N NE2 . GLN A 1 103 ? -8.199  4.871   22.074  1.00 70.35 ? 102  GLN A NE2 1 
ATOM   574  N N   . LYS A 1 104 ? -2.054  2.379   22.304  1.00 49.68 ? 103  LYS A N   1 
ATOM   575  C CA  . LYS A 1 104 ? -0.643  2.326   22.648  1.00 50.88 ? 103  LYS A CA  1 
ATOM   576  C C   . LYS A 1 104 ? 0.211   3.200   21.712  1.00 51.00 ? 103  LYS A C   1 
ATOM   577  O O   . LYS A 1 104 ? 1.185   3.807   22.160  1.00 52.39 ? 103  LYS A O   1 
ATOM   578  C CB  . LYS A 1 104 ? -0.113  0.884   22.683  1.00 56.47 ? 103  LYS A CB  1 
ATOM   579  C CG  . LYS A 1 104 ? -0.452  0.099   23.957  1.00 56.79 ? 103  LYS A CG  1 
ATOM   580  C CD  . LYS A 1 104 ? 0.114   -1.326  23.938  1.00 58.16 ? 103  LYS A CD  1 
ATOM   581  C CE  . LYS A 1 104 ? -0.732  -2.299  24.757  1.00 56.89 ? 103  LYS A CE  1 
ATOM   582  N N   . LEU A 1 105 ? -0.143  3.280   20.424  1.00 47.26 ? 104  LEU A N   1 
ATOM   583  C CA  . LEU A 1 105 ? 0.688   4.008   19.454  1.00 41.68 ? 104  LEU A CA  1 
ATOM   584  C C   . LEU A 1 105 ? 0.682   5.524   19.663  1.00 42.25 ? 104  LEU A C   1 
ATOM   585  O O   . LEU A 1 105 ? 1.629   6.174   19.260  1.00 40.66 ? 104  LEU A O   1 
ATOM   586  C CB  . LEU A 1 105 ? 0.250   3.706   18.005  1.00 40.52 ? 104  LEU A CB  1 
ATOM   587  C CG  . LEU A 1 105 ? 0.273   2.245   17.529  1.00 37.30 ? 104  LEU A CG  1 
ATOM   588  C CD1 . LEU A 1 105 ? -0.242  2.202   16.103  1.00 37.42 ? 104  LEU A CD1 1 
ATOM   589  C CD2 . LEU A 1 105 ? 1.676   1.675   17.591  1.00 35.20 ? 104  LEU A CD2 1 
ATOM   590  N N   . LYS A 1 106 ? -0.399  6.065   20.240  1.00 45.63 ? 105  LYS A N   1 
ATOM   591  C CA  . LYS A 1 106 ? -0.610  7.532   20.445  1.00 48.31 ? 105  LYS A CA  1 
ATOM   592  C C   . LYS A 1 106 ? -0.436  8.363   19.145  1.00 46.80 ? 105  LYS A C   1 
ATOM   593  O O   . LYS A 1 106 ? 0.474   9.198   19.019  1.00 42.91 ? 105  LYS A O   1 
ATOM   594  C CB  . LYS A 1 106 ? 0.285   8.063   21.570  1.00 48.48 ? 105  LYS A CB  1 
ATOM   595  C CG  . LYS A 1 106 ? -0.039  7.486   22.963  1.00 52.51 ? 105  LYS A CG  1 
ATOM   596  C CD  . LYS A 1 106 ? 1.224   7.025   23.708  1.00 54.19 ? 105  LYS A CD  1 
ATOM   597  C CE  . LYS A 1 106 ? 0.916   6.230   24.983  1.00 57.08 ? 105  LYS A CE  1 
ATOM   598  N N   . GLY A 1 107 ? -1.327  8.112   18.191  1.00 38.50 ? 106  GLY A N   1 
ATOM   599  C CA  . GLY A 1 107 ? -1.273  8.731   16.875  1.00 41.17 ? 106  GLY A CA  1 
ATOM   600  C C   . GLY A 1 107 ? -0.151  8.273   15.929  1.00 36.05 ? 106  GLY A C   1 
ATOM   601  O O   . GLY A 1 107 ? 0.703   7.457   16.262  1.00 34.00 ? 106  GLY A O   1 
ATOM   602  N N   . CYS A 1 108 ? -0.182  8.874   14.752  1.00 36.70 ? 107  CYS A N   1 
ATOM   603  C CA  . CYS A 1 108 ? 0.778   8.668   13.685  1.00 35.20 ? 107  CYS A CA  1 
ATOM   604  C C   . CYS A 1 108 ? 0.861   9.979   12.899  1.00 34.38 ? 107  CYS A C   1 
ATOM   605  O O   . CYS A 1 108 ? -0.154  10.570  12.564  1.00 34.67 ? 107  CYS A O   1 
ATOM   606  C CB  . CYS A 1 108 ? 0.314   7.525   12.775  1.00 37.03 ? 107  CYS A CB  1 
ATOM   607  S SG  . CYS A 1 108 ? 1.453   7.146   11.430  1.00 35.27 ? 107  CYS A SG  1 
ATOM   608  N N   . ARG A 1 109 ? 2.067   10.468  12.665  1.00 34.90 ? 108  ARG A N   1 
ATOM   609  C CA  . ARG A 1 109 ? 2.237   11.735  11.963  1.00 37.12 ? 108  ARG A CA  1 
ATOM   610  C C   . ARG A 1 109 ? 2.100   11.517  10.475  1.00 35.61 ? 108  ARG A C   1 
ATOM   611  O O   . ARG A 1 109 ? 2.331   10.423  9.969   1.00 33.55 ? 108  ARG A O   1 
ATOM   612  C CB  . ARG A 1 109 ? 3.603   12.339  12.303  1.00 42.72 ? 108  ARG A CB  1 
ATOM   613  C CG  . ARG A 1 109 ? 3.732   12.704  13.791  1.00 45.54 ? 108  ARG A CG  1 
ATOM   614  C CD  . ARG A 1 109 ? 5.152   13.087  14.208  1.00 52.13 ? 108  ARG A CD  1 
ATOM   615  N NE  . ARG A 1 109 ? 5.997   11.912  14.460  1.00 56.69 ? 108  ARG A NE  1 
ATOM   616  N N   . THR A 1 110 ? 1.704   12.572  9.789   1.00 33.17 ? 109  THR A N   1 
ATOM   617  C CA  . THR A 1 110 ? 1.653   12.599  8.346   1.00 32.47 ? 109  THR A CA  1 
ATOM   618  C C   . THR A 1 110 ? 2.975   12.103  7.769   1.00 30.83 ? 109  THR A C   1 
ATOM   619  O O   . THR A 1 110 ? 4.028   12.590  8.136   1.00 29.27 ? 109  THR A O   1 
ATOM   620  C CB  . THR A 1 110 ? 1.374   14.044  7.875   1.00 31.88 ? 109  THR A CB  1 
ATOM   621  O OG1 . THR A 1 110 ? 0.341   14.599  8.710   1.00 33.39 ? 109  THR A OG1 1 
ATOM   622  C CG2 . THR A 1 110 ? 0.940   14.058  6.422   1.00 32.71 ? 109  THR A CG2 1 
ATOM   623  N N   . GLY A 1 111 ? 2.909   11.102  6.896   1.00 30.42 ? 110  GLY A N   1 
ATOM   624  C CA  . GLY A 1 111 ? 4.083   10.517  6.294   1.00 27.86 ? 110  GLY A CA  1 
ATOM   625  C C   . GLY A 1 111 ? 4.713   9.354   7.015   1.00 28.63 ? 110  GLY A C   1 
ATOM   626  O O   . GLY A 1 111 ? 5.530   8.667   6.439   1.00 33.48 ? 110  GLY A O   1 
ATOM   627  N N   . GLU A 1 112 ? 4.392   9.117   8.269   1.00 29.00 ? 111  GLU A N   1 
ATOM   628  C CA  . GLU A 1 112 ? 5.079   8.030   8.959   1.00 31.84 ? 111  GLU A CA  1 
ATOM   629  C C   . GLU A 1 112 ? 4.211   6.767   8.978   1.00 30.06 ? 111  GLU A C   1 
ATOM   630  O O   . GLU A 1 112 ? 3.036   6.816   8.669   1.00 29.37 ? 111  GLU A O   1 
ATOM   631  C CB  . GLU A 1 112 ? 5.557   8.442   10.372  1.00 38.54 ? 111  GLU A CB  1 
ATOM   632  C CG  . GLU A 1 112 ? 4.525   8.379   11.475  1.00 41.11 ? 111  GLU A CG  1 
ATOM   633  C CD  . GLU A 1 112 ? 5.092   8.484   12.917  1.00 45.73 ? 111  GLU A CD  1 
ATOM   634  O OE1 . GLU A 1 112 ? 6.027   7.740   13.308  1.00 54.83 ? 111  GLU A OE1 1 
ATOM   635  O OE2 . GLU A 1 112 ? 4.553   9.279   13.692  1.00 39.51 ? 111  GLU A OE2 1 
ATOM   636  N N   . ALA A 1 113 ? 4.819   5.633   9.302   1.00 28.69 ? 112  ALA A N   1 
ATOM   637  C CA  . ALA A 1 113 ? 4.098   4.360   9.348   1.00 28.83 ? 112  ALA A CA  1 
ATOM   638  C C   . ALA A 1 113 ? 4.334   3.648   10.668  1.00 28.57 ? 112  ALA A C   1 
ATOM   639  O O   . ALA A 1 113 ? 5.406   3.755   11.256  1.00 29.05 ? 112  ALA A O   1 
ATOM   640  C CB  . ALA A 1 113 ? 4.506   3.469   8.189   1.00 26.62 ? 112  ALA A CB  1 
ATOM   641  N N   . LYS A 1 114 ? 3.332   2.912   11.114  1.00 29.44 ? 113  LYS A N   1 
ATOM   642  C CA  . LYS A 1 114 ? 3.370   2.221   12.399  1.00 30.07 ? 113  LYS A CA  1 
ATOM   643  C C   . LYS A 1 114 ? 2.679   0.849   12.341  1.00 29.61 ? 113  LYS A C   1 
ATOM   644  O O   . LYS A 1 114 ? 1.578   0.704   11.797  1.00 28.84 ? 113  LYS A O   1 
ATOM   645  C CB  . LYS A 1 114 ? 2.698   3.073   13.502  1.00 31.15 ? 113  LYS A CB  1 
ATOM   646  C CG  . LYS A 1 114 ? 3.471   4.335   13.904  1.00 33.01 ? 113  LYS A CG  1 
ATOM   647  C CD  . LYS A 1 114 ? 2.903   4.993   15.152  1.00 33.40 ? 113  LYS A CD  1 
ATOM   648  C CE  . LYS A 1 114 ? 3.857   6.047   15.701  1.00 37.24 ? 113  LYS A CE  1 
ATOM   649  N NZ  . LYS A 1 114 ? 3.280   6.681   16.929  1.00 37.89 ? 113  LYS A NZ  1 
ATOM   650  N N   . LEU A 1 115 ? 3.316   -0.129  12.981  1.00 27.46 ? 114  LEU A N   1 
ATOM   651  C CA  . LEU A 1 115 ? 2.918   -1.506  12.919  1.00 30.53 ? 114  LEU A CA  1 
ATOM   652  C C   . LEU A 1 115 ? 1.987   -1.865  14.069  1.00 30.64 ? 114  LEU A C   1 
ATOM   653  O O   . LEU A 1 115 ? 2.218   -1.461  15.222  1.00 31.45 ? 114  LEU A O   1 
ATOM   654  C CB  . LEU A 1 115 ? 4.173   -2.358  13.026  1.00 35.19 ? 114  LEU A CB  1 
ATOM   655  C CG  . LEU A 1 115 ? 3.981   -3.826  12.657  1.00 40.46 ? 114  LEU A CG  1 
ATOM   656  C CD1 . LEU A 1 115 ? 3.921   -3.987  11.143  1.00 39.31 ? 114  LEU A CD1 1 
ATOM   657  C CD2 . LEU A 1 115 ? 5.118   -4.645  13.239  1.00 43.72 ? 114  LEU A CD2 1 
ATOM   658  N N   . THR A 1 116 ? 0.931   -2.612  13.766  1.00 32.55 ? 115  THR A N   1 
ATOM   659  C CA  . THR A 1 116 ? 0.198   -3.387  14.800  1.00 29.14 ? 115  THR A CA  1 
ATOM   660  C C   . THR A 1 116 ? 0.026   -4.817  14.339  1.00 29.52 ? 115  THR A C   1 
ATOM   661  O O   . THR A 1 116 ? 0.288   -5.151  13.172  1.00 26.36 ? 115  THR A O   1 
ATOM   662  C CB  . THR A 1 116 ? -1.213  -2.806  15.107  1.00 28.29 ? 115  THR A CB  1 
ATOM   663  O OG1 . THR A 1 116 ? -2.072  -2.878  13.955  1.00 28.31 ? 115  THR A OG1 1 
ATOM   664  C CG2 . THR A 1 116 ? -1.126  -1.398  15.555  1.00 29.13 ? 115  THR A CG2 1 
ATOM   665  N N   . LYS A 1 117 ? -0.434  -5.671  15.244  1.00 26.80 ? 116  LYS A N   1 
ATOM   666  C CA  . LYS A 1 117 ? -0.872  -6.998  14.862  1.00 30.93 ? 116  LYS A CA  1 
ATOM   667  C C   . LYS A 1 117 ? -2.141  -6.857  14.031  1.00 27.08 ? 116  LYS A C   1 
ATOM   668  O O   . LYS A 1 117 ? -2.790  -5.796  14.037  1.00 26.48 ? 116  LYS A O   1 
ATOM   669  C CB  . LYS A 1 117 ? -1.122  -7.874  16.096  1.00 34.54 ? 116  LYS A CB  1 
ATOM   670  C CG  . LYS A 1 117 ? 0.131   -8.209  16.905  1.00 39.82 ? 116  LYS A CG  1 
ATOM   671  C CD  . LYS A 1 117 ? -0.248  -8.674  18.325  1.00 44.56 ? 116  LYS A CD  1 
ATOM   672  C CE  . LYS A 1 117 ? 0.731   -9.704  18.886  1.00 49.29 ? 116  LYS A CE  1 
ATOM   673  N N   . GLY A 1 118 ? -2.501  -7.917  13.310  1.00 24.55 ? 117  GLY A N   1 
ATOM   674  C CA  . GLY A 1 118 ? -3.706  -7.916  12.480  1.00 22.75 ? 117  GLY A CA  1 
ATOM   675  C C   . GLY A 1 118 ? -4.970  -8.451  13.196  1.00 25.10 ? 117  GLY A C   1 
ATOM   676  O O   . GLY A 1 118 ? -6.082  -8.331  12.698  1.00 24.84 ? 117  GLY A O   1 
ATOM   677  N N   . PHE A 1 119 ? -4.796  -9.067  14.354  1.00 27.49 ? 118  PHE A N   1 
ATOM   678  C CA  . PHE A 1 119 ? -5.939  -9.609  15.137  1.00 29.93 ? 118  PHE A CA  1 
ATOM   679  C C   . PHE A 1 119 ? -6.774  -10.610 14.300  1.00 28.92 ? 118  PHE A C   1 
ATOM   680  O O   . PHE A 1 119 ? -6.200  -11.631 13.915  1.00 28.23 ? 118  PHE A O   1 
ATOM   681  C CB  . PHE A 1 119 ? -6.663  -8.445  15.848  1.00 32.16 ? 118  PHE A CB  1 
ATOM   682  C CG  . PHE A 1 119 ? -5.730  -7.693  16.791  1.00 33.56 ? 118  PHE A CG  1 
ATOM   683  C CD1 . PHE A 1 119 ? -5.325  -8.269  18.001  1.00 35.59 ? 118  PHE A CD1 1 
ATOM   684  C CD2 . PHE A 1 119 ? -5.169  -6.460  16.435  1.00 36.84 ? 118  PHE A CD2 1 
ATOM   685  C CE1 . PHE A 1 119 ? -4.452  -7.602  18.871  1.00 38.83 ? 118  PHE A CE1 1 
ATOM   686  C CE2 . PHE A 1 119 ? -4.278  -5.798  17.294  1.00 36.55 ? 118  PHE A CE2 1 
ATOM   687  C CZ  . PHE A 1 119 ? -3.920  -6.362  18.508  1.00 35.92 ? 118  PHE A CZ  1 
ATOM   688  N N   . ASN A 1 120 ? -8.039  -10.362 13.970  1.00 26.91 ? 119  ASN A N   1 
ATOM   689  C CA  . ASN A 1 120 ? -8.764  -11.354 13.161  1.00 28.21 ? 119  ASN A CA  1 
ATOM   690  C C   . ASN A 1 120 ? -8.519  -11.278 11.648  1.00 27.38 ? 119  ASN A C   1 
ATOM   691  O O   . ASN A 1 120 ? -9.128  -12.023 10.866  1.00 26.72 ? 119  ASN A O   1 
ATOM   692  C CB  . ASN A 1 120 ? -10.258 -11.358 13.488  1.00 28.20 ? 119  ASN A CB  1 
ATOM   693  C CG  . ASN A 1 120 ? -11.029 -12.506 12.822  1.00 29.62 ? 119  ASN A CG  1 
ATOM   694  O OD1 . ASN A 1 120 ? -10.695 -13.662 12.954  1.00 27.80 ? 119  ASN A OD1 1 
ATOM   695  N ND2 . ASN A 1 120 ? -12.066 -12.164 12.123  1.00 30.35 ? 119  ASN A ND2 1 
ATOM   696  N N   . LEU A 1 121 ? -7.651  -10.382 11.201  1.00 22.93 ? 120  LEU A N   1 
ATOM   697  C CA  . LEU A 1 121 ? -7.411  -10.302 9.776   1.00 22.57 ? 120  LEU A CA  1 
ATOM   698  C C   . LEU A 1 121 ? -6.608  -11.513 9.322   1.00 22.20 ? 120  LEU A C   1 
ATOM   699  O O   . LEU A 1 121 ? -5.821  -12.098 10.108  1.00 24.82 ? 120  LEU A O   1 
ATOM   700  C CB  . LEU A 1 121 ? -6.600  -9.052  9.432   1.00 22.49 ? 120  LEU A CB  1 
ATOM   701  C CG  . LEU A 1 121 ? -7.210  -7.679  9.602   1.00 23.93 ? 120  LEU A CG  1 
ATOM   702  C CD1 . LEU A 1 121 ? -6.144  -6.631  9.270   1.00 24.92 ? 120  LEU A CD1 1 
ATOM   703  C CD2 . LEU A 1 121 ? -8.451  -7.522  8.732   1.00 24.10 ? 120  LEU A CD2 1 
ATOM   704  N N   . ALA A 1 122 ? -6.774  -11.873 8.057   1.00 23.14 ? 121  ALA A N   1 
ATOM   705  C CA  . ALA A 1 122 ? -5.887  -12.892 7.466   1.00 23.69 ? 121  ALA A CA  1 
ATOM   706  C C   . ALA A 1 122 ? -4.402  -12.491 7.503   1.00 25.11 ? 121  ALA A C   1 
ATOM   707  O O   . ALA A 1 122 ? -3.516  -13.352 7.577   1.00 24.33 ? 121  ALA A O   1 
ATOM   708  C CB  . ALA A 1 122 ? -6.322  -13.209 6.063   1.00 22.60 ? 121  ALA A CB  1 
ATOM   709  N N   . ALA A 1 123 ? -4.122  -11.196 7.460   1.00 24.24 ? 122  ALA A N   1 
ATOM   710  C CA  . ALA A 1 123 ? -2.733  -10.704 7.467   1.00 26.52 ? 122  ALA A CA  1 
ATOM   711  C C   . ALA A 1 123 ? -2.187  -10.716 8.897   1.00 28.02 ? 122  ALA A C   1 
ATOM   712  O O   . ALA A 1 123 ? -2.926  -10.451 9.833   1.00 28.72 ? 122  ALA A O   1 
ATOM   713  C CB  . ALA A 1 123 ? -2.673  -9.294  6.923   1.00 27.24 ? 122  ALA A CB  1 
ATOM   714  N N   . ARG A 1 124 ? -0.896  -10.991 9.045   1.00 27.40 ? 123  ARG A N   1 
ATOM   715  C CA  . ARG A 1 124 ? -0.195  -10.970 10.335  1.00 30.88 ? 123  ARG A CA  1 
ATOM   716  C C   . ARG A 1 124 ? -0.115  -9.570  10.955  1.00 28.75 ? 123  ARG A C   1 
ATOM   717  O O   . ARG A 1 124 ? -0.208  -9.436  12.181  1.00 26.69 ? 123  ARG A O   1 
ATOM   718  C CB  . ARG A 1 124 ? 1.226   -11.563 10.185  1.00 34.90 ? 123  ARG A CB  1 
ATOM   719  C CG  . ARG A 1 124 ? 2.070   -11.630 11.458  1.00 42.45 ? 123  ARG A CG  1 
ATOM   720  C CD  . ARG A 1 124 ? 3.518   -12.079 11.168  1.00 49.39 ? 123  ARG A CD  1 
ATOM   721  N NE  . ARG A 1 124 ? 3.610   -13.476 10.716  1.00 54.74 ? 123  ARG A NE  1 
ATOM   722  C CZ  . ARG A 1 124 ? 4.561   -13.986 9.916   1.00 62.71 ? 123  ARG A CZ  1 
ATOM   723  N NH1 . ARG A 1 124 ? 5.563   -13.233 9.431   1.00 64.68 ? 123  ARG A NH1 1 
ATOM   724  N NH2 . ARG A 1 124 ? 4.515   -15.283 9.592   1.00 61.14 ? 123  ARG A NH2 1 
ATOM   725  N N   . PHE A 1 125 ? 0.114   -8.544  10.126  1.00 24.27 ? 124  PHE A N   1 
ATOM   726  C CA  . PHE A 1 125 ? 0.263   -7.174  10.607  1.00 24.47 ? 124  PHE A CA  1 
ATOM   727  C C   . PHE A 1 125 ? -0.586  -6.206  9.832   1.00 22.47 ? 124  PHE A C   1 
ATOM   728  O O   . PHE A 1 125 ? -0.960  -6.451  8.702   1.00 21.16 ? 124  PHE A O   1 
ATOM   729  C CB  . PHE A 1 125 ? 1.712   -6.673  10.458  1.00 26.16 ? 124  PHE A CB  1 
ATOM   730  C CG  . PHE A 1 125 ? 2.758   -7.503  11.193  1.00 31.10 ? 124  PHE A CG  1 
ATOM   731  C CD1 . PHE A 1 125 ? 2.831   -7.499  12.584  1.00 34.92 ? 124  PHE A CD1 1 
ATOM   732  C CD2 . PHE A 1 125 ? 3.720   -8.205  10.487  1.00 36.18 ? 124  PHE A CD2 1 
ATOM   733  C CE1 . PHE A 1 125 ? 3.799   -8.255  13.256  1.00 38.77 ? 124  PHE A CE1 1 
ATOM   734  C CE2 . PHE A 1 125 ? 4.725   -8.923  11.139  1.00 39.64 ? 124  PHE A CE2 1 
ATOM   735  C CZ  . PHE A 1 125 ? 4.760   -8.947  12.527  1.00 40.50 ? 124  PHE A CZ  1 
ATOM   736  N N   . ILE A 1 126 ? -0.859  -5.065  10.455  1.00 22.98 ? 125  ILE A N   1 
ATOM   737  C CA  . ILE A 1 126 ? -1.366  -3.907  9.742   1.00 21.95 ? 125  ILE A CA  1 
ATOM   738  C C   . ILE A 1 126 ? -0.258  -2.880  9.862   1.00 23.62 ? 125  ILE A C   1 
ATOM   739  O O   . ILE A 1 126 ? 0.293   -2.697  10.963  1.00 23.24 ? 125  ILE A O   1 
ATOM   740  C CB  . ILE A 1 126 ? -2.640  -3.330  10.382  1.00 23.44 ? 125  ILE A CB  1 
ATOM   741  C CG1 . ILE A 1 126 ? -3.757  -4.358  10.400  1.00 25.31 ? 125  ILE A CG1 1 
ATOM   742  C CG2 . ILE A 1 126 ? -3.158  -2.119  9.604   1.00 23.86 ? 125  ILE A CG2 1 
ATOM   743  C CD1 . ILE A 1 126 ? -4.834  -4.063  11.406  1.00 26.51 ? 125  ILE A CD1 1 
ATOM   744  N N   . ILE A 1 127 ? 0.059   -2.218  8.745   1.00 21.99 ? 126  ILE A N   1 
ATOM   745  C CA  . ILE A 1 127 ? 0.883   -1.021  8.787   1.00 22.16 ? 126  ILE A CA  1 
ATOM   746  C C   . ILE A 1 127 ? -0.045  0.189   8.604   1.00 22.80 ? 126  ILE A C   1 
ATOM   747  O O   . ILE A 1 127 ? -0.709  0.327   7.576   1.00 24.18 ? 126  ILE A O   1 
ATOM   748  C CB  . ILE A 1 127 ? 1.988   -1.051  7.707   1.00 22.62 ? 126  ILE A CB  1 
ATOM   749  C CG1 . ILE A 1 127 ? 2.912   -2.229  7.976   1.00 22.67 ? 126  ILE A CG1 1 
ATOM   750  C CG2 . ILE A 1 127 ? 2.765   0.281   7.709   1.00 22.86 ? 126  ILE A CG2 1 
ATOM   751  C CD1 . ILE A 1 127 ? 3.827   -2.555  6.826   1.00 23.55 ? 126  ILE A CD1 1 
ATOM   752  N N   . HIS A 1 128 ? -0.103  1.050   9.619   1.00 21.59 ? 127  HIS A N   1 
ATOM   753  C CA  . HIS A 1 128 ? -0.941  2.215   9.586   1.00 22.88 ? 127  HIS A CA  1 
ATOM   754  C C   . HIS A 1 128 ? -0.107  3.396   9.116   1.00 23.83 ? 127  HIS A C   1 
ATOM   755  O O   . HIS A 1 128 ? 1.026   3.610   9.600   1.00 25.34 ? 127  HIS A O   1 
ATOM   756  C CB  . HIS A 1 128 ? -1.490  2.492   10.986  1.00 25.04 ? 127  HIS A CB  1 
ATOM   757  C CG  . HIS A 1 128 ? -2.180  1.319   11.609  1.00 24.99 ? 127  HIS A CG  1 
ATOM   758  N ND1 . HIS A 1 128 ? -3.538  1.110   11.495  1.00 26.43 ? 127  HIS A ND1 1 
ATOM   759  C CD2 . HIS A 1 128 ? -1.696  0.270   12.314  1.00 26.28 ? 127  HIS A CD2 1 
ATOM   760  C CE1 . HIS A 1 128 ? -3.870  -0.005  12.124  1.00 25.55 ? 127  HIS A CE1 1 
ATOM   761  N NE2 . HIS A 1 128 ? -2.772  -0.529  12.645  1.00 26.62 ? 127  HIS A NE2 1 
ATOM   762  N N   . THR A 1 129 ? -0.659  4.169   8.197   1.00 22.32 ? 128  THR A N   1 
ATOM   763  C CA  . THR A 1 129 ? 0.023   5.372   7.735   1.00 24.42 ? 128  THR A CA  1 
ATOM   764  C C   . THR A 1 129 ? -0.958  6.522   7.506   1.00 25.10 ? 128  THR A C   1 
ATOM   765  O O   . THR A 1 129 ? -2.169  6.296   7.510   1.00 27.30 ? 128  THR A O   1 
ATOM   766  C CB  . THR A 1 129 ? 0.816   5.048   6.455   1.00 24.17 ? 128  THR A CB  1 
ATOM   767  O OG1 . THR A 1 129 ? 1.762   6.082   6.215   1.00 24.98 ? 128  THR A OG1 1 
ATOM   768  C CG2 . THR A 1 129 ? -0.103  4.850   5.252   1.00 23.26 ? 128  THR A CG2 1 
ATOM   769  N N   . VAL A 1 130 ? -0.444  7.730   7.280   1.00 25.37 ? 129  VAL A N   1 
ATOM   770  C CA  . VAL A 1 130 ? -1.284  8.955   7.149   1.00 25.38 ? 129  VAL A CA  1 
ATOM   771  C C   . VAL A 1 130 ? -0.794  9.796   5.973   1.00 24.66 ? 129  VAL A C   1 
ATOM   772  O O   . VAL A 1 130 ? 0.298   10.351  5.989   1.00 25.68 ? 129  VAL A O   1 
ATOM   773  C CB  . VAL A 1 130 ? -1.212  9.811   8.440   1.00 26.62 ? 129  VAL A CB  1 
ATOM   774  C CG1 . VAL A 1 130 ? -1.976  11.143  8.318   1.00 25.30 ? 129  VAL A CG1 1 
ATOM   775  C CG2 . VAL A 1 130 ? -1.664  9.004   9.652   1.00 26.78 ? 129  VAL A CG2 1 
ATOM   776  N N   . GLY A 1 131 ? -1.599  9.853   4.941   1.00 23.90 ? 130  GLY A N   1 
ATOM   777  C CA  . GLY A 1 131 ? -1.305  10.649  3.783   1.00 25.96 ? 130  GLY A CA  1 
ATOM   778  C C   . GLY A 1 131 ? -1.635  12.121  4.047   1.00 27.00 ? 130  GLY A C   1 
ATOM   779  O O   . GLY A 1 131 ? -2.350  12.460  4.994   1.00 26.93 ? 130  GLY A O   1 
ATOM   780  N N   . PRO A 1 132 ? -1.108  12.995  3.202   1.00 25.17 ? 131  PRO A N   1 
ATOM   781  C CA  . PRO A 1 132 ? -1.294  14.430  3.448   1.00 26.05 ? 131  PRO A CA  1 
ATOM   782  C C   . PRO A 1 132 ? -2.717  14.870  3.033   1.00 26.01 ? 131  PRO A C   1 
ATOM   783  O O   . PRO A 1 132 ? -3.322  14.289  2.111   1.00 25.69 ? 131  PRO A O   1 
ATOM   784  C CB  . PRO A 1 132 ? -0.255  15.046  2.531   1.00 26.31 ? 131  PRO A CB  1 
ATOM   785  C CG  . PRO A 1 132 ? -0.218  14.125  1.371   1.00 27.06 ? 131  PRO A CG  1 
ATOM   786  C CD  . PRO A 1 132 ? -0.386  12.738  1.953   1.00 26.88 ? 131  PRO A CD  1 
ATOM   787  N N   . LYS A 1 133 ? -3.250  15.870  3.722   1.00 28.54 ? 132  LYS A N   1 
ATOM   788  C CA  . LYS A 1 133 ? -4.428  16.601  3.211   1.00 28.93 ? 132  LYS A CA  1 
ATOM   789  C C   . LYS A 1 133 ? -3.934  17.495  2.107   1.00 27.33 ? 132  LYS A C   1 
ATOM   790  O O   . LYS A 1 133 ? -3.244  18.471  2.375   1.00 26.90 ? 132  LYS A O   1 
ATOM   791  C CB  . LYS A 1 133 ? -5.005  17.463  4.306   1.00 31.94 ? 132  LYS A CB  1 
ATOM   792  C CG  . LYS A 1 133 ? -5.561  16.671  5.479   1.00 36.71 ? 132  LYS A CG  1 
ATOM   793  C CD  . LYS A 1 133 ? -5.889  17.567  6.668   1.00 42.98 ? 132  LYS A CD  1 
ATOM   794  C CE  . LYS A 1 133 ? -6.967  16.910  7.503   1.00 47.63 ? 132  LYS A CE  1 
ATOM   795  N NZ  . LYS A 1 133 ? -7.031  17.527  8.845   1.00 53.79 ? 132  LYS A NZ  1 
ATOM   796  N N   . TYR A 1 134 ? -4.247  17.161  0.873   1.00 26.66 ? 133  TYR A N   1 
ATOM   797  C CA  . TYR A 1 134 ? -3.633  17.816  -0.269  1.00 28.03 ? 133  TYR A CA  1 
ATOM   798  C C   . TYR A 1 134 ? -4.133  19.246  -0.430  1.00 30.66 ? 133  TYR A C   1 
ATOM   799  O O   . TYR A 1 134 ? -5.319  19.474  -0.452  1.00 31.85 ? 133  TYR A O   1 
ATOM   800  C CB  . TYR A 1 134 ? -3.950  17.079  -1.546  1.00 26.70 ? 133  TYR A CB  1 
ATOM   801  C CG  . TYR A 1 134 ? -3.280  17.666  -2.781  1.00 26.23 ? 133  TYR A CG  1 
ATOM   802  C CD1 . TYR A 1 134 ? -2.021  17.268  -3.150  1.00 25.89 ? 133  TYR A CD1 1 
ATOM   803  C CD2 . TYR A 1 134 ? -3.903  18.647  -3.548  1.00 27.11 ? 133  TYR A CD2 1 
ATOM   804  C CE1 . TYR A 1 134 ? -1.401  17.781  -4.259  1.00 26.86 ? 133  TYR A CE1 1 
ATOM   805  C CE2 . TYR A 1 134 ? -3.277  19.188  -4.662  1.00 26.27 ? 133  TYR A CE2 1 
ATOM   806  C CZ  . TYR A 1 134 ? -2.029  18.730  -5.019  1.00 29.35 ? 133  TYR A CZ  1 
ATOM   807  O OH  . TYR A 1 134 ? -1.376  19.233  -6.112  1.00 31.35 ? 133  TYR A OH  1 
ATOM   808  N N   . LYS A 1 135 ? -3.220  20.176  -0.562  1.00 28.27 ? 134  LYS A N   1 
ATOM   809  C CA  . LYS A 1 135 ? -3.557  21.559  -0.875  1.00 32.88 ? 134  LYS A CA  1 
ATOM   810  C C   . LYS A 1 135 ? -2.612  22.009  -1.904  1.00 30.91 ? 134  LYS A C   1 
ATOM   811  O O   . LYS A 1 135 ? -1.403  21.836  -1.746  1.00 29.76 ? 134  LYS A O   1 
ATOM   812  C CB  . LYS A 1 135 ? -3.458  22.428  0.381   1.00 34.61 ? 134  LYS A CB  1 
ATOM   813  C CG  . LYS A 1 135 ? -4.553  22.004  1.317   1.00 39.43 ? 134  LYS A CG  1 
ATOM   814  C CD  . LYS A 1 135 ? -4.569  22.617  2.682   1.00 47.87 ? 134  LYS A CD  1 
ATOM   815  C CE  . LYS A 1 135 ? -5.937  22.283  3.270   1.00 53.96 ? 134  LYS A CE  1 
ATOM   816  N NZ  . LYS A 1 135 ? -5.833  21.951  4.706   1.00 58.77 ? 134  LYS A NZ  1 
ATOM   817  N N   . SER A 1 136 ? -3.148  22.581  -2.980  1.00 30.11 ? 135  SER A N   1 
ATOM   818  C CA  . SER A 1 136 ? -2.324  23.099  -4.059  1.00 30.32 ? 135  SER A CA  1 
ATOM   819  C C   . SER A 1 136 ? -1.173  23.975  -3.572  1.00 31.16 ? 135  SER A C   1 
ATOM   820  O O   . SER A 1 136 ? -0.057  23.884  -4.115  1.00 29.59 ? 135  SER A O   1 
ATOM   821  C CB  . SER A 1 136 ? -3.196  23.908  -5.041  1.00 32.25 ? 135  SER A CB  1 
ATOM   822  O OG  . SER A 1 136 ? -4.071  23.019  -5.692  1.00 35.11 ? 135  SER A OG  1 
ATOM   823  N N   . ARG A 1 137 ? -1.422  24.816  -2.561  1.00 27.24 ? 136  ARG A N   1 
ATOM   824  C CA  . ARG A 1 137 ? -0.348  25.711  -2.086  1.00 29.42 ? 136  ARG A CA  1 
ATOM   825  C C   . ARG A 1 137 ? 0.734   24.930  -1.285  1.00 27.86 ? 136  ARG A C   1 
ATOM   826  O O   . ARG A 1 137 ? 1.809   25.459  -1.059  1.00 27.98 ? 136  ARG A O   1 
ATOM   827  C CB  . ARG A 1 137 ? -0.883  26.886  -1.247  1.00 29.80 ? 136  ARG A CB  1 
ATOM   828  C CG  . ARG A 1 137 ? -1.564  26.496  0.045   1.00 30.74 ? 136  ARG A CG  1 
ATOM   829  C CD  . ARG A 1 137 ? -2.038  27.679  0.869   1.00 32.65 ? 136  ARG A CD  1 
ATOM   830  N NE  . ARG A 1 137 ? -2.434  27.277  2.238   1.00 32.71 ? 136  ARG A NE  1 
ATOM   831  C CZ  . ARG A 1 137 ? -3.538  26.621  2.578   1.00 31.94 ? 136  ARG A CZ  1 
ATOM   832  N NH1 . ARG A 1 137 ? -4.433  26.240  1.683   1.00 36.24 ? 136  ARG A NH1 1 
ATOM   833  N NH2 . ARG A 1 137 ? -3.751  26.327  3.854   1.00 35.84 ? 136  ARG A NH2 1 
ATOM   834  N N   . TYR A 1 138 ? 0.418   23.714  -0.846  1.00 26.57 ? 137  TYR A N   1 
ATOM   835  C CA  . TYR A 1 138 ? 1.409   22.842  -0.212  1.00 27.35 ? 137  TYR A CA  1 
ATOM   836  C C   . TYR A 1 138 ? 1.787   21.624  -1.110  1.00 27.47 ? 137  TYR A C   1 
ATOM   837  O O   . TYR A 1 138 ? 2.066   20.549  -0.590  1.00 27.27 ? 137  TYR A O   1 
ATOM   838  C CB  . TYR A 1 138 ? 0.872   22.319  1.104   1.00 30.25 ? 137  TYR A CB  1 
ATOM   839  C CG  . TYR A 1 138 ? 0.473   23.319  2.175   1.00 28.54 ? 137  TYR A CG  1 
ATOM   840  C CD1 . TYR A 1 138 ? 1.136   24.493  2.338   1.00 27.24 ? 137  TYR A CD1 1 
ATOM   841  C CD2 . TYR A 1 138 ? -0.549  22.989  3.092   1.00 33.29 ? 137  TYR A CD2 1 
ATOM   842  C CE1 . TYR A 1 138 ? 0.752   25.398  3.333   1.00 31.64 ? 137  TYR A CE1 1 
ATOM   843  C CE2 . TYR A 1 138 ? -0.918  23.861  4.104   1.00 34.03 ? 137  TYR A CE2 1 
ATOM   844  C CZ  . TYR A 1 138 ? -0.261  25.068  4.216   1.00 34.28 ? 137  TYR A CZ  1 
ATOM   845  O OH  . TYR A 1 138 ? -0.613  25.954  5.233   1.00 37.90 ? 137  TYR A OH  1 
ATOM   846  N N   . ARG A 1 139 ? 1.873   21.806  -2.424  1.00 28.55 ? 138  ARG A N   1 
ATOM   847  C CA  . ARG A 1 139 ? 2.034   20.667  -3.326  1.00 29.11 ? 138  ARG A CA  1 
ATOM   848  C C   . ARG A 1 139 ? 3.357   19.909  -3.094  1.00 26.72 ? 138  ARG A C   1 
ATOM   849  O O   . ARG A 1 139 ? 3.391   18.687  -3.088  1.00 27.10 ? 138  ARG A O   1 
ATOM   850  C CB  . ARG A 1 139 ? 1.951   21.105  -4.788  1.00 28.86 ? 138  ARG A CB  1 
ATOM   851  C CG  . ARG A 1 139 ? 2.050   19.917  -5.704  1.00 34.80 ? 138  ARG A CG  1 
ATOM   852  C CD  . ARG A 1 139 ? 2.228   20.304  -7.162  1.00 38.76 ? 138  ARG A CD  1 
ATOM   853  N NE  . ARG A 1 139 ? 2.287   19.098  -7.974  1.00 38.82 ? 138  ARG A NE  1 
ATOM   854  N N   . THR A 1 140 ? 4.440   20.634  -2.920  1.00 27.21 ? 139  THR A N   1 
ATOM   855  C CA  . THR A 1 140 ? 5.736   19.995  -2.637  1.00 26.59 ? 139  THR A CA  1 
ATOM   856  C C   . THR A 1 140 ? 5.713   19.232  -1.320  1.00 25.26 ? 139  THR A C   1 
ATOM   857  O O   . THR A 1 140 ? 6.166   18.062  -1.267  1.00 23.18 ? 139  THR A O   1 
ATOM   858  C CB  . THR A 1 140 ? 6.856   21.020  -2.675  1.00 27.08 ? 139  THR A CB  1 
ATOM   859  O OG1 . THR A 1 140 ? 6.882   21.563  -3.987  1.00 27.20 ? 139  THR A OG1 1 
ATOM   860  C CG2 . THR A 1 140 ? 8.206   20.387  -2.401  1.00 27.92 ? 139  THR A CG2 1 
ATOM   861  N N   . ALA A 1 141 ? 5.155   19.843  -0.279  1.00 22.79 ? 140  ALA A N   1 
ATOM   862  C CA  . ALA A 1 141 ? 4.958   19.131  0.967   1.00 22.21 ? 140  ALA A CA  1 
ATOM   863  C C   . ALA A 1 141 ? 4.080   17.881  0.834   1.00 25.46 ? 140  ALA A C   1 
ATOM   864  O O   . ALA A 1 141 ? 4.354   16.870  1.497   1.00 23.19 ? 140  ALA A O   1 
ATOM   865  C CB  . ALA A 1 141 ? 4.420   20.011  2.092   1.00 22.39 ? 140  ALA A CB  1 
ATOM   866  N N   . ALA A 1 142 ? 2.985   17.963  0.071   1.00 23.47 ? 141  ALA A N   1 
ATOM   867  C CA  . ALA A 1 142 ? 2.097   16.797  -0.090  1.00 24.23 ? 141  ALA A CA  1 
ATOM   868  C C   . ALA A 1 142 ? 2.856   15.666  -0.792  1.00 24.24 ? 141  ALA A C   1 
ATOM   869  O O   . ALA A 1 142 ? 2.718   14.491  -0.426  1.00 23.49 ? 141  ALA A O   1 
ATOM   870  C CB  . ALA A 1 142 ? 0.843   17.180  -0.910  1.00 24.93 ? 141  ALA A CB  1 
ATOM   871  N N   . GLU A 1 143 ? 3.648   16.022  -1.813  1.00 23.30 ? 142  GLU A N   1 
ATOM   872  C CA  . GLU A 1 143 ? 4.444   15.029  -2.564  1.00 25.76 ? 142  GLU A CA  1 
ATOM   873  C C   . GLU A 1 143 ? 5.442   14.330  -1.641  1.00 25.31 ? 142  GLU A C   1 
ATOM   874  O O   . GLU A 1 143 ? 5.569   13.100  -1.655  1.00 21.17 ? 142  GLU A O   1 
ATOM   875  C CB  . GLU A 1 143 ? 5.187   15.681  -3.754  1.00 29.08 ? 142  GLU A CB  1 
ATOM   876  C CG  . GLU A 1 143 ? 4.234   16.107  -4.867  1.00 35.57 ? 142  GLU A CG  1 
ATOM   877  C CD  . GLU A 1 143 ? 4.823   16.999  -5.976  1.00 38.57 ? 142  GLU A CD  1 
ATOM   878  O OE1 . GLU A 1 143 ? 5.950   17.520  -5.877  1.00 42.78 ? 142  GLU A OE1 1 
ATOM   879  O OE2 . GLU A 1 143 ? 4.114   17.162  -6.995  1.00 42.88 ? 142  GLU A OE2 1 
ATOM   880  N N   . SER A 1 144 ? 6.106   15.140  -0.820  1.00 23.46 ? 143  SER A N   1 
ATOM   881  C CA  . SER A 1 144 ? 7.067   14.642  0.158   1.00 24.41 ? 143  SER A CA  1 
ATOM   882  C C   . SER A 1 144 ? 6.397   13.724  1.178   1.00 24.34 ? 143  SER A C   1 
ATOM   883  O O   . SER A 1 144 ? 6.914   12.622  1.472   1.00 23.37 ? 143  SER A O   1 
ATOM   884  C CB  . SER A 1 144 ? 7.810   15.817  0.823   1.00 25.25 ? 143  SER A CB  1 
ATOM   885  O OG  . SER A 1 144 ? 8.599   15.356  1.911   1.00 25.96 ? 143  SER A OG  1 
ATOM   886  N N   . SER A 1 145 ? 5.245   14.133  1.699   1.00 23.31 ? 144  SER A N   1 
ATOM   887  C CA  . SER A 1 145 ? 4.520   13.291  2.640   1.00 25.47 ? 144  SER A CA  1 
ATOM   888  C C   . SER A 1 145 ? 4.035   11.981  2.039   1.00 24.46 ? 144  SER A C   1 
ATOM   889  O O   . SER A 1 145 ? 4.164   10.930  2.653   1.00 24.53 ? 144  SER A O   1 
ATOM   890  C CB  . SER A 1 145 ? 3.305   14.017  3.199   1.00 26.05 ? 144  SER A CB  1 
ATOM   891  O OG  . SER A 1 145 ? 3.675   14.972  4.110   1.00 28.47 ? 144  SER A OG  1 
ATOM   892  N N   . LEU A 1 146 ? 3.468   12.023  0.851   1.00 23.05 ? 145  LEU A N   1 
ATOM   893  C CA  . LEU A 1 146 ? 2.949   10.784  0.264   1.00 24.51 ? 145  LEU A CA  1 
ATOM   894  C C   . LEU A 1 146 ? 4.112   9.841   -0.032  1.00 23.96 ? 145  LEU A C   1 
ATOM   895  O O   . LEU A 1 146 ? 4.036   8.634   0.196   1.00 21.98 ? 145  LEU A O   1 
ATOM   896  C CB  . LEU A 1 146 ? 2.154   11.060  -1.015  1.00 25.48 ? 145  LEU A CB  1 
ATOM   897  C CG  . LEU A 1 146 ? 1.366   9.866   -1.594  1.00 25.38 ? 145  LEU A CG  1 
ATOM   898  C CD1 . LEU A 1 146 ? 0.298   9.387   -0.619  1.00 25.99 ? 145  LEU A CD1 1 
ATOM   899  C CD2 . LEU A 1 146 ? 0.761   10.251  -2.928  1.00 25.79 ? 145  LEU A CD2 1 
ATOM   900  N N   . TYR A 1 147 ? 5.195   10.394  -0.564  1.00 23.97 ? 146  TYR A N   1 
ATOM   901  C CA  . TYR A 1 147 ? 6.391   9.612   -0.797  1.00 23.83 ? 146  TYR A CA  1 
ATOM   902  C C   . TYR A 1 147 ? 6.865   8.911   0.492   1.00 22.01 ? 146  TYR A C   1 
ATOM   903  O O   . TYR A 1 147 ? 7.194   7.715   0.486   1.00 21.71 ? 146  TYR A O   1 
ATOM   904  C CB  . TYR A 1 147 ? 7.502   10.517  -1.342  1.00 26.55 ? 146  TYR A CB  1 
ATOM   905  C CG  . TYR A 1 147 ? 8.822   9.837   -1.294  1.00 27.63 ? 146  TYR A CG  1 
ATOM   906  C CD1 . TYR A 1 147 ? 9.068   8.711   -2.082  1.00 29.87 ? 146  TYR A CD1 1 
ATOM   907  C CD2 . TYR A 1 147 ? 9.810   10.261  -0.434  1.00 28.69 ? 146  TYR A CD2 1 
ATOM   908  C CE1 . TYR A 1 147 ? 10.297  8.043   -2.025  1.00 33.28 ? 146  TYR A CE1 1 
ATOM   909  C CE2 . TYR A 1 147 ? 11.048  9.619   -0.383  1.00 33.02 ? 146  TYR A CE2 1 
ATOM   910  C CZ  . TYR A 1 147 ? 11.297  8.519   -1.180  1.00 33.88 ? 146  TYR A CZ  1 
ATOM   911  O OH  . TYR A 1 147 ? 12.519  7.877   -1.074  1.00 36.84 ? 146  TYR A OH  1 
ATOM   912  N N   . SER A 1 148 ? 6.889   9.649   1.590   1.00 25.07 ? 147  SER A N   1 
ATOM   913  C CA  . SER A 1 148 ? 7.294   9.105   2.882   1.00 25.91 ? 147  SER A CA  1 
ATOM   914  C C   . SER A 1 148 ? 6.368   8.002   3.347   1.00 26.83 ? 147  SER A C   1 
ATOM   915  O O   . SER A 1 148 ? 6.830   7.027   3.911   1.00 24.82 ? 147  SER A O   1 
ATOM   916  C CB  . SER A 1 148 ? 7.419   10.203  3.936   1.00 29.37 ? 147  SER A CB  1 
ATOM   917  O OG  . SER A 1 148 ? 8.530   11.008  3.586   1.00 31.53 ? 147  SER A OG  1 
ATOM   918  N N   . CYS A 1 149 ? 5.057   8.151   3.152   1.00 24.10 ? 148  CYS A N   1 
ATOM   919  C CA  . CYS A 1 149 ? 4.149   7.043   3.452   1.00 22.63 ? 148  CYS A CA  1 
ATOM   920  C C   . CYS A 1 149 ? 4.608   5.738   2.792   1.00 21.90 ? 148  CYS A C   1 
ATOM   921  O O   . CYS A 1 149 ? 4.730   4.716   3.467   1.00 22.96 ? 148  CYS A O   1 
ATOM   922  C CB  . CYS A 1 149 ? 2.731   7.369   2.966   1.00 22.67 ? 148  CYS A CB  1 
ATOM   923  S SG  . CYS A 1 149 ? 1.936   8.671   3.908   1.00 25.68 ? 148  CYS A SG  1 
ATOM   924  N N   . TYR A 1 150 ? 4.777   5.754   1.476   1.00 20.81 ? 149  TYR A N   1 
ATOM   925  C CA  . TYR A 1 150 ? 5.135   4.539   0.750   1.00 22.58 ? 149  TYR A CA  1 
ATOM   926  C C   . TYR A 1 150 ? 6.541   4.014   1.174   1.00 23.57 ? 149  TYR A C   1 
ATOM   927  O O   . TYR A 1 150 ? 6.720   2.837   1.398   1.00 23.31 ? 149  TYR A O   1 
ATOM   928  C CB  . TYR A 1 150 ? 5.082   4.773   -0.763  1.00 21.13 ? 149  TYR A CB  1 
ATOM   929  C CG  . TYR A 1 150 ? 3.692   4.730   -1.290  1.00 23.11 ? 149  TYR A CG  1 
ATOM   930  C CD1 . TYR A 1 150 ? 3.112   3.513   -1.615  1.00 24.68 ? 149  TYR A CD1 1 
ATOM   931  C CD2 . TYR A 1 150 ? 2.895   5.883   -1.342  1.00 22.14 ? 149  TYR A CD2 1 
ATOM   932  C CE1 . TYR A 1 150 ? 1.796   3.442   -2.028  1.00 23.84 ? 149  TYR A CE1 1 
ATOM   933  C CE2 . TYR A 1 150 ? 1.582   5.830   -1.784  1.00 23.50 ? 149  TYR A CE2 1 
ATOM   934  C CZ  . TYR A 1 150 ? 1.039   4.614   -2.111  1.00 23.35 ? 149  TYR A CZ  1 
ATOM   935  O OH  . TYR A 1 150 ? -0.242  4.528   -2.508  1.00 24.06 ? 149  TYR A OH  1 
ATOM   936  N N   . ARG A 1 151 ? 7.486   4.925   1.315   1.00 24.19 ? 150  ARG A N   1 
ATOM   937  C CA  . ARG A 1 151 ? 8.863   4.610   1.741   1.00 25.82 ? 150  ARG A CA  1 
ATOM   938  C C   . ARG A 1 151 ? 8.875   3.980   3.150   1.00 25.78 ? 150  ARG A C   1 
ATOM   939  O O   . ARG A 1 151 ? 9.528   2.972   3.408   1.00 25.82 ? 150  ARG A O   1 
ATOM   940  C CB  . ARG A 1 151 ? 9.628   5.921   1.741   1.00 30.90 ? 150  ARG A CB  1 
ATOM   941  C CG  . ARG A 1 151 ? 11.078  5.843   2.209   1.00 37.07 ? 150  ARG A CG  1 
ATOM   942  C CD  . ARG A 1 151 ? 11.239  6.229   3.673   1.00 42.91 ? 150  ARG A CD  1 
ATOM   943  N NE  . ARG A 1 151 ? 12.647  6.484   4.005   1.00 51.15 ? 150  ARG A NE  1 
ATOM   944  C CZ  . ARG A 1 151 ? 13.125  6.681   5.239   1.00 55.72 ? 150  ARG A CZ  1 
ATOM   945  N NH1 . ARG A 1 151 ? 12.327  6.651   6.298   1.00 56.18 ? 150  ARG A NH1 1 
ATOM   946  N NH2 . ARG A 1 151 ? 14.424  6.917   5.413   1.00 55.41 ? 150  ARG A NH2 1 
ATOM   947  N N   . ASN A 1 152 ? 8.137   4.579   4.076   1.00 24.53 ? 151  ASN A N   1 
ATOM   948  C CA  . ASN A 1 152 ? 8.106   4.060   5.428   1.00 25.27 ? 151  ASN A CA  1 
ATOM   949  C C   . ASN A 1 152 ? 7.367   2.731   5.607   1.00 25.86 ? 151  ASN A C   1 
ATOM   950  O O   . ASN A 1 152 ? 7.720   1.932   6.492   1.00 24.38 ? 151  ASN A O   1 
ATOM   951  C CB  . ASN A 1 152 ? 7.591   5.128   6.374   1.00 26.60 ? 151  ASN A CB  1 
ATOM   952  C CG  . ASN A 1 152 ? 8.630   6.215   6.628   1.00 29.55 ? 151  ASN A CG  1 
ATOM   953  O OD1 . ASN A 1 152 ? 9.808   5.908   6.753   1.00 29.37 ? 151  ASN A OD1 1 
ATOM   954  N ND2 . ASN A 1 152 ? 8.205   7.476   6.667   1.00 26.89 ? 151  ASN A ND2 1 
ATOM   955  N N   . VAL A 1 153 ? 6.327   2.497   4.798   1.00 21.99 ? 152  VAL A N   1 
ATOM   956  C CA  . VAL A 1 153 ? 5.673   1.193   4.788   1.00 23.95 ? 152  VAL A CA  1 
ATOM   957  C C   . VAL A 1 153 ? 6.661   0.122   4.398   1.00 24.47 ? 152  VAL A C   1 
ATOM   958  O O   . VAL A 1 153 ? 6.816   -0.924  5.071   1.00 22.68 ? 152  VAL A O   1 
ATOM   959  C CB  . VAL A 1 153 ? 4.487   1.189   3.785   1.00 22.49 ? 152  VAL A CB  1 
ATOM   960  C CG1 . VAL A 1 153 ? 3.989   -0.226  3.516   1.00 22.83 ? 152  VAL A CG1 1 
ATOM   961  C CG2 . VAL A 1 153 ? 3.346   2.010   4.383   1.00 23.77 ? 152  VAL A CG2 1 
ATOM   962  N N   . LEU A 1 154 ? 7.329   0.402   3.289   1.00 25.41 ? 153  LEU A N   1 
ATOM   963  C CA  . LEU A 1 154 ? 8.337   -0.506  2.776   1.00 26.58 ? 153  LEU A CA  1 
ATOM   964  C C   . LEU A 1 154 ? 9.522   -0.696  3.733   1.00 25.97 ? 153  LEU A C   1 
ATOM   965  O O   . LEU A 1 154 ? 10.053  -1.797  3.801   1.00 26.78 ? 153  LEU A O   1 
ATOM   966  C CB  . LEU A 1 154 ? 8.818   -0.022  1.422   1.00 28.24 ? 153  LEU A CB  1 
ATOM   967  C CG  . LEU A 1 154 ? 7.749   -0.125  0.333   1.00 29.48 ? 153  LEU A CG  1 
ATOM   968  C CD1 . LEU A 1 154 ? 8.166   0.675   -0.903  1.00 29.36 ? 153  LEU A CD1 1 
ATOM   969  C CD2 . LEU A 1 154 ? 7.408   -1.556  -0.019  1.00 31.54 ? 153  LEU A CD2 1 
ATOM   970  N N   . GLN A 1 155 ? 9.927   0.356   4.437   1.00 30.32 ? 154  GLN A N   1 
ATOM   971  C CA  A GLN A 1 155 ? 10.977  0.303   5.478   0.50 32.68 ? 154  GLN A CA  1 
ATOM   972  C CA  B GLN A 1 155 ? 10.996  0.229   5.421   0.50 32.94 ? 154  GLN A CA  1 
ATOM   973  C C   . GLN A 1 155 ? 10.585  -0.676  6.569   1.00 34.23 ? 154  GLN A C   1 
ATOM   974  O O   . GLN A 1 155 ? 11.402  -1.478  7.030   1.00 32.57 ? 154  GLN A O   1 
ATOM   975  C CB  A GLN A 1 155 ? 11.201  1.705   6.104   0.50 34.65 ? 154  GLN A CB  1 
ATOM   976  C CB  B GLN A 1 155 ? 11.433  1.579   5.981   0.50 35.08 ? 154  GLN A CB  1 
ATOM   977  C CG  A GLN A 1 155 ? 12.259  1.818   7.225   0.50 36.55 ? 154  GLN A CG  1 
ATOM   978  C CG  B GLN A 1 155 ? 12.729  1.494   6.782   0.50 36.90 ? 154  GLN A CG  1 
ATOM   979  C CD  A GLN A 1 155 ? 12.597  3.273   7.596   0.50 36.28 ? 154  GLN A CD  1 
ATOM   980  C CD  B GLN A 1 155 ? 13.884  1.016   5.932   0.50 36.78 ? 154  GLN A CD  1 
ATOM   981  O OE1 A GLN A 1 155 ? 12.125  4.216   6.967   0.50 37.66 ? 154  GLN A OE1 1 
ATOM   982  O OE1 B GLN A 1 155 ? 13.974  1.349   4.758   0.50 40.48 ? 154  GLN A OE1 1 
ATOM   983  N NE2 A GLN A 1 155 ? 13.418  3.449   8.618   0.50 38.31 ? 154  GLN A NE2 1 
ATOM   984  N NE2 B GLN A 1 155 ? 14.778  0.237   6.523   0.50 37.01 ? 154  GLN A NE2 1 
ATOM   985  N N   . LEU A 1 156 ? 9.340   -0.562  7.017   1.00 32.02 ? 155  LEU A N   1 
ATOM   986  C CA  . LEU A 1 156 ? 8.820   -1.455  8.035   1.00 35.09 ? 155  LEU A CA  1 
ATOM   987  C C   . LEU A 1 156 ? 8.812   -2.881  7.541   1.00 33.83 ? 155  LEU A C   1 
ATOM   988  O O   . LEU A 1 156 ? 9.202   -3.801  8.257   1.00 33.25 ? 155  LEU A O   1 
ATOM   989  C CB  . LEU A 1 156 ? 7.417   -1.054  8.491   1.00 35.05 ? 155  LEU A CB  1 
ATOM   990  C CG  . LEU A 1 156 ? 7.337   -0.108  9.679   1.00 40.19 ? 155  LEU A CG  1 
ATOM   991  C CD1 . LEU A 1 156 ? 5.898   0.326   9.897   1.00 37.52 ? 155  LEU A CD1 1 
ATOM   992  C CD2 . LEU A 1 156 ? 7.907   -0.764  10.941  1.00 43.99 ? 155  LEU A CD2 1 
ATOM   993  N N   . ALA A 1 157 ? 8.353   -3.076  6.321   1.00 30.20 ? 156  ALA A N   1 
ATOM   994  C CA  . ALA A 1 157 ? 8.280   -4.415  5.787   1.00 30.55 ? 156  ALA A CA  1 
ATOM   995  C C   . ALA A 1 157 ? 9.673   -5.067  5.714   1.00 33.40 ? 156  ALA A C   1 
ATOM   996  O O   . ALA A 1 157 ? 9.829   -6.267  5.991   1.00 32.14 ? 156  ALA A O   1 
ATOM   997  C CB  . ALA A 1 157 ? 7.650   -4.410  4.422   1.00 26.86 ? 156  ALA A CB  1 
ATOM   998  N N   . LYS A 1 158 ? 10.664  -4.287  5.303   1.00 33.48 ? 157  LYS A N   1 
ATOM   999  C CA  . LYS A 1 158 ? 12.040  -4.798  5.215   1.00 36.50 ? 157  LYS A CA  1 
ATOM   1000 C C   . LYS A 1 158 ? 12.545  -5.121  6.625   1.00 37.71 ? 157  LYS A C   1 
ATOM   1001 O O   . LYS A 1 158 ? 13.003  -6.242  6.877   1.00 36.16 ? 157  LYS A O   1 
ATOM   1002 C CB  . LYS A 1 158 ? 12.960  -3.812  4.482   1.00 39.71 ? 157  LYS A CB  1 
ATOM   1003 C CG  . LYS A 1 158 ? 14.242  -4.465  3.961   1.00 44.33 ? 157  LYS A CG  1 
ATOM   1004 C CD  . LYS A 1 158 ? 14.809  -3.781  2.730   1.00 44.34 ? 157  LYS A CD  1 
ATOM   1005 N N   . GLU A 1 159 ? 12.379  -4.184  7.554   1.00 36.23 ? 158  GLU A N   1 
ATOM   1006 C CA  . GLU A 1 159 ? 12.770  -4.394  8.949   1.00 39.54 ? 158  GLU A CA  1 
ATOM   1007 C C   . GLU A 1 159 ? 12.150  -5.641  9.586   1.00 39.11 ? 158  GLU A C   1 
ATOM   1008 O O   . GLU A 1 159 ? 12.752  -6.259  10.452  1.00 39.61 ? 158  GLU A O   1 
ATOM   1009 C CB  . GLU A 1 159 ? 12.365  -3.204  9.812   1.00 42.79 ? 158  GLU A CB  1 
ATOM   1010 C CG  . GLU A 1 159 ? 13.274  -1.994  9.747   1.00 46.76 ? 158  GLU A CG  1 
ATOM   1011 C CD  . GLU A 1 159 ? 12.711  -0.778  10.489  1.00 48.87 ? 158  GLU A CD  1 
ATOM   1012 O OE1 . GLU A 1 159 ? 11.713  -0.901  11.244  1.00 52.99 ? 158  GLU A OE1 1 
ATOM   1013 O OE2 . GLU A 1 159 ? 13.272  0.319   10.315  1.00 49.96 ? 158  GLU A OE2 1 
ATOM   1014 N N   . GLN A 1 160 ? 10.921  -5.967  9.220   1.00 34.93 ? 159  GLN A N   1 
ATOM   1015 C CA  . GLN A 1 160 ? 10.237  -7.122  9.797   1.00 34.55 ? 159  GLN A CA  1 
ATOM   1016 C C   . GLN A 1 160 ? 10.415  -8.373  8.962   1.00 34.05 ? 159  GLN A C   1 
ATOM   1017 O O   . GLN A 1 160 ? 9.712   -9.330  9.185   1.00 39.17 ? 159  GLN A O   1 
ATOM   1018 C CB  . GLN A 1 160 ? 8.734   -6.838  9.946   1.00 36.77 ? 159  GLN A CB  1 
ATOM   1019 C CG  . GLN A 1 160 ? 8.386   -5.882  11.061  1.00 37.64 ? 159  GLN A CG  1 
ATOM   1020 C CD  . GLN A 1 160 ? 8.756   -6.442  12.409  1.00 40.57 ? 159  GLN A CD  1 
ATOM   1021 O OE1 . GLN A 1 160 ? 8.541   -7.625  12.706  1.00 44.93 ? 159  GLN A OE1 1 
ATOM   1022 N NE2 . GLN A 1 160 ? 9.341   -5.607  13.221  1.00 41.68 ? 159  GLN A NE2 1 
ATOM   1023 N N   . SER A 1 161 ? 11.317  -8.357  7.985   1.00 33.71 ? 160  SER A N   1 
ATOM   1024 C CA  . SER A 1 161 ? 11.495  -9.443  7.038   1.00 35.69 ? 160  SER A CA  1 
ATOM   1025 C C   . SER A 1 161 ? 10.187  -9.970  6.482   1.00 35.50 ? 160  SER A C   1 
ATOM   1026 O O   . SER A 1 161 ? 9.966   -11.168 6.459   1.00 33.52 ? 160  SER A O   1 
ATOM   1027 C CB  . SER A 1 161 ? 12.286  -10.606 7.690   1.00 41.47 ? 160  SER A CB  1 
ATOM   1028 O OG  . SER A 1 161 ? 13.392  -10.106 8.424   1.00 42.86 ? 160  SER A OG  1 
ATOM   1029 N N   . MET A 1 162 ? 9.314   -9.087  6.002   1.00 32.98 ? 161  MET A N   1 
ATOM   1030 C CA  . MET A 1 162 ? 8.018   -9.542  5.485   1.00 29.25 ? 161  MET A CA  1 
ATOM   1031 C C   . MET A 1 162 ? 8.137   -10.058 4.070   1.00 31.15 ? 161  MET A C   1 
ATOM   1032 O O   . MET A 1 162 ? 8.838   -9.482  3.266   1.00 35.05 ? 161  MET A O   1 
ATOM   1033 C CB  . MET A 1 162 ? 7.010   -8.418  5.524   1.00 27.80 ? 161  MET A CB  1 
ATOM   1034 C CG  . MET A 1 162 ? 6.868   -7.785  6.891   1.00 30.26 ? 161  MET A CG  1 
ATOM   1035 S SD  . MET A 1 162 ? 5.462   -6.649  6.826   1.00 28.63 ? 161  MET A SD  1 
ATOM   1036 C CE  . MET A 1 162 ? 5.543   -5.913  8.426   1.00 29.06 ? 161  MET A CE  1 
ATOM   1037 N N   . SER A 1 163 ? 7.420   -11.126 3.748   1.00 31.15 ? 162  SER A N   1 
ATOM   1038 C CA  . SER A 1 163 ? 7.424   -11.645 2.393   1.00 31.84 ? 162  SER A CA  1 
ATOM   1039 C C   . SER A 1 163 ? 6.417   -10.963 1.436   1.00 32.60 ? 162  SER A C   1 
ATOM   1040 O O   . SER A 1 163 ? 6.614   -10.984 0.216   1.00 30.73 ? 162  SER A O   1 
ATOM   1041 C CB  . SER A 1 163 ? 7.202   -13.158 2.429   1.00 34.91 ? 162  SER A CB  1 
ATOM   1042 O OG  . SER A 1 163 ? 5.889   -13.459 2.854   1.00 36.90 ? 162  SER A OG  1 
ATOM   1043 N N   . SER A 1 164 ? 5.361   -10.342 1.972   1.00 27.91 ? 163  SER A N   1 
ATOM   1044 C CA  . SER A 1 164 ? 4.403   -9.626  1.126   1.00 25.36 ? 163  SER A CA  1 
ATOM   1045 C C   . SER A 1 164 ? 3.734   -8.474  1.857   1.00 25.11 ? 163  SER A C   1 
ATOM   1046 O O   . SER A 1 164 ? 3.580   -8.489  3.099   1.00 23.65 ? 163  SER A O   1 
ATOM   1047 C CB  . SER A 1 164 ? 3.341   -10.544 0.530   1.00 26.88 ? 163  SER A CB  1 
ATOM   1048 O OG  . SER A 1 164 ? 2.577   -11.161 1.526   1.00 26.02 ? 163  SER A OG  1 
ATOM   1049 N N   . VAL A 1 165 ? 3.395   -7.457  1.070   1.00 24.05 ? 164  VAL A N   1 
ATOM   1050 C CA  . VAL A 1 165 ? 2.707   -6.250  1.545   1.00 23.40 ? 164  VAL A CA  1 
ATOM   1051 C C   . VAL A 1 165 ? 1.516   -5.962  0.612   1.00 22.86 ? 164  VAL A C   1 
ATOM   1052 O O   . VAL A 1 165 ? 1.657   -5.954  -0.614  1.00 25.25 ? 164  VAL A O   1 
ATOM   1053 C CB  . VAL A 1 165 ? 3.633   -5.028  1.655   1.00 26.67 ? 164  VAL A CB  1 
ATOM   1054 C CG1 . VAL A 1 165 ? 2.891   -3.792  2.185   1.00 27.13 ? 164  VAL A CG1 1 
ATOM   1055 C CG2 . VAL A 1 165 ? 4.810   -5.324  2.583   1.00 28.56 ? 164  VAL A CG2 1 
ATOM   1056 N N   . GLY A 1 166 ? 0.338   -5.847  1.210   1.00 21.38 ? 165  GLY A N   1 
ATOM   1057 C CA  . GLY A 1 166 ? -0.860  -5.390  0.535   1.00 23.19 ? 165  GLY A CA  1 
ATOM   1058 C C   . GLY A 1 166 ? -1.080  -3.910  0.737   1.00 21.89 ? 165  GLY A C   1 
ATOM   1059 O O   . GLY A 1 166 ? -1.465  -3.480  1.804   1.00 21.43 ? 165  GLY A O   1 
ATOM   1060 N N   . PHE A 1 167 ? -0.807  -3.123  -0.282  1.00 22.07 ? 166  PHE A N   1 
ATOM   1061 C CA  . PHE A 1 167 ? -1.108  -1.702  -0.245  1.00 23.25 ? 166  PHE A CA  1 
ATOM   1062 C C   . PHE A 1 167 ? -2.560  -1.410  -0.555  1.00 22.18 ? 166  PHE A C   1 
ATOM   1063 O O   . PHE A 1 167 ? -3.113  -1.950  -1.494  1.00 23.20 ? 166  PHE A O   1 
ATOM   1064 C CB  . PHE A 1 167 ? -0.276  -0.909  -1.257  1.00 22.38 ? 166  PHE A CB  1 
ATOM   1065 C CG  . PHE A 1 167 ? 1.127   -0.648  -0.821  1.00 23.80 ? 166  PHE A CG  1 
ATOM   1066 C CD1 . PHE A 1 167 ? 1.428   0.441   -0.006  1.00 24.07 ? 166  PHE A CD1 1 
ATOM   1067 C CD2 . PHE A 1 167 ? 2.147   -1.474  -1.247  1.00 25.39 ? 166  PHE A CD2 1 
ATOM   1068 C CE1 . PHE A 1 167 ? 2.723   0.685   0.393   1.00 25.96 ? 166  PHE A CE1 1 
ATOM   1069 C CE2 . PHE A 1 167 ? 3.435   -1.225  -0.857  1.00 26.35 ? 166  PHE A CE2 1 
ATOM   1070 C CZ  . PHE A 1 167 ? 3.724   -0.166  -0.027  1.00 25.39 ? 166  PHE A CZ  1 
ATOM   1071 N N   . CYS A 1 168 ? -3.150  -0.524  0.239   1.00 24.81 ? 167  CYS A N   1 
ATOM   1072 C CA  . CYS A 1 168 ? -4.354  0.192   -0.165  1.00 25.98 ? 167  CYS A CA  1 
ATOM   1073 C C   . CYS A 1 168 ? -3.859  1.373   -0.980  1.00 27.94 ? 167  CYS A C   1 
ATOM   1074 O O   . CYS A 1 168 ? -2.644  1.673   -1.039  1.00 25.71 ? 167  CYS A O   1 
ATOM   1075 C CB  . CYS A 1 168 ? -5.165  0.664   1.038   1.00 26.30 ? 167  CYS A CB  1 
ATOM   1076 S SG  . CYS A 1 168 ? -4.282  1.868   2.086   1.00 26.46 ? 167  CYS A SG  1 
ATOM   1077 N N   . VAL A 1 169 ? -4.790  2.061   -1.613  1.00 27.13 ? 168  VAL A N   1 
ATOM   1078 C CA  . VAL A 1 169 ? -4.468  3.336   -2.213  1.00 26.24 ? 168  VAL A CA  1 
ATOM   1079 C C   . VAL A 1 169 ? -4.301  4.290   -1.041  1.00 25.12 ? 168  VAL A C   1 
ATOM   1080 O O   . VAL A 1 169 ? -5.275  4.564   -0.330  1.00 23.84 ? 168  VAL A O   1 
ATOM   1081 C CB  . VAL A 1 169 ? -5.594  3.749   -3.186  1.00 27.78 ? 168  VAL A CB  1 
ATOM   1082 C CG1 . VAL A 1 169 ? -5.323  5.141   -3.750  1.00 27.82 ? 168  VAL A CG1 1 
ATOM   1083 C CG2 . VAL A 1 169 ? -5.679  2.733   -4.334  1.00 26.21 ? 168  VAL A CG2 1 
ATOM   1084 N N   . ILE A 1 170 ? -3.061  4.732   -0.757  1.00 23.00 ? 169  ILE A N   1 
ATOM   1085 C CA  . ILE A 1 170 ? -2.818  5.474   0.480   1.00 22.32 ? 169  ILE A CA  1 
ATOM   1086 C C   . ILE A 1 170 ? -3.506  6.860   0.487   1.00 22.82 ? 169  ILE A C   1 
ATOM   1087 O O   . ILE A 1 170 ? -3.879  7.355   1.542   1.00 23.92 ? 169  ILE A O   1 
ATOM   1088 C CB  . ILE A 1 170 ? -1.280  5.580   0.809   1.00 22.94 ? 169  ILE A CB  1 
ATOM   1089 C CG1 . ILE A 1 170 ? -0.777  4.171   1.204   1.00 22.41 ? 169  ILE A CG1 1 
ATOM   1090 C CG2 . ILE A 1 170 ? -0.990  6.571   1.936   1.00 23.09 ? 169  ILE A CG2 1 
ATOM   1091 C CD1 . ILE A 1 170 ? 0.716   4.046   1.424   1.00 22.44 ? 169  ILE A CD1 1 
ATOM   1092 N N   . ASN A 1 171 ? -3.639  7.458   -0.676  1.00 23.65 ? 170  ASN A N   1 
ATOM   1093 C CA  . ASN A 1 171 ? -4.311  8.746   -0.809  1.00 27.03 ? 170  ASN A CA  1 
ATOM   1094 C C   . ASN A 1 171 ? -5.821  8.503   -0.764  1.00 27.70 ? 170  ASN A C   1 
ATOM   1095 O O   . ASN A 1 171 ? -6.368  7.941   -1.691  1.00 29.69 ? 170  ASN A O   1 
ATOM   1096 C CB  . ASN A 1 171 ? -3.906  9.427   -2.126  1.00 28.57 ? 170  ASN A CB  1 
ATOM   1097 C CG  . ASN A 1 171 ? -3.953  8.490   -3.336  1.00 31.20 ? 170  ASN A CG  1 
ATOM   1098 O OD1 . ASN A 1 171 ? -3.216  7.483   -3.422  1.00 30.79 ? 170  ASN A OD1 1 
ATOM   1099 N ND2 . ASN A 1 171 ? -4.811  8.822   -4.294  1.00 32.64 ? 170  ASN A ND2 1 
ATOM   1100 N N   . SER A 1 172 ? -6.457  8.818   0.343   1.00 30.43 ? 171  SER A N   1 
ATOM   1101 C CA  . SER A 1 172 ? -7.921  8.650   0.452   1.00 33.18 ? 171  SER A CA  1 
ATOM   1102 C C   . SER A 1 172 ? -8.620  9.698   -0.400  1.00 34.87 ? 171  SER A C   1 
ATOM   1103 O O   . SER A 1 172 ? -8.095  10.795  -0.595  1.00 34.11 ? 171  SER A O   1 
ATOM   1104 C CB  . SER A 1 172 ? -8.374  8.769   1.897   1.00 33.07 ? 171  SER A CB  1 
ATOM   1105 O OG  . SER A 1 172 ? -7.985  10.011  2.450   1.00 31.98 ? 171  SER A OG  1 
ATOM   1106 N N   . ALA A 1 173 ? -9.807  9.381   -0.902  1.00 37.68 ? 172  ALA A N   1 
ATOM   1107 C CA  . ALA A 1 173 ? -10.577 10.353  -1.684  1.00 36.56 ? 172  ALA A CA  1 
ATOM   1108 C C   . ALA A 1 173 ? -10.833 11.608  -0.850  1.00 36.50 ? 172  ALA A C   1 
ATOM   1109 O O   . ALA A 1 173 ? -10.649 12.727  -1.332  1.00 39.59 ? 172  ALA A O   1 
ATOM   1110 C CB  . ALA A 1 173 ? -11.877 9.742   -2.197  1.00 38.85 ? 172  ALA A CB  1 
ATOM   1111 N N   . LYS A 1 174 ? -11.171 11.437  0.420   1.00 36.29 ? 173  LYS A N   1 
ATOM   1112 C CA  . LYS A 1 174 ? -11.456 12.596  1.256   1.00 39.67 ? 173  LYS A CA  1 
ATOM   1113 C C   . LYS A 1 174 ? -10.256 13.536  1.503   1.00 39.41 ? 173  LYS A C   1 
ATOM   1114 O O   . LYS A 1 174 ? -10.464 14.666  1.905   1.00 38.02 ? 173  LYS A O   1 
ATOM   1115 C CB  . LYS A 1 174 ? -12.069 12.192  2.595   1.00 41.36 ? 173  LYS A CB  1 
ATOM   1116 C CG  . LYS A 1 174 ? -11.112 11.427  3.504   1.00 44.02 ? 173  LYS A CG  1 
ATOM   1117 C CD  . LYS A 1 174 ? -11.867 10.680  4.577   1.00 44.49 ? 173  LYS A CD  1 
ATOM   1118 C CE  . LYS A 1 174 ? -12.670 11.627  5.442   1.00 44.41 ? 173  LYS A CE  1 
ATOM   1119 N NZ  . LYS A 1 174 ? -12.597 11.185  6.853   1.00 44.34 ? 173  LYS A NZ  1 
ATOM   1120 N N   . ARG A 1 175 ? -9.014  13.096  1.312   1.00 33.38 ? 174  ARG A N   1 
ATOM   1121 C CA  . ARG A 1 175 ? -7.879  14.008  1.533   1.00 29.86 ? 174  ARG A CA  1 
ATOM   1122 C C   . ARG A 1 175 ? -7.468  14.722  0.257   1.00 30.02 ? 174  ARG A C   1 
ATOM   1123 O O   . ARG A 1 175 ? -6.567  15.574  0.272   1.00 30.32 ? 174  ARG A O   1 
ATOM   1124 C CB  . ARG A 1 175 ? -6.687  13.292  2.204   1.00 31.22 ? 174  ARG A CB  1 
ATOM   1125 C CG  . ARG A 1 175 ? -6.776  13.433  3.707   1.00 33.26 ? 174  ARG A CG  1 
ATOM   1126 C CD  . ARG A 1 175 ? -5.762  12.654  4.530   1.00 35.19 ? 174  ARG A CD  1 
ATOM   1127 N NE  . ARG A 1 175 ? -6.122  12.757  5.945   1.00 34.64 ? 174  ARG A NE  1 
ATOM   1128 C CZ  . ARG A 1 175 ? -5.353  13.219  6.938   1.00 38.27 ? 174  ARG A CZ  1 
ATOM   1129 N NH1 . ARG A 1 175 ? -4.097  13.610  6.758   1.00 30.17 ? 174  ARG A NH1 1 
ATOM   1130 N NH2 . ARG A 1 175 ? -5.867  13.290  8.159   1.00 41.34 ? 174  ARG A NH2 1 
ATOM   1131 N N   . GLY A 1 176 ? -8.092  14.342  -0.850  1.00 29.94 ? 175  GLY A N   1 
ATOM   1132 C CA  . GLY A 1 176 ? -8.046  15.100  -2.103  1.00 31.12 ? 175  GLY A CA  1 
ATOM   1133 C C   . GLY A 1 176 ? -6.801  15.103  -2.979  1.00 31.66 ? 175  GLY A C   1 
ATOM   1134 O O   . GLY A 1 176 ? -6.666  15.950  -3.885  1.00 26.88 ? 175  GLY A O   1 
ATOM   1135 N N   . TYR A 1 177 ? -5.887  14.156  -2.761  1.00 27.96 ? 176  TYR A N   1 
ATOM   1136 C CA  . TYR A 1 177 ? -4.702  14.132  -3.576  1.00 27.10 ? 176  TYR A CA  1 
ATOM   1137 C C   . TYR A 1 177 ? -5.156  13.822  -4.990  1.00 30.37 ? 176  TYR A C   1 
ATOM   1138 O O   . TYR A 1 177 ? -5.933  12.907  -5.155  1.00 31.97 ? 176  TYR A O   1 
ATOM   1139 C CB  . TYR A 1 177 ? -3.710  13.047  -3.094  1.00 26.14 ? 176  TYR A CB  1 
ATOM   1140 C CG  . TYR A 1 177 ? -2.288  13.400  -3.406  1.00 24.81 ? 176  TYR A CG  1 
ATOM   1141 C CD1 . TYR A 1 177 ? -1.867  13.563  -4.710  1.00 24.75 ? 176  TYR A CD1 1 
ATOM   1142 C CD2 . TYR A 1 177 ? -1.348  13.531  -2.385  1.00 26.81 ? 176  TYR A CD2 1 
ATOM   1143 C CE1 . TYR A 1 177 ? -0.552  13.906  -5.006  1.00 27.20 ? 176  TYR A CE1 1 
ATOM   1144 C CE2 . TYR A 1 177 ? -0.030  13.880  -2.657  1.00 24.54 ? 176  TYR A CE2 1 
ATOM   1145 C CZ  . TYR A 1 177 ? 0.360   14.063  -3.961  1.00 25.64 ? 176  TYR A CZ  1 
ATOM   1146 O OH  . TYR A 1 177 ? 1.651   14.411  -4.235  1.00 28.47 ? 176  TYR A OH  1 
ATOM   1147 N N   . PRO A 1 178 ? -4.691  14.583  -6.004  1.00 29.67 ? 177  PRO A N   1 
ATOM   1148 C CA  . PRO A 1 178 ? -5.003  14.223  -7.390  1.00 32.38 ? 177  PRO A CA  1 
ATOM   1149 C C   . PRO A 1 178 ? -4.532  12.809  -7.731  1.00 33.71 ? 177  PRO A C   1 
ATOM   1150 O O   . PRO A 1 178 ? -3.359  12.484  -7.573  1.00 28.85 ? 177  PRO A O   1 
ATOM   1151 C CB  . PRO A 1 178 ? -4.227  15.260  -8.192  1.00 32.66 ? 177  PRO A CB  1 
ATOM   1152 C CG  . PRO A 1 178 ? -4.266  16.464  -7.319  1.00 31.78 ? 177  PRO A CG  1 
ATOM   1153 C CD  . PRO A 1 178 ? -4.089  15.921  -5.924  1.00 31.15 ? 177  PRO A CD  1 
ATOM   1154 N N   . LEU A 1 179 ? -5.453  11.993  -8.231  1.00 34.88 ? 178  LEU A N   1 
ATOM   1155 C CA  . LEU A 1 179 ? -5.257  10.554  -8.270  1.00 33.91 ? 178  LEU A CA  1 
ATOM   1156 C C   . LEU A 1 179 ? -4.105  10.141  -9.139  1.00 33.52 ? 178  LEU A C   1 
ATOM   1157 O O   . LEU A 1 179 ? -3.310  9.287   -8.770  1.00 34.19 ? 178  LEU A O   1 
ATOM   1158 C CB  . LEU A 1 179 ? -6.541  9.864   -8.712  1.00 39.63 ? 178  LEU A CB  1 
ATOM   1159 C CG  . LEU A 1 179 ? -6.452  8.347   -8.933  1.00 41.75 ? 178  LEU A CG  1 
ATOM   1160 C CD1 . LEU A 1 179 ? -6.067  7.631   -7.640  1.00 41.20 ? 178  LEU A CD1 1 
ATOM   1161 C CD2 . LEU A 1 179 ? -7.792  7.856   -9.469  1.00 44.44 ? 178  LEU A CD2 1 
ATOM   1162 N N   . GLU A 1 180 ? -3.974  10.773  -10.286 1.00 34.20 ? 179  GLU A N   1 
ATOM   1163 C CA  . GLU A 1 180 ? -2.978  10.354  -11.217 1.00 36.09 ? 179  GLU A CA  1 
ATOM   1164 C C   . GLU A 1 180 ? -1.574  10.702  -10.709 1.00 36.17 ? 179  GLU A C   1 
ATOM   1165 O O   . GLU A 1 180 ? -0.678  9.866   -10.766 1.00 33.62 ? 179  GLU A O   1 
ATOM   1166 C CB  . GLU A 1 180 ? -3.247  10.979  -12.573 1.00 40.02 ? 179  GLU A CB  1 
ATOM   1167 C CG  . GLU A 1 180 ? -2.431  10.372  -13.680 1.00 43.78 ? 179  GLU A CG  1 
ATOM   1168 C CD  . GLU A 1 180 ? -3.204  10.238  -14.989 1.00 50.87 ? 179  GLU A CD  1 
ATOM   1169 O OE1 . GLU A 1 180 ? -4.462  10.311  -15.021 1.00 52.10 ? 179  GLU A OE1 1 
ATOM   1170 O OE2 . GLU A 1 180 ? -2.521  10.021  -16.000 1.00 52.64 ? 179  GLU A OE2 1 
ATOM   1171 N N   . ASP A 1 181 ? -1.399  11.927  -10.214 1.00 32.90 ? 180  ASP A N   1 
ATOM   1172 C CA  . ASP A 1 181 ? -0.154  12.326  -9.558  1.00 32.00 ? 180  ASP A CA  1 
ATOM   1173 C C   . ASP A 1 181 ? 0.208   11.374  -8.433  1.00 28.13 ? 180  ASP A C   1 
ATOM   1174 O O   . ASP A 1 181 ? 1.332   10.953  -8.332  1.00 28.20 ? 180  ASP A O   1 
ATOM   1175 C CB  . ASP A 1 181 ? -0.283  13.738  -8.959  1.00 34.44 ? 180  ASP A CB  1 
ATOM   1176 C CG  . ASP A 1 181 ? -0.366  14.814  -10.008 1.00 40.26 ? 180  ASP A CG  1 
ATOM   1177 O OD1 . ASP A 1 181 ? 0.179   14.629  -11.122 1.00 41.14 ? 180  ASP A OD1 1 
ATOM   1178 O OD2 . ASP A 1 181 ? -0.952  15.869  -9.696  1.00 46.02 ? 180  ASP A OD2 1 
ATOM   1179 N N   . ALA A 1 182 ? -0.765  11.044  -7.597  1.00 26.31 ? 181  ALA A N   1 
ATOM   1180 C CA  . ALA A 1 182 ? -0.551  10.164  -6.457  1.00 27.24 ? 181  ALA A CA  1 
ATOM   1181 C C   . ALA A 1 182 ? -0.064  8.792   -6.890  1.00 26.91 ? 181  ALA A C   1 
ATOM   1182 O O   . ALA A 1 182 ? 0.828   8.215   -6.265  1.00 25.35 ? 181  ALA A O   1 
ATOM   1183 C CB  . ALA A 1 182 ? -1.832  9.997   -5.663  1.00 25.32 ? 181  ALA A CB  1 
ATOM   1184 N N   . THR A 1 183 ? -0.668  8.274   -7.946  1.00 26.14 ? 182  THR A N   1 
ATOM   1185 C CA  . THR A 1 183 ? -0.332  6.963   -8.480  1.00 27.22 ? 182  THR A CA  1 
ATOM   1186 C C   . THR A 1 183 ? 1.078   6.915   -9.061  1.00 27.10 ? 182  THR A C   1 
ATOM   1187 O O   . THR A 1 183 ? 1.778   5.912   -8.903  1.00 25.75 ? 182  THR A O   1 
ATOM   1188 C CB  . THR A 1 183 ? -1.377  6.512   -9.536  1.00 30.02 ? 182  THR A CB  1 
ATOM   1189 O OG1 . THR A 1 183 ? -2.695  6.553   -8.963  1.00 28.11 ? 182  THR A OG1 1 
ATOM   1190 C CG2 . THR A 1 183 ? -1.102  5.131   -9.969  1.00 29.58 ? 182  THR A CG2 1 
ATOM   1191 N N   . HIS A 1 184 ? 1.547   8.002   -9.664  1.00 28.17 ? 183  HIS A N   1 
ATOM   1192 C CA  . HIS A 1 184 ? 2.953   8.039   -10.083 1.00 27.65 ? 183  HIS A CA  1 
ATOM   1193 C C   . HIS A 1 184 ? 3.882   7.864   -8.914  1.00 28.16 ? 183  HIS A C   1 
ATOM   1194 O O   . HIS A 1 184 ? 4.862   7.147   -8.997  1.00 27.00 ? 183  HIS A O   1 
ATOM   1195 C CB  . HIS A 1 184 ? 3.323   9.364   -10.718 1.00 30.02 ? 183  HIS A CB  1 
ATOM   1196 C CG  . HIS A 1 184 ? 2.878   9.513   -12.121 1.00 30.30 ? 183  HIS A CG  1 
ATOM   1197 N ND1 . HIS A 1 184 ? 3.565   8.952   -13.173 1.00 32.88 ? 183  HIS A ND1 1 
ATOM   1198 C CD2 . HIS A 1 184 ? 1.826   10.169  -12.656 1.00 33.17 ? 183  HIS A CD2 1 
ATOM   1199 C CE1 . HIS A 1 184 ? 2.958   9.267   -14.305 1.00 33.47 ? 183  HIS A CE1 1 
ATOM   1200 N NE2 . HIS A 1 184 ? 1.892   9.994   -14.016 1.00 33.97 ? 183  HIS A NE2 1 
ATOM   1201 N N   . ILE A 1 185 ? 3.575   8.543   -7.813  1.00 26.57 ? 184  ILE A N   1 
ATOM   1202 C CA  . ILE A 1 185 ? 4.417   8.452   -6.617  1.00 28.75 ? 184  ILE A CA  1 
ATOM   1203 C C   . ILE A 1 185 ? 4.413   7.034   -6.071  1.00 27.44 ? 184  ILE A C   1 
ATOM   1204 O O   . ILE A 1 185 ? 5.465   6.466   -5.785  1.00 29.23 ? 184  ILE A O   1 
ATOM   1205 C CB  . ILE A 1 185 ? 3.975   9.485   -5.549  1.00 27.54 ? 184  ILE A CB  1 
ATOM   1206 C CG1 . ILE A 1 185 ? 4.187   10.896  -6.123  1.00 28.82 ? 184  ILE A CG1 1 
ATOM   1207 C CG2 . ILE A 1 185 ? 4.733   9.276   -4.258  1.00 27.48 ? 184  ILE A CG2 1 
ATOM   1208 C CD1 . ILE A 1 185 ? 3.546   12.021  -5.342  1.00 30.94 ? 184  ILE A CD1 1 
ATOM   1209 N N   . ALA A 1 186 ? 3.230   6.443   -5.951  1.00 26.99 ? 185  ALA A N   1 
ATOM   1210 C CA  . ALA A 1 186 ? 3.113   5.096   -5.415  1.00 25.56 ? 185  ALA A CA  1 
ATOM   1211 C C   . ALA A 1 186 ? 3.945   4.098   -6.258  1.00 24.57 ? 185  ALA A C   1 
ATOM   1212 O O   . ALA A 1 186 ? 4.778   3.356   -5.720  1.00 26.55 ? 185  ALA A O   1 
ATOM   1213 C CB  . ALA A 1 186 ? 1.651   4.669   -5.386  1.00 26.26 ? 185  ALA A CB  1 
ATOM   1214 N N   . LEU A 1 187 ? 3.738   4.097   -7.562  1.00 25.45 ? 186  LEU A N   1 
ATOM   1215 C CA  . LEU A 1 187 ? 4.420   3.120   -8.416  1.00 26.94 ? 186  LEU A CA  1 
ATOM   1216 C C   . LEU A 1 187 ? 5.917   3.365   -8.510  1.00 26.96 ? 186  LEU A C   1 
ATOM   1217 O O   . LEU A 1 187 ? 6.712   2.420   -8.479  1.00 27.16 ? 186  LEU A O   1 
ATOM   1218 C CB  . LEU A 1 187 ? 3.788   3.110   -9.806  1.00 29.06 ? 186  LEU A CB  1 
ATOM   1219 C CG  . LEU A 1 187 ? 2.308   2.738   -9.835  1.00 29.37 ? 186  LEU A CG  1 
ATOM   1220 C CD1 . LEU A 1 187 ? 1.800   2.782   -11.252 1.00 31.56 ? 186  LEU A CD1 1 
ATOM   1221 C CD2 . LEU A 1 187 ? 2.118   1.367   -9.231  1.00 31.08 ? 186  LEU A CD2 1 
ATOM   1222 N N   . ARG A 1 188 ? 6.309   4.626   -8.651  1.00 28.21 ? 187  ARG A N   1 
ATOM   1223 C CA  . ARG A 1 188 ? 7.735   4.960   -8.749  1.00 30.24 ? 187  ARG A CA  1 
ATOM   1224 C C   . ARG A 1 188 ? 8.491   4.530   -7.494  1.00 30.46 ? 187  ARG A C   1 
ATOM   1225 O O   . ARG A 1 188 ? 9.568   3.905   -7.545  1.00 27.60 ? 187  ARG A O   1 
ATOM   1226 C CB  . ARG A 1 188 ? 7.878   6.466   -8.988  1.00 34.25 ? 187  ARG A CB  1 
ATOM   1227 C CG  . ARG A 1 188 ? 9.301   6.946   -9.218  1.00 36.41 ? 187  ARG A CG  1 
ATOM   1228 C CD  . ARG A 1 188 ? 9.284   8.436   -9.551  1.00 39.83 ? 187  ARG A CD  1 
ATOM   1229 N NE  . ARG A 1 188 ? 8.913   9.187   -8.352  1.00 41.04 ? 187  ARG A NE  1 
ATOM   1230 C CZ  . ARG A 1 188 ? 8.176   10.290  -8.321  1.00 44.77 ? 187  ARG A CZ  1 
ATOM   1231 N NH1 . ARG A 1 188 ? 7.718   10.839  -9.435  1.00 45.91 ? 187  ARG A NH1 1 
ATOM   1232 N NH2 . ARG A 1 188 ? 7.918   10.857  -7.154  1.00 46.09 ? 187  ARG A NH2 1 
ATOM   1233 N N   . THR A 1 189 ? 7.901   4.802   -6.340  1.00 28.10 ? 188  THR A N   1 
ATOM   1234 C CA  . THR A 1 189 ? 8.541   4.464   -5.070  1.00 27.14 ? 188  THR A CA  1 
ATOM   1235 C C   . THR A 1 189 ? 8.691   2.962   -4.892  1.00 27.43 ? 188  THR A C   1 
ATOM   1236 O O   . THR A 1 189 ? 9.746   2.439   -4.436  1.00 26.66 ? 188  THR A O   1 
ATOM   1237 C CB  . THR A 1 189 ? 7.720   5.060   -3.893  1.00 27.31 ? 188  THR A CB  1 
ATOM   1238 O OG1 . THR A 1 189 ? 7.529   6.461   -4.124  1.00 23.98 ? 188  THR A OG1 1 
ATOM   1239 C CG2 . THR A 1 189 ? 8.382   4.816   -2.576  1.00 26.75 ? 188  THR A CG2 1 
ATOM   1240 N N   . VAL A 1 190 ? 7.648   2.220   -5.234  1.00 25.14 ? 189  VAL A N   1 
ATOM   1241 C CA  . VAL A 1 190 ? 7.734   0.775   -5.100  1.00 25.76 ? 189  VAL A CA  1 
ATOM   1242 C C   . VAL A 1 190 ? 8.730   0.204   -6.129  1.00 27.11 ? 189  VAL A C   1 
ATOM   1243 O O   . VAL A 1 190 ? 9.461   -0.729  -5.825  1.00 25.12 ? 189  VAL A O   1 
ATOM   1244 C CB  . VAL A 1 190 ? 6.342   0.099   -5.257  1.00 25.57 ? 189  VAL A CB  1 
ATOM   1245 C CG1 . VAL A 1 190 ? 6.453   -1.395  -5.405  1.00 27.28 ? 189  VAL A CG1 1 
ATOM   1246 C CG2 . VAL A 1 190 ? 5.445   0.432   -4.074  1.00 27.17 ? 189  VAL A CG2 1 
ATOM   1247 N N   . ARG A 1 191 ? 8.702   0.733   -7.345  1.00 29.36 ? 190  ARG A N   1 
ATOM   1248 C CA  . ARG A 1 191 ? 9.665   0.281   -8.380  1.00 32.60 ? 190  ARG A CA  1 
ATOM   1249 C C   . ARG A 1 191 ? 11.096  0.398   -7.851  1.00 31.65 ? 190  ARG A C   1 
ATOM   1250 O O   . ARG A 1 191 ? 11.825  -0.591  -7.806  1.00 33.22 ? 190  ARG A O   1 
ATOM   1251 C CB  . ARG A 1 191 ? 9.469   1.036   -9.692  1.00 32.23 ? 190  ARG A CB  1 
ATOM   1252 C CG  . ARG A 1 191 ? 10.606  0.861   -10.693 1.00 35.89 ? 190  ARG A CG  1 
ATOM   1253 C CD  . ARG A 1 191 ? 10.688  -0.576  -11.167 1.00 38.54 ? 190  ARG A CD  1 
ATOM   1254 N NE  . ARG A 1 191 ? 11.939  -0.903  -11.876 1.00 39.62 ? 190  ARG A NE  1 
ATOM   1255 C CZ  . ARG A 1 191 ? 12.031  -1.477  -13.083 1.00 41.66 ? 190  ARG A CZ  1 
ATOM   1256 N NH1 . ARG A 1 191 ? 10.964  -1.764  -13.835 1.00 39.08 ? 190  ARG A NH1 1 
ATOM   1257 N NH2 . ARG A 1 191 ? 13.238  -1.749  -13.559 1.00 41.57 ? 190  ARG A NH2 1 
ATOM   1258 N N   . ARG A 1 192 ? 11.453  1.587   -7.389  1.00 32.43 ? 191  ARG A N   1 
ATOM   1259 C CA  . ARG A 1 192 ? 12.808  1.886   -6.986  1.00 34.98 ? 191  ARG A CA  1 
ATOM   1260 C C   . ARG A 1 192 ? 13.217  1.089   -5.788  1.00 38.81 ? 191  ARG A C   1 
ATOM   1261 O O   . ARG A 1 192 ? 14.375  0.639   -5.682  1.00 37.95 ? 191  ARG A O   1 
ATOM   1262 C CB  . ARG A 1 192 ? 12.976  3.375   -6.727  1.00 39.89 ? 191  ARG A CB  1 
ATOM   1263 C CG  . ARG A 1 192 ? 12.846  4.182   -8.002  1.00 42.21 ? 191  ARG A CG  1 
ATOM   1264 C CD  . ARG A 1 192 ? 12.928  5.669   -7.749  1.00 48.45 ? 191  ARG A CD  1 
ATOM   1265 N NE  . ARG A 1 192 ? 12.986  6.411   -9.017  1.00 54.61 ? 191  ARG A NE  1 
ATOM   1266 C CZ  . ARG A 1 192 ? 12.734  7.716   -9.159  1.00 59.68 ? 191  ARG A CZ  1 
ATOM   1267 N NH1 . ARG A 1 192 ? 12.395  8.464   -8.110  1.00 65.65 ? 191  ARG A NH1 1 
ATOM   1268 N NH2 . ARG A 1 192 ? 12.813  8.281   -10.363 1.00 60.30 ? 191  ARG A NH2 1 
ATOM   1269 N N   . PHE A 1 193 ? 12.279  0.882   -4.880  1.00 35.34 ? 192  PHE A N   1 
ATOM   1270 C CA  . PHE A 1 193 ? 12.560  0.050   -3.720  1.00 36.61 ? 192  PHE A CA  1 
ATOM   1271 C C   . PHE A 1 193 ? 12.740  -1.404  -4.118  1.00 37.89 ? 192  PHE A C   1 
ATOM   1272 O O   . PHE A 1 193 ? 13.581  -2.106  -3.542  1.00 38.66 ? 192  PHE A O   1 
ATOM   1273 C CB  . PHE A 1 193 ? 11.422  0.145   -2.695  1.00 34.84 ? 192  PHE A CB  1 
ATOM   1274 C CG  . PHE A 1 193 ? 11.545  -0.820  -1.561  1.00 33.60 ? 192  PHE A CG  1 
ATOM   1275 C CD1 . PHE A 1 193 ? 11.012  -2.095  -1.665  1.00 33.50 ? 192  PHE A CD1 1 
ATOM   1276 C CD2 . PHE A 1 193 ? 12.162  -0.440  -0.372  1.00 35.91 ? 192  PHE A CD2 1 
ATOM   1277 C CE1 . PHE A 1 193 ? 11.101  -2.989  -0.610  1.00 36.68 ? 192  PHE A CE1 1 
ATOM   1278 C CE2 . PHE A 1 193 ? 12.254  -1.330  0.695   1.00 34.06 ? 192  PHE A CE2 1 
ATOM   1279 C CZ  . PHE A 1 193 ? 11.731  -2.613  0.568   1.00 33.70 ? 192  PHE A CZ  1 
ATOM   1280 N N   . LEU A 1 194 ? 11.931  -1.897  -5.046  1.00 33.34 ? 193  LEU A N   1 
ATOM   1281 C CA  . LEU A 1 194 ? 12.056  -3.289  -5.394  1.00 36.98 ? 193  LEU A CA  1 
ATOM   1282 C C   . LEU A 1 194 ? 13.362  -3.558  -6.171  1.00 41.87 ? 193  LEU A C   1 
ATOM   1283 O O   . LEU A 1 194 ? 13.923  -4.646  -6.073  1.00 43.66 ? 193  LEU A O   1 
ATOM   1284 C CB  . LEU A 1 194 ? 10.861  -3.766  -6.201  1.00 36.19 ? 193  LEU A CB  1 
ATOM   1285 C CG  . LEU A 1 194 ? 9.561   -4.050  -5.443  1.00 35.08 ? 193  LEU A CG  1 
ATOM   1286 C CD1 . LEU A 1 194 ? 8.443   -4.354  -6.419  1.00 34.00 ? 193  LEU A CD1 1 
ATOM   1287 C CD2 . LEU A 1 194 ? 9.733   -5.219  -4.496  1.00 37.36 ? 193  LEU A CD2 1 
ATOM   1288 N N   . GLU A 1 195 ? 13.812  -2.573  -6.941  1.00 41.69 ? 194  GLU A N   1 
ATOM   1289 C CA  . GLU A 1 195 ? 15.058  -2.684  -7.689  1.00 47.43 ? 194  GLU A CA  1 
ATOM   1290 C C   . GLU A 1 195 ? 16.219  -2.961  -6.746  1.00 48.16 ? 194  GLU A C   1 
ATOM   1291 O O   . GLU A 1 195 ? 17.010  -3.844  -7.007  1.00 50.59 ? 194  GLU A O   1 
ATOM   1292 C CB  . GLU A 1 195 ? 15.341  -1.405  -8.481  1.00 43.49 ? 194  GLU A CB  1 
ATOM   1293 C CG  . GLU A 1 195 ? 14.727  -1.372  -9.855  1.00 45.86 ? 194  GLU A CG  1 
ATOM   1294 C CD  . GLU A 1 195 ? 14.894  -0.023  -10.535 1.00 49.71 ? 194  GLU A CD  1 
ATOM   1295 O OE1 . GLU A 1 195 ? 15.500  0.918   -9.960  1.00 53.83 ? 194  GLU A OE1 1 
ATOM   1296 O OE2 . GLU A 1 195 ? 14.394  0.108   -11.658 1.00 51.67 ? 194  GLU A OE2 1 
ATOM   1297 N N   . ILE A 1 196 ? 16.299  -2.210  -5.651  1.00 52.04 ? 195  ILE A N   1 
ATOM   1298 C CA  . ILE A 1 196 ? 17.378  -2.363  -4.681  1.00 55.46 ? 195  ILE A CA  1 
ATOM   1299 C C   . ILE A 1 196 ? 17.121  -3.455  -3.639  1.00 59.50 ? 195  ILE A C   1 
ATOM   1300 O O   . ILE A 1 196 ? 17.997  -4.290  -3.400  1.00 62.45 ? 195  ILE A O   1 
ATOM   1301 C CB  . ILE A 1 196 ? 17.666  -1.042  -3.950  1.00 56.76 ? 195  ILE A CB  1 
ATOM   1302 C CG1 . ILE A 1 196 ? 18.355  -0.048  -4.893  1.00 58.72 ? 195  ILE A CG1 1 
ATOM   1303 C CG2 . ILE A 1 196 ? 18.547  -1.288  -2.732  1.00 57.29 ? 195  ILE A CG2 1 
ATOM   1304 C CD1 . ILE A 1 196 ? 17.463  0.582   -5.948  1.00 60.19 ? 195  ILE A CD1 1 
ATOM   1305 N N   . HIS A 1 197 ? 15.936  -3.451  -3.017  1.00 57.24 ? 196  HIS A N   1 
ATOM   1306 C CA  . HIS A 1 197 ? 15.655  -4.320  -1.858  1.00 53.38 ? 196  HIS A CA  1 
ATOM   1307 C C   . HIS A 1 197 ? 14.702  -5.481  -2.135  1.00 55.79 ? 196  HIS A C   1 
ATOM   1308 O O   . HIS A 1 197 ? 14.136  -6.073  -1.211  1.00 57.10 ? 196  HIS A O   1 
ATOM   1309 C CB  . HIS A 1 197 ? 15.069  -3.502  -0.715  1.00 50.88 ? 196  HIS A CB  1 
ATOM   1310 C CG  . HIS A 1 197 ? 15.873  -2.300  -0.352  1.00 54.69 ? 196  HIS A CG  1 
ATOM   1311 N ND1 . HIS A 1 197 ? 16.945  -2.357  0.511   1.00 58.39 ? 196  HIS A ND1 1 
ATOM   1312 C CD2 . HIS A 1 197 ? 15.757  -1.003  -0.723  1.00 52.99 ? 196  HIS A CD2 1 
ATOM   1313 C CE1 . HIS A 1 197 ? 17.465  -1.149  0.644   1.00 57.24 ? 196  HIS A CE1 1 
ATOM   1314 N NE2 . HIS A 1 197 ? 16.763  -0.310  -0.094  1.00 55.69 ? 196  HIS A NE2 1 
ATOM   1315 N N   . GLY A 1 198 ? 14.536  -5.823  -3.399  1.00 59.90 ? 197  GLY A N   1 
ATOM   1316 C CA  . GLY A 1 198 ? 13.541  -6.800  -3.786  1.00 65.19 ? 197  GLY A CA  1 
ATOM   1317 C C   . GLY A 1 198 ? 13.743  -8.216  -3.279  1.00 70.16 ? 197  GLY A C   1 
ATOM   1318 O O   . GLY A 1 198 ? 12.762  -8.910  -3.009  1.00 73.72 ? 197  GLY A O   1 
ATOM   1319 N N   . GLU A 1 199 ? 14.991  -8.668  -3.170  1.00 71.84 ? 198  GLU A N   1 
ATOM   1320 C CA  . GLU A 1 199 ? 15.265  -10.093 -2.948  1.00 70.51 ? 198  GLU A CA  1 
ATOM   1321 C C   . GLU A 1 199 ? 14.479  -10.734 -1.806  1.00 68.89 ? 198  GLU A C   1 
ATOM   1322 O O   . GLU A 1 199 ? 14.018  -11.864 -1.943  1.00 73.70 ? 198  GLU A O   1 
ATOM   1323 C CB  . GLU A 1 199 ? 16.760  -10.330 -2.742  1.00 73.19 ? 198  GLU A CB  1 
ATOM   1324 C CG  . GLU A 1 199 ? 17.530  -10.461 -4.046  1.00 75.65 ? 198  GLU A CG  1 
ATOM   1325 C CD  . GLU A 1 199 ? 18.600  -11.530 -3.971  1.00 80.64 ? 198  GLU A CD  1 
ATOM   1326 O OE1 . GLU A 1 199 ? 18.277  -12.656 -3.528  1.00 79.39 ? 198  GLU A OE1 1 
ATOM   1327 O OE2 . GLU A 1 199 ? 19.760  -11.248 -4.348  1.00 80.24 ? 198  GLU A OE2 1 
ATOM   1328 N N   . THR A 1 200 ? 14.320  -10.012 -0.696  1.00 70.00 ? 199  THR A N   1 
ATOM   1329 C CA  . THR A 1 200 ? 13.575  -10.522 0.480   1.00 68.57 ? 199  THR A CA  1 
ATOM   1330 C C   . THR A 1 200 ? 12.022  -10.531 0.342   1.00 61.58 ? 199  THR A C   1 
ATOM   1331 O O   . THR A 1 200 ? 11.316  -11.167 1.137   1.00 54.40 ? 199  THR A O   1 
ATOM   1332 C CB  . THR A 1 200 ? 14.001  -9.769  1.775   1.00 73.81 ? 199  THR A CB  1 
ATOM   1333 O OG1 . THR A 1 200 ? 13.186  -10.186 2.885   1.00 83.42 ? 199  THR A OG1 1 
ATOM   1334 C CG2 . THR A 1 200 ? 13.922  -8.231  1.608   1.00 75.16 ? 199  THR A CG2 1 
ATOM   1335 N N   . ILE A 1 201 ? 11.497  -9.854  -0.675  1.00 54.83 ? 200  ILE A N   1 
ATOM   1336 C CA  . ILE A 1 201 ? 10.060  -9.676  -0.806  1.00 48.23 ? 200  ILE A CA  1 
ATOM   1337 C C   . ILE A 1 201 ? 9.562   -10.488 -1.972  1.00 41.13 ? 200  ILE A C   1 
ATOM   1338 O O   . ILE A 1 201 ? 10.150  -10.486 -3.033  1.00 41.62 ? 200  ILE A O   1 
ATOM   1339 C CB  . ILE A 1 201 ? 9.713   -8.184  -0.961  1.00 52.29 ? 200  ILE A CB  1 
ATOM   1340 C CG1 . ILE A 1 201 ? 10.138  -7.455  0.310   1.00 55.21 ? 200  ILE A CG1 1 
ATOM   1341 C CG2 . ILE A 1 201 ? 8.224   -7.984  -1.211  1.00 54.89 ? 200  ILE A CG2 1 
ATOM   1342 C CD1 . ILE A 1 201 ? 9.582   -6.057  0.463   1.00 60.01 ? 200  ILE A CD1 1 
ATOM   1343 N N   . GLU A 1 202 ? 8.479   -11.209 -1.761  1.00 35.60 ? 201  GLU A N   1 
ATOM   1344 C CA  . GLU A 1 202 ? 7.916   -12.021 -2.784  1.00 37.51 ? 201  GLU A CA  1 
ATOM   1345 C C   . GLU A 1 202 ? 6.862   -11.251 -3.562  1.00 38.99 ? 201  GLU A C   1 
ATOM   1346 O O   . GLU A 1 202 ? 6.807   -11.358 -4.784  1.00 36.23 ? 201  GLU A O   1 
ATOM   1347 C CB  . GLU A 1 202 ? 7.319   -13.295 -2.178  1.00 42.17 ? 201  GLU A CB  1 
ATOM   1348 C CG  . GLU A 1 202 ? 8.364   -14.181 -1.491  1.00 48.13 ? 201  GLU A CG  1 
ATOM   1349 C CD  . GLU A 1 202 ? 7.767   -15.404 -0.801  1.00 48.87 ? 201  GLU A CD  1 
ATOM   1350 O OE1 . GLU A 1 202 ? 6.533   -15.577 -0.792  1.00 45.65 ? 201  GLU A OE1 1 
ATOM   1351 O OE2 . GLU A 1 202 ? 8.548   -16.208 -0.256  1.00 57.89 ? 201  GLU A OE2 1 
ATOM   1352 N N   . LYS A 1 203 ? 6.000   -10.492 -2.867  1.00 32.86 ? 202  LYS A N   1 
ATOM   1353 C CA  . LYS A 1 203 ? 4.861   -9.860  -3.529  1.00 31.05 ? 202  LYS A CA  1 
ATOM   1354 C C   . LYS A 1 203 ? 4.503   -8.505  -2.906  1.00 28.19 ? 202  LYS A C   1 
ATOM   1355 O O   . LYS A 1 203 ? 4.572   -8.311  -1.679  1.00 25.99 ? 202  LYS A O   1 
ATOM   1356 C CB  . LYS A 1 203 ? 3.613   -10.752 -3.486  1.00 34.40 ? 202  LYS A CB  1 
ATOM   1357 C CG  . LYS A 1 203 ? 3.657   -12.053 -4.289  1.00 39.07 ? 202  LYS A CG  1 
ATOM   1358 C CD  . LYS A 1 203 ? 3.788   -11.841 -5.789  1.00 41.20 ? 202  LYS A CD  1 
ATOM   1359 C CE  . LYS A 1 203 ? 4.328   -13.102 -6.467  1.00 42.14 ? 202  LYS A CE  1 
ATOM   1360 N NZ  . LYS A 1 203 ? 3.290   -14.168 -6.390  1.00 44.59 ? 202  LYS A NZ  1 
ATOM   1361 N N   . VAL A 1 204 ? 4.197   -7.567  -3.780  1.00 26.91 ? 203  VAL A N   1 
ATOM   1362 C CA  . VAL A 1 204 ? 3.585   -6.301  -3.415  1.00 26.64 ? 203  VAL A CA  1 
ATOM   1363 C C   . VAL A 1 204 ? 2.278   -6.250  -4.179  1.00 25.87 ? 203  VAL A C   1 
ATOM   1364 O O   . VAL A 1 204 ? 2.259   -6.428  -5.412  1.00 26.29 ? 203  VAL A O   1 
ATOM   1365 C CB  . VAL A 1 204 ? 4.476   -5.098  -3.744  1.00 26.89 ? 203  VAL A CB  1 
ATOM   1366 C CG1 . VAL A 1 204 ? 3.715   -3.790  -3.535  1.00 29.24 ? 203  VAL A CG1 1 
ATOM   1367 C CG2 . VAL A 1 204 ? 5.716   -5.119  -2.882  1.00 27.60 ? 203  VAL A CG2 1 
ATOM   1368 N N   . VAL A 1 205 ? 1.180   -6.080  -3.440  1.00 25.50 ? 204  VAL A N   1 
ATOM   1369 C CA  . VAL A 1 205 ? -0.128  -6.041  -4.026  1.00 25.07 ? 204  VAL A CA  1 
ATOM   1370 C C   . VAL A 1 205 ? -0.673  -4.647  -3.894  1.00 26.77 ? 204  VAL A C   1 
ATOM   1371 O O   . VAL A 1 205 ? -0.781  -4.113  -2.784  1.00 28.24 ? 204  VAL A O   1 
ATOM   1372 C CB  . VAL A 1 205 ? -1.117  -7.016  -3.362  1.00 25.62 ? 204  VAL A CB  1 
ATOM   1373 C CG1 . VAL A 1 205 ? -2.487  -6.920  -4.020  1.00 25.67 ? 204  VAL A CG1 1 
ATOM   1374 C CG2 . VAL A 1 205 ? -0.604  -8.424  -3.418  1.00 25.51 ? 204  VAL A CG2 1 
ATOM   1375 N N   . PHE A 1 206 ? -1.021  -4.073  -5.039  1.00 25.83 ? 205  PHE A N   1 
ATOM   1376 C CA  . PHE A 1 206 ? -1.786  -2.839  -5.082  1.00 25.42 ? 205  PHE A CA  1 
ATOM   1377 C C   . PHE A 1 206 ? -3.263  -3.197  -5.167  1.00 26.46 ? 205  PHE A C   1 
ATOM   1378 O O   . PHE A 1 206 ? -3.734  -3.574  -6.240  1.00 29.97 ? 205  PHE A O   1 
ATOM   1379 C CB  . PHE A 1 206 ? -1.361  -2.006  -6.278  1.00 25.49 ? 205  PHE A CB  1 
ATOM   1380 C CG  . PHE A 1 206 ? 0.080   -1.553  -6.243  1.00 26.55 ? 205  PHE A CG  1 
ATOM   1381 C CD1 . PHE A 1 206 ? 0.475   -0.496  -5.431  1.00 26.47 ? 205  PHE A CD1 1 
ATOM   1382 C CD2 . PHE A 1 206 ? 1.022   -2.122  -7.081  1.00 26.91 ? 205  PHE A CD2 1 
ATOM   1383 C CE1 . PHE A 1 206 ? 1.788   -0.057  -5.409  1.00 27.28 ? 205  PHE A CE1 1 
ATOM   1384 C CE2 . PHE A 1 206 ? 2.350   -1.679  -7.077  1.00 30.28 ? 205  PHE A CE2 1 
ATOM   1385 C CZ  . PHE A 1 206 ? 2.742   -0.650  -6.234  1.00 27.14 ? 205  PHE A CZ  1 
ATOM   1386 N N   . ALA A 1 207 ? -3.946  -3.147  -4.021  1.00 25.90 ? 206  ALA A N   1 
ATOM   1387 C CA  . ALA A 1 207 ? -5.386  -3.328  -3.918  1.00 28.29 ? 206  ALA A CA  1 
ATOM   1388 C C   . ALA A 1 207 ? -6.104  -2.047  -4.311  1.00 30.26 ? 206  ALA A C   1 
ATOM   1389 O O   . ALA A 1 207 ? -5.886  -0.985  -3.695  1.00 28.36 ? 206  ALA A O   1 
ATOM   1390 C CB  . ALA A 1 207 ? -5.775  -3.699  -2.503  1.00 29.00 ? 206  ALA A CB  1 
ATOM   1391 N N   . VAL A 1 208 ? -6.961  -2.139  -5.322  1.00 29.81 ? 207  VAL A N   1 
ATOM   1392 C CA  . VAL A 1 208 ? -7.653  -0.965  -5.860  1.00 31.86 ? 207  VAL A CA  1 
ATOM   1393 C C   . VAL A 1 208 ? -9.169  -1.171  -5.906  1.00 35.64 ? 207  VAL A C   1 
ATOM   1394 O O   . VAL A 1 208 ? -9.644  -2.283  -5.835  1.00 32.54 ? 207  VAL A O   1 
ATOM   1395 C CB  . VAL A 1 208 ? -7.134  -0.580  -7.251  1.00 32.04 ? 207  VAL A CB  1 
ATOM   1396 C CG1 . VAL A 1 208 ? -5.662  -0.192  -7.169  1.00 32.22 ? 207  VAL A CG1 1 
ATOM   1397 C CG2 . VAL A 1 208 ? -7.354  -1.667  -8.297  1.00 33.89 ? 207  VAL A CG2 1 
ATOM   1398 N N   . SER A 1 209 ? -9.922  -0.081  -5.984  1.00 37.74 ? 208  SER A N   1 
ATOM   1399 C CA  . SER A 1 209 ? -11.359 -0.161  -6.271  1.00 40.46 ? 208  SER A CA  1 
ATOM   1400 C C   . SER A 1 209 ? -11.571 0.304   -7.694  1.00 38.84 ? 208  SER A C   1 
ATOM   1401 O O   . SER A 1 209 ? -10.617 0.629   -8.395  1.00 35.40 ? 208  SER A O   1 
ATOM   1402 C CB  . SER A 1 209 ? -12.168 0.709   -5.312  1.00 40.07 ? 208  SER A CB  1 
ATOM   1403 O OG  . SER A 1 209 ? -11.913 2.083   -5.561  1.00 43.15 ? 208  SER A OG  1 
ATOM   1404 N N   . ASP A 1 210 ? -12.826 0.329   -8.137  1.00 44.07 ? 209  ASP A N   1 
ATOM   1405 C CA  . ASP A 1 210 ? -13.140 0.757   -9.509  1.00 47.83 ? 209  ASP A CA  1 
ATOM   1406 C C   . ASP A 1 210 ? -12.704 2.189   -9.752  1.00 44.81 ? 209  ASP A C   1 
ATOM   1407 O O   . ASP A 1 210 ? -12.302 2.545   -10.856 1.00 50.08 ? 209  ASP A O   1 
ATOM   1408 C CB  . ASP A 1 210 ? -14.637 0.593   -9.806  1.00 56.39 ? 209  ASP A CB  1 
ATOM   1409 C CG  . ASP A 1 210 ? -15.041 -0.867  -9.955  1.00 63.00 ? 209  ASP A CG  1 
ATOM   1410 O OD1 . ASP A 1 210 ? -14.500 -1.545  -10.860 1.00 66.91 ? 209  ASP A OD1 1 
ATOM   1411 O OD2 . ASP A 1 210 ? -15.883 -1.339  -9.164  1.00 71.51 ? 209  ASP A OD2 1 
ATOM   1412 N N   . LEU A 1 211 ? -12.759 3.000   -8.708  1.00 46.35 ? 210  LEU A N   1 
ATOM   1413 C CA  . LEU A 1 211 ? -12.289 4.368   -8.785  1.00 49.53 ? 210  LEU A CA  1 
ATOM   1414 C C   . LEU A 1 211 ? -10.850 4.453   -9.346  1.00 47.91 ? 210  LEU A C   1 
ATOM   1415 O O   . LEU A 1 211 ? -10.581 5.273   -10.234 1.00 45.19 ? 210  LEU A O   1 
ATOM   1416 C CB  . LEU A 1 211 ? -12.409 5.022   -7.400  1.00 55.89 ? 210  LEU A CB  1 
ATOM   1417 C CG  . LEU A 1 211 ? -11.994 6.489   -7.221  1.00 64.36 ? 210  LEU A CG  1 
ATOM   1418 C CD1 . LEU A 1 211 ? -12.775 7.439   -8.124  1.00 67.32 ? 210  LEU A CD1 1 
ATOM   1419 C CD2 . LEU A 1 211 ? -12.162 6.903   -5.765  1.00 66.67 ? 210  LEU A CD2 1 
ATOM   1420 N N   . GLU A 1 212 ? -9.938  3.589   -8.872  1.00 38.09 ? 211  GLU A N   1 
ATOM   1421 C CA  . GLU A 1 212 ? -8.499  3.748   -9.185  1.00 37.15 ? 211  GLU A CA  1 
ATOM   1422 C C   . GLU A 1 212 ? -7.918  2.808   -10.218 1.00 31.94 ? 211  GLU A C   1 
ATOM   1423 O O   . GLU A 1 212 ? -6.883  3.106   -10.787 1.00 32.11 ? 211  GLU A O   1 
ATOM   1424 C CB  . GLU A 1 212 ? -7.642  3.628   -7.900  1.00 37.87 ? 211  GLU A CB  1 
ATOM   1425 C CG  . GLU A 1 212 ? -8.101  4.518   -6.750  1.00 38.86 ? 211  GLU A CG  1 
ATOM   1426 C CD  . GLU A 1 212 ? -8.950  3.778   -5.744  1.00 42.76 ? 211  GLU A CD  1 
ATOM   1427 O OE1 . GLU A 1 212 ? -9.497  2.703   -6.102  1.00 47.23 ? 211  GLU A OE1 1 
ATOM   1428 O OE2 . GLU A 1 212 ? -9.050  4.262   -4.596  1.00 42.96 ? 211  GLU A OE2 1 
ATOM   1429 N N   . GLU A 1 213 ? -8.563  1.659   -10.456 1.00 35.19 ? 212  GLU A N   1 
ATOM   1430 C CA  . GLU A 1 213 ? -7.993  0.601   -11.310 1.00 33.79 ? 212  GLU A CA  1 
ATOM   1431 C C   . GLU A 1 213 ? -7.441  1.092   -12.654 1.00 34.22 ? 212  GLU A C   1 
ATOM   1432 O O   . GLU A 1 213 ? -6.307  0.795   -13.024 1.00 34.11 ? 212  GLU A O   1 
ATOM   1433 C CB  . GLU A 1 213 ? -9.050  -0.510  -11.540 1.00 37.37 ? 212  GLU A CB  1 
ATOM   1434 C CG  . GLU A 1 213 ? -8.570  -1.684  -12.381 1.00 38.21 ? 212  GLU A CG  1 
ATOM   1435 C CD  . GLU A 1 213 ? -9.589  -2.815  -12.466 1.00 43.77 ? 212  GLU A CD  1 
ATOM   1436 O OE1 . GLU A 1 213 ? -10.805 -2.545  -12.564 1.00 45.23 ? 212  GLU A OE1 1 
ATOM   1437 O OE2 . GLU A 1 213 ? -9.178  -3.991  -12.432 1.00 46.54 ? 212  GLU A OE2 1 
ATOM   1438 N N   . GLY A 1 214 ? -8.244  1.849   -13.400 1.00 40.66 ? 213  GLY A N   1 
ATOM   1439 C CA  . GLY A 1 214 ? -7.838  2.329   -14.735 1.00 37.38 ? 213  GLY A CA  1 
ATOM   1440 C C   . GLY A 1 214 ? -6.551  3.143   -14.723 1.00 34.83 ? 213  GLY A C   1 
ATOM   1441 O O   . GLY A 1 214 ? -5.692  2.982   -15.583 1.00 37.31 ? 213  GLY A O   1 
ATOM   1442 N N   . THR A 1 215 ? -6.397  3.996   -13.720 1.00 36.23 ? 214  THR A N   1 
ATOM   1443 C CA  . THR A 1 215 ? -5.172  4.795   -13.578 1.00 34.51 ? 214  THR A CA  1 
ATOM   1444 C C   . THR A 1 215 ? -3.976  3.917   -13.301 1.00 33.84 ? 214  THR A C   1 
ATOM   1445 O O   . THR A 1 215 ? -2.911  4.120   -13.879 1.00 34.05 ? 214  THR A O   1 
ATOM   1446 C CB  . THR A 1 215 ? -5.347  5.847   -12.478 1.00 34.83 ? 214  THR A CB  1 
ATOM   1447 O OG1 . THR A 1 215 ? -6.426  6.709   -12.830 1.00 34.27 ? 214  THR A OG1 1 
ATOM   1448 C CG2 . THR A 1 215 ? -4.082  6.694   -12.257 1.00 33.36 ? 214  THR A CG2 1 
ATOM   1449 N N   . TYR A 1 216 ? -4.142  2.923   -12.426 1.00 35.31 ? 215  TYR A N   1 
ATOM   1450 C CA  . TYR A 1 216 ? -3.064  1.955   -12.191 1.00 33.58 ? 215  TYR A CA  1 
ATOM   1451 C C   . TYR A 1 216 ? -2.723  1.168   -13.458 1.00 33.53 ? 215  TYR A C   1 
ATOM   1452 O O   . TYR A 1 216 ? -1.541  0.963   -13.778 1.00 32.78 ? 215  TYR A O   1 
ATOM   1453 C CB  . TYR A 1 216 ? -3.412  1.002   -11.039 1.00 32.51 ? 215  TYR A CB  1 
ATOM   1454 C CG  . TYR A 1 216 ? -3.050  1.579   -9.686  1.00 30.28 ? 215  TYR A CG  1 
ATOM   1455 C CD1 . TYR A 1 216 ? -3.846  2.520   -9.098  1.00 31.37 ? 215  TYR A CD1 1 
ATOM   1456 C CD2 . TYR A 1 216 ? -1.894  1.186   -9.014  1.00 29.61 ? 215  TYR A CD2 1 
ATOM   1457 C CE1 . TYR A 1 216 ? -3.525  3.071   -7.875  1.00 33.66 ? 215  TYR A CE1 1 
ATOM   1458 C CE2 . TYR A 1 216 ? -1.569  1.733   -7.790  1.00 32.10 ? 215  TYR A CE2 1 
ATOM   1459 C CZ  . TYR A 1 216 ? -2.399  2.672   -7.217  1.00 30.11 ? 215  TYR A CZ  1 
ATOM   1460 O OH  . TYR A 1 216 ? -2.102  3.268   -5.999  1.00 33.38 ? 215  TYR A OH  1 
ATOM   1461 N N   . GLN A 1 217 ? -3.748  0.754   -14.191 1.00 33.72 ? 216  GLN A N   1 
ATOM   1462 C CA  . GLN A 1 217 ? -3.531  0.014   -15.453 1.00 37.69 ? 216  GLN A CA  1 
ATOM   1463 C C   . GLN A 1 217 ? -2.778  0.891   -16.443 1.00 37.10 ? 216  GLN A C   1 
ATOM   1464 O O   . GLN A 1 217 ? -1.808  0.452   -17.062 1.00 36.37 ? 216  GLN A O   1 
ATOM   1465 C CB  . GLN A 1 217 ? -4.874  -0.447  -16.039 1.00 40.12 ? 216  GLN A CB  1 
ATOM   1466 C CG  . GLN A 1 217 ? -5.575  -1.448  -15.136 1.00 42.75 ? 216  GLN A CG  1 
ATOM   1467 C CD  . GLN A 1 217 ? -6.983  -1.796  -15.583 1.00 48.75 ? 216  GLN A CD  1 
ATOM   1468 O OE1 . GLN A 1 217 ? -7.734  -0.959  -16.077 1.00 48.58 ? 216  GLN A OE1 1 
ATOM   1469 N NE2 . GLN A 1 217 ? -7.364  -3.043  -15.366 1.00 52.82 ? 216  GLN A NE2 1 
ATOM   1470 N N   . LYS A 1 218 ? -3.208  2.153   -16.527 1.00 39.27 ? 217  LYS A N   1 
ATOM   1471 C CA  . LYS A 1 218 ? -2.532  3.159   -17.336 1.00 40.46 ? 217  LYS A CA  1 
ATOM   1472 C C   . LYS A 1 218 ? -1.047  3.338   -17.004 1.00 39.48 ? 217  LYS A C   1 
ATOM   1473 O O   . LYS A 1 218 ? -0.211  3.394   -17.890 1.00 39.10 ? 217  LYS A O   1 
ATOM   1474 C CB  . LYS A 1 218 ? -3.242  4.503   -17.171 1.00 43.72 ? 217  LYS A CB  1 
ATOM   1475 C CG  . LYS A 1 218 ? -2.789  5.519   -18.198 1.00 48.29 ? 217  LYS A CG  1 
ATOM   1476 C CD  . LYS A 1 218 ? -3.332  6.898   -17.904 1.00 50.11 ? 217  LYS A CD  1 
ATOM   1477 C CE  . LYS A 1 218 ? -2.426  7.937   -18.540 1.00 51.09 ? 217  LYS A CE  1 
ATOM   1478 N NZ  . LYS A 1 218 ? -3.102  9.257   -18.575 1.00 51.43 ? 217  LYS A NZ  1 
ATOM   1479 N N   . LEU A 1 219 ? -0.710  3.434   -15.720 1.00 38.19 ? 218  LEU A N   1 
ATOM   1480 C CA  . LEU A 1 219 ? 0.657   3.776   -15.317 1.00 34.83 ? 218  LEU A CA  1 
ATOM   1481 C C   . LEU A 1 219 ? 1.619   2.621   -15.051 1.00 33.79 ? 218  LEU A C   1 
ATOM   1482 O O   . LEU A 1 219 ? 2.835   2.808   -15.081 1.00 35.10 ? 218  LEU A O   1 
ATOM   1483 C CB  . LEU A 1 219 ? 0.597   4.694   -14.078 1.00 36.49 ? 218  LEU A CB  1 
ATOM   1484 C CG  . LEU A 1 219 ? -0.205  6.004   -14.187 1.00 40.18 ? 218  LEU A CG  1 
ATOM   1485 C CD1 . LEU A 1 219 ? 0.068   6.943   -13.009 1.00 40.37 ? 218  LEU A CD1 1 
ATOM   1486 C CD2 . LEU A 1 219 ? 0.050   6.741   -15.492 1.00 41.22 ? 218  LEU A CD2 1 
ATOM   1487 N N   . LEU A 1 220 ? 1.109   1.432   -14.748 1.00 33.72 ? 219  LEU A N   1 
ATOM   1488 C CA  . LEU A 1 220 ? 1.975   0.283   -14.487 1.00 34.66 ? 219  LEU A CA  1 
ATOM   1489 C C   . LEU A 1 220 ? 3.047   0.022   -15.555 1.00 35.04 ? 219  LEU A C   1 
ATOM   1490 O O   . LEU A 1 220 ? 4.233   -0.176  -15.235 1.00 33.39 ? 219  LEU A O   1 
ATOM   1491 C CB  . LEU A 1 220 ? 1.118   -0.981  -14.257 1.00 38.86 ? 219  LEU A CB  1 
ATOM   1492 C CG  . LEU A 1 220 ? 0.682   -1.172  -12.799 1.00 41.60 ? 219  LEU A CG  1 
ATOM   1493 C CD1 . LEU A 1 220 ? -0.400  -2.237  -12.698 1.00 42.62 ? 219  LEU A CD1 1 
ATOM   1494 C CD2 . LEU A 1 220 ? 1.875   -1.512  -11.906 1.00 40.71 ? 219  LEU A CD2 1 
ATOM   1495 N N   . PRO A 1 221 ? 2.653   0.064   -16.833 1.00 36.68 ? 220  PRO A N   1 
ATOM   1496 C CA  . PRO A 1 221 ? 3.639   -0.103  -17.908 1.00 38.06 ? 220  PRO A CA  1 
ATOM   1497 C C   . PRO A 1 221 ? 4.812   0.882   -17.894 1.00 36.68 ? 220  PRO A C   1 
ATOM   1498 O O   . PRO A 1 221 ? 5.886   0.528   -18.345 1.00 38.51 ? 220  PRO A O   1 
ATOM   1499 C CB  . PRO A 1 221 ? 2.802   0.091   -19.186 1.00 38.27 ? 220  PRO A CB  1 
ATOM   1500 C CG  . PRO A 1 221 ? 1.402   -0.188  -18.794 1.00 39.94 ? 220  PRO A CG  1 
ATOM   1501 C CD  . PRO A 1 221 ? 1.293   0.282   -17.365 1.00 37.25 ? 220  PRO A CD  1 
ATOM   1502 N N   . LEU A 1 222 ? 4.619   2.095   -17.370 1.00 35.85 ? 221  LEU A N   1 
ATOM   1503 C CA  . LEU A 1 222 ? 5.678   3.108   -17.323 1.00 36.80 ? 221  LEU A CA  1 
ATOM   1504 C C   . LEU A 1 222 ? 6.743   2.805   -16.262 1.00 38.39 ? 221  LEU A C   1 
ATOM   1505 O O   . LEU A 1 222 ? 7.950   3.040   -16.477 1.00 39.57 ? 221  LEU A O   1 
ATOM   1506 C CB  . LEU A 1 222 ? 5.017   4.475   -17.116 1.00 41.13 ? 221  LEU A CB  1 
ATOM   1507 C CG  . LEU A 1 222 ? 5.737   5.771   -16.732 1.00 49.72 ? 221  LEU A CG  1 
ATOM   1508 C CD1 . LEU A 1 222 ? 6.796   6.204   -17.742 1.00 52.84 ? 221  LEU A CD1 1 
ATOM   1509 C CD2 . LEU A 1 222 ? 4.678   6.872   -16.583 1.00 49.28 ? 221  LEU A CD2 1 
ATOM   1510 N N   . TYR A 1 223 ? 6.313   2.274   -15.114 1.00 35.06 ? 222  TYR A N   1 
ATOM   1511 C CA  . TYR A 1 223 ? 7.233   1.924   -14.037 1.00 35.21 ? 222  TYR A CA  1 
ATOM   1512 C C   . TYR A 1 223 ? 7.671   0.473   -14.078 1.00 32.68 ? 222  TYR A C   1 
ATOM   1513 O O   . TYR A 1 223 ? 8.726   0.145   -13.565 1.00 33.53 ? 222  TYR A O   1 
ATOM   1514 C CB  . TYR A 1 223 ? 6.609   2.284   -12.675 1.00 35.63 ? 222  TYR A CB  1 
ATOM   1515 C CG  . TYR A 1 223 ? 6.381   3.758   -12.643 1.00 35.07 ? 222  TYR A CG  1 
ATOM   1516 C CD1 . TYR A 1 223 ? 7.440   4.613   -12.463 1.00 35.89 ? 222  TYR A CD1 1 
ATOM   1517 C CD2 . TYR A 1 223 ? 5.133   4.300   -12.913 1.00 34.42 ? 222  TYR A CD2 1 
ATOM   1518 C CE1 . TYR A 1 223 ? 7.264   5.967   -12.489 1.00 35.11 ? 222  TYR A CE1 1 
ATOM   1519 C CE2 . TYR A 1 223 ? 4.951   5.663   -12.935 1.00 35.09 ? 222  TYR A CE2 1 
ATOM   1520 C CZ  . TYR A 1 223 ? 6.025   6.483   -12.725 1.00 35.91 ? 222  TYR A CZ  1 
ATOM   1521 O OH  . TYR A 1 223 ? 5.872   7.842   -12.761 1.00 33.59 ? 222  TYR A OH  1 
ATOM   1522 N N   . PHE A 1 224 ? 6.882   -0.374  -14.740 1.00 34.32 ? 223  PHE A N   1 
ATOM   1523 C CA  . PHE A 1 224 ? 7.176   -1.800  -14.815 1.00 35.31 ? 223  PHE A CA  1 
ATOM   1524 C C   . PHE A 1 224 ? 6.989   -2.287  -16.266 1.00 38.09 ? 223  PHE A C   1 
ATOM   1525 O O   . PHE A 1 224 ? 6.086   -3.078  -16.550 1.00 39.82 ? 223  PHE A O   1 
ATOM   1526 C CB  . PHE A 1 224 ? 6.274   -2.574  -13.836 1.00 35.25 ? 223  PHE A CB  1 
ATOM   1527 C CG  . PHE A 1 224 ? 6.474   -2.182  -12.380 1.00 32.98 ? 223  PHE A CG  1 
ATOM   1528 C CD1 . PHE A 1 224 ? 7.435   -2.799  -11.595 1.00 32.95 ? 223  PHE A CD1 1 
ATOM   1529 C CD2 . PHE A 1 224 ? 5.688   -1.191  -11.803 1.00 34.17 ? 223  PHE A CD2 1 
ATOM   1530 C CE1 . PHE A 1 224 ? 7.620   -2.435  -10.259 1.00 35.10 ? 223  PHE A CE1 1 
ATOM   1531 C CE2 . PHE A 1 224 ? 5.867   -0.827  -10.470 1.00 30.28 ? 223  PHE A CE2 1 
ATOM   1532 C CZ  . PHE A 1 224 ? 6.830   -1.447  -9.703  1.00 31.98 ? 223  PHE A CZ  1 
ATOM   1533 N N   . PRO A 1 225 ? 7.818   -1.764  -17.198 1.00 41.26 ? 224  PRO A N   1 
ATOM   1534 C CA  . PRO A 1 225 ? 7.706   -2.217  -18.601 1.00 42.57 ? 224  PRO A CA  1 
ATOM   1535 C C   . PRO A 1 225 ? 7.817   -3.747  -18.727 1.00 38.55 ? 224  PRO A C   1 
ATOM   1536 O O   . PRO A 1 225 ? 8.670   -4.363  -18.082 1.00 37.30 ? 224  PRO A O   1 
ATOM   1537 C CB  . PRO A 1 225 ? 8.894   -1.530  -19.289 1.00 42.43 ? 224  PRO A CB  1 
ATOM   1538 C CG  . PRO A 1 225 ? 9.843   -1.172  -18.205 1.00 44.60 ? 224  PRO A CG  1 
ATOM   1539 C CD  . PRO A 1 225 ? 8.989   -0.891  -16.997 1.00 42.04 ? 224  PRO A CD  1 
ATOM   1540 N N   . ARG A 1 226 ? 6.950   -4.343  -19.537 1.00 45.34 ? 225  ARG A N   1 
ATOM   1541 C CA  . ARG A 1 226 ? 6.885   -5.813  -19.700 1.00 53.04 ? 225  ARG A CA  1 
ATOM   1542 C C   . ARG A 1 226 ? 7.788   -6.393  -20.822 1.00 59.12 ? 225  ARG A C   1 
ATOM   1543 O O   . ARG A 1 226 ? 8.369   -7.461  -20.651 1.00 62.58 ? 225  ARG A O   1 
ATOM   1544 C CB  . ARG A 1 226 ? 5.444   -6.234  -19.979 1.00 54.48 ? 225  ARG A CB  1 
ATOM   1545 C CG  . ARG A 1 226 ? 4.472   -5.995  -18.841 1.00 60.27 ? 225  ARG A CG  1 
ATOM   1546 C CD  . ARG A 1 226 ? 3.121   -5.597  -19.401 1.00 64.30 ? 225  ARG A CD  1 
ATOM   1547 N NE  . ARG A 1 226 ? 2.010   -6.234  -18.709 1.00 70.73 ? 225  ARG A NE  1 
ATOM   1548 C CZ  . ARG A 1 226 ? 0.745   -6.165  -19.123 1.00 74.98 ? 225  ARG A CZ  1 
ATOM   1549 N NH1 . ARG A 1 226 ? 0.433   -5.480  -20.219 1.00 74.06 ? 225  ARG A NH1 1 
ATOM   1550 N NH2 . ARG A 1 226 ? -0.213  -6.775  -18.436 1.00 80.34 ? 225  ARG A NH2 1 
ATOM   1551 N N   . SER A 1 227 ? 7.855   -5.714  -21.970 1.00 61.01 ? 226  SER A N   1 
ATOM   1552 C CA  . SER A 1 227 ? 8.687   -6.143  -23.111 1.00 64.21 ? 226  SER A CA  1 
ATOM   1553 C C   . SER A 1 227 ? 10.140  -5.692  -22.905 1.00 65.29 ? 226  SER A C   1 
ATOM   1554 O O   . SER A 1 227 ? 10.425  -4.911  -21.995 1.00 68.54 ? 226  SER A O   1 
ATOM   1555 C CB  . SER A 1 227 ? 8.135   -5.547  -24.411 1.00 58.83 ? 226  SER A CB  1 
ATOM   1556 N N   . LEU A 1 228 ? 11.052  -6.182  -23.744 1.00 67.09 ? 227  LEU A N   1 
ATOM   1557 C CA  . LEU A 1 228 ? 12.429  -5.665  -23.794 1.00 62.37 ? 227  LEU A CA  1 
ATOM   1558 C C   . LEU A 1 228 ? 12.620  -4.957  -25.129 1.00 59.03 ? 227  LEU A C   1 
ATOM   1559 O O   . LEU A 1 228 ? 12.192  -3.821  -25.317 1.00 57.73 ? 227  LEU A O   1 
ATOM   1560 C CB  . LEU A 1 228 ? 13.442  -6.807  -23.640 1.00 64.21 ? 227  LEU A CB  1 
ATOM   1561 C CG  . LEU A 1 228 ? 14.929  -6.461  -23.830 1.00 64.54 ? 227  LEU A CG  1 
ATOM   1562 C CD1 . LEU A 1 228 ? 15.501  -5.829  -22.572 1.00 65.95 ? 227  LEU A CD1 1 
ATOM   1563 C CD2 . LEU A 1 228 ? 15.746  -7.687  -24.229 1.00 67.51 ? 227  LEU A CD2 1 
HETATM 1564 O O   . HOH B 2 .   ? -8.032  -16.893 -2.540  1.00 46.43 ? 2001 HOH A O   1 
HETATM 1565 O O   . HOH B 2 .   ? -0.001  -17.926 0.564   1.00 52.18 ? 2002 HOH A O   1 
HETATM 1566 O O   . HOH B 2 .   ? -6.628  -10.064 -10.299 1.00 43.14 ? 2003 HOH A O   1 
HETATM 1567 O O   . HOH B 2 .   ? 0.481   -13.321 -6.579  1.00 41.90 ? 2004 HOH A O   1 
HETATM 1568 O O   . HOH B 2 .   ? -4.010  -9.882  -9.631  1.00 38.19 ? 2005 HOH A O   1 
HETATM 1569 O O   . HOH B 2 .   ? -1.263  -8.191  -11.432 1.00 32.41 ? 2006 HOH A O   1 
HETATM 1570 O O   . HOH B 2 .   ? 4.994   -13.753 -10.670 1.00 54.64 ? 2007 HOH A O   1 
HETATM 1571 O O   . HOH B 2 .   ? 13.608  1.312   -21.066 1.00 47.97 ? 2008 HOH A O   1 
HETATM 1572 O O   . HOH B 2 .   ? 10.149  -3.996  -15.558 1.00 38.51 ? 2009 HOH A O   1 
HETATM 1573 O O   . HOH B 2 .   ? 8.162   -11.106 -14.348 1.00 53.12 ? 2010 HOH A O   1 
HETATM 1574 O O   . HOH B 2 .   ? 10.059  -12.087 -9.707  1.00 49.24 ? 2011 HOH A O   1 
HETATM 1575 O O   . HOH B 2 .   ? -8.126  -7.644  -10.174 1.00 37.22 ? 2012 HOH A O   1 
HETATM 1576 O O   . HOH B 2 .   ? -7.402  -5.172  -11.137 1.00 53.72 ? 2013 HOH A O   1 
HETATM 1577 O O   . HOH B 2 .   ? -12.145 -8.449  -5.334  1.00 37.25 ? 2014 HOH A O   1 
HETATM 1578 O O   . HOH B 2 .   ? -12.263 -2.727  -4.414  1.00 46.21 ? 2015 HOH A O   1 
HETATM 1579 O O   . HOH B 2 .   ? -8.920  -1.947  -0.642  1.00 32.11 ? 2016 HOH A O   1 
HETATM 1580 O O   . HOH B 2 .   ? -12.907 -7.518  -2.596  1.00 38.12 ? 2017 HOH A O   1 
HETATM 1581 O O   . HOH B 2 .   ? -11.087 -1.513  1.380   1.00 47.57 ? 2018 HOH A O   1 
HETATM 1582 O O   . HOH B 2 .   ? -9.042  -10.881 6.528   1.00 28.78 ? 2019 HOH A O   1 
HETATM 1583 O O   . HOH B 2 .   ? -5.903  -9.215  6.013   1.00 22.23 ? 2020 HOH A O   1 
HETATM 1584 O O   . HOH B 2 .   ? 8.182   9.356   9.898   1.00 49.90 ? 2021 HOH A O   1 
HETATM 1585 O O   . HOH B 2 .   ? 7.940   -1.212  14.373  1.00 50.45 ? 2022 HOH A O   1 
HETATM 1586 O O   . HOH B 2 .   ? -0.518  -13.637 6.703   1.00 38.82 ? 2023 HOH A O   1 
HETATM 1587 O O   . HOH B 2 .   ? -4.801  -15.908 15.613  1.00 37.05 ? 2024 HOH A O   1 
HETATM 1588 O O   . HOH B 2 .   ? 3.699   -13.783 5.492   1.00 33.57 ? 2025 HOH A O   1 
HETATM 1589 O O   . HOH B 2 .   ? 7.019   -12.984 6.238   1.00 38.07 ? 2026 HOH A O   1 
HETATM 1590 O O   . HOH B 2 .   ? 0.548   -13.728 13.802  1.00 48.05 ? 2027 HOH A O   1 
HETATM 1591 O O   . HOH B 2 .   ? 6.649   -11.564 14.067  1.00 61.47 ? 2028 HOH A O   1 
HETATM 1592 O O   . HOH B 2 .   ? -0.600  22.120  -8.341  1.00 58.42 ? 2029 HOH A O   1 
HETATM 1593 O O   . HOH B 2 .   ? -2.910  22.768  -11.468 1.00 57.23 ? 2030 HOH A O   1 
HETATM 1594 O O   . HOH B 2 .   ? -4.493  8.898   5.194   1.00 26.65 ? 2031 HOH A O   1 
HETATM 1595 O O   . HOH B 2 .   ? -8.265  5.034   10.554  1.00 43.87 ? 2032 HOH A O   1 
HETATM 1596 O O   . HOH B 2 .   ? -8.311  14.803  11.547  1.00 61.62 ? 2033 HOH A O   1 
HETATM 1597 O O   . HOH B 2 .   ? 5.306   20.041  -10.354 1.00 51.76 ? 2034 HOH A O   1 
HETATM 1598 O O   . HOH B 2 .   ? -0.146  12.032  15.529  1.00 53.65 ? 2035 HOH A O   1 
HETATM 1599 O O   . HOH B 2 .   ? -7.938  9.643   5.199   1.00 45.07 ? 2036 HOH A O   1 
HETATM 1600 O O   . HOH B 2 .   ? -9.564  5.037   1.694   1.00 47.07 ? 2037 HOH A O   1 
HETATM 1601 O O   . HOH B 2 .   ? -15.552 0.104   3.736   1.00 45.22 ? 2038 HOH A O   1 
HETATM 1602 O O   . HOH B 2 .   ? -17.259 -2.438  7.436   1.00 56.80 ? 2039 HOH A O   1 
HETATM 1603 O O   . HOH B 2 .   ? -7.635  13.953  -10.426 1.00 50.84 ? 2040 HOH A O   1 
HETATM 1604 O O   . HOH B 2 .   ? -16.387 -2.140  4.980   1.00 53.94 ? 2041 HOH A O   1 
HETATM 1605 O O   . HOH B 2 .   ? -5.031  18.050  -9.931  1.00 52.95 ? 2042 HOH A O   1 
HETATM 1606 O O   . HOH B 2 .   ? -13.673 -9.543  13.003  1.00 53.32 ? 2043 HOH A O   1 
HETATM 1607 O O   . HOH B 2 .   ? 12.401  6.502   -4.700  1.00 42.37 ? 2044 HOH A O   1 
HETATM 1608 O O   . HOH B 2 .   ? -10.764 -10.970 9.046   1.00 37.13 ? 2045 HOH A O   1 
HETATM 1609 O O   . HOH B 2 .   ? -9.924  -8.324  17.721  1.00 30.88 ? 2046 HOH A O   1 
HETATM 1610 O O   . HOH B 2 .   ? -13.728 -9.705  15.562  1.00 44.06 ? 2047 HOH A O   1 
HETATM 1611 O O   . HOH B 2 .   ? -12.979 -0.914  20.192  1.00 66.83 ? 2048 HOH A O   1 
HETATM 1612 O O   . HOH B 2 .   ? -10.684 0.337   16.690  1.00 48.60 ? 2049 HOH A O   1 
HETATM 1613 O O   . HOH B 2 .   ? 1.126   -4.978  18.064  1.00 54.85 ? 2050 HOH A O   1 
HETATM 1614 O O   . HOH B 2 .   ? 1.370   -2.067  17.914  1.00 45.85 ? 2051 HOH A O   1 
HETATM 1615 O O   . HOH B 2 .   ? 3.197   8.718   19.805  1.00 50.90 ? 2052 HOH A O   1 
HETATM 1616 O O   . HOH B 2 .   ? 3.915   4.817   18.700  1.00 45.97 ? 2053 HOH A O   1 
HETATM 1617 O O   . HOH B 2 .   ? 1.567   10.673  16.827  1.00 45.13 ? 2054 HOH A O   1 
HETATM 1618 O O   . HOH B 2 .   ? 0.905   14.792  11.317  1.00 45.05 ? 2055 HOH A O   1 
HETATM 1619 O O   . HOH B 2 .   ? 3.863   9.323   16.210  1.00 38.57 ? 2056 HOH A O   1 
HETATM 1620 O O   . HOH B 2 .   ? 7.536   5.821   9.810   1.00 34.66 ? 2057 HOH A O   1 
HETATM 1621 O O   . HOH B 2 .   ? 5.699   0.428   14.237  1.00 35.81 ? 2058 HOH A O   1 
HETATM 1622 O O   . HOH B 2 .   ? 4.356   -0.288  16.705  1.00 49.27 ? 2059 HOH A O   1 
HETATM 1623 O O   . HOH B 2 .   ? -2.413  -10.868 14.683  1.00 45.99 ? 2060 HOH A O   1 
HETATM 1624 O O   . HOH B 2 .   ? -3.761  -11.649 12.198  1.00 29.42 ? 2061 HOH A O   1 
HETATM 1625 O O   . HOH B 2 .   ? -4.381  -13.288 15.439  1.00 37.08 ? 2062 HOH A O   1 
HETATM 1626 O O   . HOH B 2 .   ? -2.969  -14.406 10.586  1.00 39.52 ? 2063 HOH A O   1 
HETATM 1627 O O   . HOH B 2 .   ? 0.484   -10.876 14.255  1.00 52.28 ? 2064 HOH A O   1 
HETATM 1628 O O   . HOH B 2 .   ? 3.995   -13.343 14.110  1.00 43.95 ? 2065 HOH A O   1 
HETATM 1629 O O   . HOH B 2 .   ? -3.601  11.829  0.889   1.00 23.66 ? 2066 HOH A O   1 
HETATM 1630 O O   . HOH B 2 .   ? -1.608  17.132  5.906   1.00 38.19 ? 2067 HOH A O   1 
HETATM 1631 O O   . HOH B 2 .   ? -0.991  19.411  1.029   1.00 43.24 ? 2068 HOH A O   1 
HETATM 1632 O O   . HOH B 2 .   ? -2.738  21.162  -7.305  1.00 44.42 ? 2069 HOH A O   1 
HETATM 1633 O O   . HOH B 2 .   ? -0.110  17.027  -7.415  1.00 43.15 ? 2070 HOH A O   1 
HETATM 1634 O O   . HOH B 2 .   ? -4.172  25.561  -1.864  1.00 26.86 ? 2071 HOH A O   1 
HETATM 1635 O O   . HOH B 2 .   ? 0.526   23.481  -6.770  1.00 58.87 ? 2072 HOH A O   1 
HETATM 1636 O O   . HOH B 2 .   ? -7.010  25.337  2.869   1.00 52.63 ? 2073 HOH A O   1 
HETATM 1637 O O   . HOH B 2 .   ? 0.959   19.342  -9.688  1.00 53.28 ? 2074 HOH A O   1 
HETATM 1638 O O   . HOH B 2 .   ? 5.524   20.343  -6.367  1.00 44.45 ? 2075 HOH A O   1 
HETATM 1639 O O   . HOH B 2 .   ? 8.702   23.271  -3.990  1.00 35.70 ? 2076 HOH A O   1 
HETATM 1640 O O   . HOH B 2 .   ? 2.170   17.344  4.257   1.00 36.69 ? 2077 HOH A O   1 
HETATM 1641 O O   . HOH B 2 .   ? 5.603   18.244  -9.315  1.00 49.71 ? 2078 HOH A O   1 
HETATM 1642 O O   . HOH B 2 .   ? 1.841   15.474  -6.656  1.00 36.82 ? 2079 HOH A O   1 
HETATM 1643 O O   . HOH B 2 .   ? 9.747   12.729  1.926   1.00 22.23 ? 2080 HOH A O   1 
HETATM 1644 O O   . HOH B 2 .   ? 10.753  9.630   4.773   1.00 46.23 ? 2081 HOH A O   1 
HETATM 1645 O O   . HOH B 2 .   ? -1.078  2.179   -3.832  1.00 25.75 ? 2082 HOH A O   1 
HETATM 1646 O O   . HOH B 2 .   ? 11.744  2.299   2.227   1.00 42.87 ? 2083 HOH A O   1 
HETATM 1647 O O   . HOH B 2 .   ? 9.270   3.225   8.676   1.00 47.07 ? 2084 HOH A O   1 
HETATM 1648 O O   . HOH B 2 .   ? 15.103  0.226   8.742   1.00 60.95 ? 2085 HOH A O   1 
HETATM 1649 O O   . HOH B 2 .   ? 10.078  -2.871  12.452  1.00 54.93 ? 2086 HOH A O   1 
HETATM 1650 O O   . HOH B 2 .   ? 7.999   -10.478 12.000  1.00 58.38 ? 2087 HOH A O   1 
HETATM 1651 O O   . HOH B 2 .   ? 6.760   -6.797  14.991  1.00 67.77 ? 2088 HOH A O   1 
HETATM 1652 O O   . HOH B 2 .   ? 6.781   -9.179  15.137  1.00 63.30 ? 2089 HOH A O   1 
HETATM 1653 O O   . HOH B 2 .   ? 10.390  -13.362 5.093   1.00 53.38 ? 2090 HOH A O   1 
HETATM 1654 O O   . HOH B 2 .   ? 3.524   -13.633 1.829   1.00 34.06 ? 2091 HOH A O   1 
HETATM 1655 O O   . HOH B 2 .   ? 5.784   -15.959 3.847   1.00 43.87 ? 2092 HOH A O   1 
HETATM 1656 O O   . HOH B 2 .   ? -3.079  0.104   -3.948  1.00 32.35 ? 2093 HOH A O   1 
HETATM 1657 O O   . HOH B 2 .   ? -7.287  0.141   -1.795  1.00 32.91 ? 2094 HOH A O   1 
HETATM 1658 O O   . HOH B 2 .   ? -7.938  4.716   -0.308  1.00 32.62 ? 2095 HOH A O   1 
HETATM 1659 O O   . HOH B 2 .   ? -4.724  9.933   2.461   1.00 31.03 ? 2096 HOH A O   1 
HETATM 1660 O O   . HOH B 2 .   ? -6.771  10.779  -3.720  1.00 37.61 ? 2097 HOH A O   1 
HETATM 1661 O O   . HOH B 2 .   ? -8.244  6.979   -3.635  1.00 46.23 ? 2098 HOH A O   1 
HETATM 1662 O O   . HOH B 2 .   ? -2.805  6.006   -6.068  1.00 36.31 ? 2099 HOH A O   1 
HETATM 1663 O O   . HOH B 2 .   ? -5.736  12.040  -0.869  1.00 28.35 ? 2100 HOH A O   1 
HETATM 1664 O O   . HOH B 2 .   ? -12.012 8.824   1.840   1.00 41.57 ? 2101 HOH A O   1 
HETATM 1665 O O   . HOH B 2 .   ? -11.150 6.981   0.425   1.00 38.96 ? 2102 HOH A O   1 
HETATM 1666 O O   . HOH B 2 .   ? -5.615  12.756  -11.417 1.00 47.42 ? 2103 HOH A O   1 
HETATM 1667 O O   . HOH B 2 .   ? -3.137  13.931  -11.229 1.00 47.21 ? 2104 HOH A O   1 
HETATM 1668 O O   . HOH B 2 .   ? -0.069  10.775  -16.084 1.00 46.22 ? 2105 HOH A O   1 
HETATM 1669 O O   . HOH B 2 .   ? 3.537   13.485  -9.446  1.00 42.98 ? 2106 HOH A O   1 
HETATM 1670 O O   . HOH B 2 .   ? -2.638  17.601  -10.522 1.00 42.23 ? 2107 HOH A O   1 
HETATM 1671 O O   . HOH B 2 .   ? 8.500   11.747  -4.720  1.00 51.88 ? 2108 HOH A O   1 
HETATM 1672 O O   . HOH B 2 .   ? 11.760  4.088   -3.397  1.00 38.66 ? 2109 HOH A O   1 
HETATM 1673 O O   . HOH B 2 .   ? 17.386  -7.100  -3.539  1.00 56.85 ? 2110 HOH A O   1 
HETATM 1674 O O   . HOH B 2 .   ? -11.153 2.401   -12.990 1.00 46.81 ? 2111 HOH A O   1 
HETATM 1675 O O   . HOH B 2 .   ? -11.966 7.529   -10.995 1.00 56.95 ? 2112 HOH A O   1 
HETATM 1676 O O   . HOH B 2 .   ? -8.751  5.247   -12.347 1.00 37.64 ? 2113 HOH A O   1 
HETATM 1677 O O   . HOH B 2 .   ? -6.483  2.330   -18.076 1.00 46.09 ? 2114 HOH A O   1 
# 
